data_7MGZ
#
_entry.id   7MGZ
#
loop_
_entity.id
_entity.type
_entity.pdbx_description
1 polymer 'CTP synthase 1'
2 non-polymer "URIDINE 5'-TRIPHOSPHATE"
3 non-polymer GLUTAMINE
4 non-polymer 'MAGNESIUM ION'
5 non-polymer 'PHOSPHOAMINOPHOSPHONIC ACID-ADENYLATE ESTER'
#
_entity_poly.entity_id   1
_entity_poly.type   'polypeptide(L)'
_entity_poly.pdbx_seq_one_letter_code
;MKYILVTGGVISGIGKGIIASSVGTILKSCGLHVTSIKIDPYINIDAGTFSPYEHGEVFVLDDGGEVDLDLGNYERFLDI
RLTKDNNLTTGKIYQYVINKERKGDYLGKTVQVVPHITDAIQEWVMRQALIPVDEDGLEPQVCVIELGGTVGDIESMPFI
EAFRQFQFKVKRENFCNIHVSLVPQPSSTGEQKTKPTQNSVRELRGLGLSPDLVVCRCSNPLDTSVKEKISMFCHVEPEQ
VICVHDVSSIYRVPLLLEEQGVVDYFLRRLDLPIERQPRKMLMKWKEMADRYDRLLETCSIALVGKYTKFSDSYASVIKA
LEHSALAINHKLEIKYIDSADLEPITSQEEPVRYHEAWQKLCSAHGVLVPGGFGVRGTEGKIQAIAWARNQKKPFLGVCL
GMQLAVVEFSRNVLGWQDANSTEFDPTTSHPVVVDMPEHNPGQMGGTMRLGKRRTLFQTKNSVMRKLYGDADYLEERHRH
RFEVNPVWKKCLEEQGLKFVGQDVEGERMEIVELEDHPFFVGVQYHPEFLSRPIKPSPPYFGLLLASVGRLSHYLQKGCR
LSPRDTYSDRSGSSSPDSEITELKFPSINHD
;
_entity_poly.pdbx_strand_id   F,O,P,Q
#
loop_
_chem_comp.id
_chem_comp.type
_chem_comp.name
_chem_comp.formula
ANP non-polymer 'PHOSPHOAMINOPHOSPHONIC ACID-ADENYLATE ESTER' 'C10 H17 N6 O12 P3'
MG non-polymer 'MAGNESIUM ION' 'Mg 2'
UTP non-polymer 'URIDINE 5'-TRIPHOSPHATE' 'C9 H15 N2 O15 P3'
#
# COMPACT_ATOMS: atom_id res chain seq x y z
N MET A 1 -27.74 19.76 0.94
CA MET A 1 -26.71 19.81 2.00
C MET A 1 -25.36 20.06 1.40
N LYS A 2 -24.47 20.77 2.10
CA LYS A 2 -23.04 20.83 1.82
C LYS A 2 -22.29 20.08 2.90
N TYR A 3 -21.19 19.42 2.56
CA TYR A 3 -20.39 18.64 3.47
C TYR A 3 -18.94 19.04 3.34
N ILE A 4 -18.25 19.28 4.44
CA ILE A 4 -16.80 19.54 4.43
C ILE A 4 -16.11 18.49 5.27
N LEU A 5 -15.28 17.65 4.68
CA LEU A 5 -14.50 16.66 5.41
C LEU A 5 -13.12 17.22 5.74
N VAL A 6 -12.80 17.33 7.03
CA VAL A 6 -11.51 17.77 7.53
C VAL A 6 -10.74 16.54 7.98
N THR A 7 -9.64 16.22 7.32
CA THR A 7 -8.78 15.05 7.57
C THR A 7 -7.46 15.46 8.19
N GLY A 8 -6.88 14.62 9.03
CA GLY A 8 -5.60 14.86 9.69
C GLY A 8 -4.44 14.13 9.04
N GLY A 9 -3.30 14.79 8.95
CA GLY A 9 -2.23 14.36 8.10
C GLY A 9 -1.18 13.46 8.72
N VAL A 10 -0.46 13.98 9.71
CA VAL A 10 0.83 13.42 10.14
C VAL A 10 0.83 13.05 11.63
N ILE A 11 0.17 13.86 12.45
CA ILE A 11 -0.08 13.70 13.89
C ILE A 11 -1.53 14.10 14.19
N SER A 12 -2.11 13.55 15.25
CA SER A 12 -3.32 14.10 15.89
C SER A 12 -2.95 14.99 17.07
N GLY A 13 -3.80 15.95 17.39
CA GLY A 13 -3.43 17.03 18.31
C GLY A 13 -2.70 18.15 17.58
N ILE A 14 -3.06 18.35 16.30
CA ILE A 14 -2.43 19.26 15.35
C ILE A 14 -3.16 20.61 15.26
N GLY A 15 -4.39 20.71 15.75
CA GLY A 15 -5.26 21.88 15.61
C GLY A 15 -6.40 21.65 14.63
N LYS A 16 -6.55 20.44 14.11
CA LYS A 16 -7.55 20.06 13.12
C LYS A 16 -8.97 20.32 13.60
N GLY A 17 -9.25 20.20 14.88
CA GLY A 17 -10.50 20.60 15.52
C GLY A 17 -10.74 22.11 15.66
N ILE A 18 -9.69 22.93 15.68
CA ILE A 18 -9.78 24.39 15.55
C ILE A 18 -9.94 24.81 14.10
N ILE A 19 -9.34 24.13 13.12
CA ILE A 19 -9.63 24.36 11.69
C ILE A 19 -11.09 24.03 11.38
N ALA A 20 -11.60 22.89 11.81
CA ALA A 20 -12.99 22.49 11.63
C ALA A 20 -13.97 23.49 12.27
N SER A 21 -13.63 24.03 13.43
CA SER A 21 -14.41 25.07 14.09
C SER A 21 -14.30 26.41 13.38
N SER A 22 -13.12 26.77 12.90
CA SER A 22 -12.87 28.03 12.20
C SER A 22 -13.59 28.09 10.87
N VAL A 23 -13.57 27.00 10.11
CA VAL A 23 -14.36 26.84 8.90
C VAL A 23 -15.84 26.98 9.22
N GLY A 24 -16.32 26.35 10.29
CA GLY A 24 -17.68 26.57 10.77
C GLY A 24 -18.01 28.00 11.14
N THR A 25 -17.10 28.82 11.70
CA THR A 25 -17.34 30.26 11.93
C THR A 25 -17.30 31.11 10.67
N ILE A 26 -16.51 30.73 9.68
CA ILE A 26 -16.48 31.41 8.39
C ILE A 26 -17.79 31.21 7.65
N LEU A 27 -18.34 30.01 7.66
CA LEU A 27 -19.61 29.70 7.01
C LEU A 27 -20.80 30.29 7.76
N LYS A 28 -20.77 30.28 9.10
CA LYS A 28 -21.66 31.04 9.99
C LYS A 28 -21.63 32.54 9.68
N SER A 29 -20.46 33.09 9.36
CA SER A 29 -20.30 34.49 8.98
C SER A 29 -20.82 34.80 7.57
N CYS A 30 -20.85 33.82 6.67
CA CYS A 30 -21.60 33.91 5.40
C CYS A 30 -23.12 33.71 5.57
N GLY A 31 -23.65 33.74 6.79
CA GLY A 31 -25.07 33.60 7.10
C GLY A 31 -25.65 32.19 7.02
N LEU A 32 -24.81 31.18 6.76
CA LEU A 32 -25.23 29.78 6.64
C LEU A 32 -25.50 29.15 8.00
N HIS A 33 -26.48 28.25 8.09
CA HIS A 33 -26.61 27.37 9.24
C HIS A 33 -25.61 26.22 9.14
N VAL A 34 -24.85 25.98 10.21
CA VAL A 34 -23.73 25.04 10.24
C VAL A 34 -23.95 24.01 11.32
N THR A 35 -23.59 22.77 11.04
CA THR A 35 -23.55 21.65 11.98
C THR A 35 -22.22 20.96 11.85
N SER A 36 -21.89 20.12 12.82
CA SER A 36 -20.64 19.37 12.82
C SER A 36 -20.85 17.94 13.26
N ILE A 37 -19.99 17.06 12.76
CA ILE A 37 -19.84 15.70 13.21
C ILE A 37 -18.37 15.49 13.54
N LYS A 38 -18.07 14.90 14.70
CA LYS A 38 -16.74 14.38 14.99
C LYS A 38 -16.80 12.89 14.80
N ILE A 39 -15.95 12.38 13.92
CA ILE A 39 -15.74 10.97 13.78
C ILE A 39 -14.53 10.63 14.63
N ASP A 40 -14.67 9.72 15.57
CA ASP A 40 -13.57 9.15 16.32
C ASP A 40 -13.40 7.70 15.89
N PRO A 41 -12.33 7.35 15.17
CA PRO A 41 -12.11 5.98 14.74
C PRO A 41 -11.96 4.94 15.86
N TYR A 42 -11.86 5.31 17.13
CA TYR A 42 -11.81 4.38 18.24
C TYR A 42 -13.10 3.56 18.41
N ILE A 43 -13.00 2.45 19.12
CA ILE A 43 -14.07 1.45 19.25
C ILE A 43 -14.97 1.71 20.46
N ASN A 44 -14.64 2.66 21.34
CA ASN A 44 -15.53 3.12 22.39
C ASN A 44 -16.84 3.66 21.84
N ILE A 45 -17.98 3.34 22.45
CA ILE A 45 -19.28 3.88 22.04
C ILE A 45 -19.37 5.37 22.38
N ASP A 46 -18.89 5.79 23.53
CA ASP A 46 -18.91 7.16 24.00
C ASP A 46 -17.64 7.49 24.80
N ALA A 47 -17.44 8.74 25.20
CA ALA A 47 -16.32 9.15 26.03
C ALA A 47 -16.52 8.86 27.52
N GLY A 48 -17.64 8.28 27.94
CA GLY A 48 -18.03 8.20 29.34
C GLY A 48 -17.18 7.28 30.21
N THR A 49 -16.40 6.38 29.62
CA THR A 49 -15.46 5.49 30.32
C THR A 49 -14.07 6.09 30.47
N PHE A 50 -13.72 7.13 29.69
CA PHE A 50 -12.34 7.61 29.59
C PHE A 50 -11.80 8.24 30.89
N SER A 51 -10.59 7.84 31.25
CA SER A 51 -9.74 8.61 32.17
C SER A 51 -9.39 9.94 31.48
N PRO A 52 -9.52 11.12 32.11
CA PRO A 52 -9.28 12.42 31.46
C PRO A 52 -7.92 12.63 30.78
N TYR A 53 -6.93 11.78 31.07
CA TYR A 53 -5.65 11.75 30.35
C TYR A 53 -5.73 11.20 28.92
N GLU A 54 -6.73 10.37 28.60
CA GLU A 54 -7.02 9.96 27.22
C GLU A 54 -7.90 11.01 26.53
N HIS A 55 -7.36 11.65 25.49
CA HIS A 55 -8.06 12.61 24.62
C HIS A 55 -8.66 13.84 25.32
N GLY A 56 -8.16 14.16 26.51
CA GLY A 56 -8.62 15.29 27.32
C GLY A 56 -9.95 15.03 28.03
N GLU A 57 -10.56 16.10 28.51
CA GLU A 57 -11.79 16.01 29.29
C GLU A 57 -13.00 15.42 28.55
N VAL A 58 -13.96 14.89 29.30
CA VAL A 58 -15.25 14.43 28.77
C VAL A 58 -16.23 15.60 28.73
N PHE A 59 -16.64 16.00 27.54
CA PHE A 59 -17.67 17.03 27.34
C PHE A 59 -19.06 16.43 27.50
N VAL A 60 -20.03 17.16 28.07
CA VAL A 60 -21.42 16.69 28.22
C VAL A 60 -22.33 17.54 27.38
N LEU A 61 -23.14 16.89 26.55
CA LEU A 61 -24.17 17.52 25.72
C LEU A 61 -25.48 17.70 26.45
N ASP A 62 -26.40 18.53 25.93
CA ASP A 62 -27.72 18.73 26.52
C ASP A 62 -28.47 17.41 26.78
N ASP A 63 -28.37 16.44 25.89
CA ASP A 63 -29.06 15.14 25.99
C ASP A 63 -28.36 14.11 26.89
N GLY A 64 -27.24 14.48 27.51
CA GLY A 64 -26.45 13.62 28.39
C GLY A 64 -25.42 12.77 27.67
N GLY A 65 -25.18 12.99 26.38
CA GLY A 65 -24.08 12.38 25.66
C GLY A 65 -22.73 12.83 26.22
N GLU A 66 -21.95 11.88 26.72
CA GLU A 66 -20.54 12.04 27.08
C GLU A 66 -19.66 11.87 25.85
N VAL A 67 -19.10 12.95 25.34
CA VAL A 67 -18.47 13.03 24.01
C VAL A 67 -17.05 13.61 24.09
N ASP A 68 -16.34 13.57 22.98
CA ASP A 68 -15.02 14.19 22.83
C ASP A 68 -15.04 15.72 23.02
N LEU A 69 -13.93 16.32 23.43
CA LEU A 69 -13.84 17.77 23.63
C LEU A 69 -13.91 18.59 22.33
N ASP A 70 -13.77 17.98 21.16
CA ASP A 70 -14.02 18.64 19.88
C ASP A 70 -15.48 19.05 19.70
N LEU A 71 -16.43 18.28 20.24
CA LEU A 71 -17.84 18.70 20.27
C LEU A 71 -18.00 19.99 21.09
N GLY A 72 -17.08 20.30 22.02
CA GLY A 72 -17.06 21.55 22.75
C GLY A 72 -16.43 22.69 21.97
N ASN A 73 -15.41 22.45 21.16
CA ASN A 73 -14.89 23.44 20.24
C ASN A 73 -15.92 23.88 19.21
N TYR A 74 -16.71 22.96 18.67
CA TYR A 74 -17.80 23.32 17.74
C TYR A 74 -18.87 24.14 18.45
N GLU A 75 -19.32 23.73 19.64
CA GLU A 75 -20.32 24.48 20.38
C GLU A 75 -19.83 25.87 20.76
N ARG A 76 -18.58 26.05 21.21
CA ARG A 76 -18.04 27.38 21.50
C ARG A 76 -17.97 28.30 20.29
N PHE A 77 -17.54 27.83 19.13
CA PHE A 77 -17.39 28.67 17.94
C PHE A 77 -18.70 28.94 17.20
N LEU A 78 -19.54 27.91 16.99
CA LEU A 78 -20.76 27.99 16.19
C LEU A 78 -22.00 28.39 17.03
N ASP A 79 -21.89 28.35 18.36
CA ASP A 79 -22.98 28.48 19.36
C ASP A 79 -24.21 27.61 19.02
N ILE A 80 -23.93 26.34 18.78
CA ILE A 80 -24.90 25.27 18.50
C ILE A 80 -25.10 24.36 19.72
N ARG A 81 -26.05 23.43 19.62
CA ARG A 81 -26.42 22.49 20.67
C ARG A 81 -26.42 21.08 20.08
N LEU A 82 -25.25 20.47 20.00
CA LEU A 82 -25.06 19.15 19.37
C LEU A 82 -25.72 18.04 20.18
N THR A 83 -26.01 16.92 19.53
CA THR A 83 -26.63 15.73 20.13
C THR A 83 -25.63 14.58 20.19
N LYS A 84 -25.90 13.55 20.98
CA LYS A 84 -25.05 12.37 21.21
C LYS A 84 -24.45 11.80 19.93
N ASP A 85 -25.23 11.74 18.87
CA ASP A 85 -24.90 11.13 17.58
C ASP A 85 -24.14 12.04 16.62
N ASN A 86 -23.90 13.30 16.95
CA ASN A 86 -22.87 14.11 16.30
C ASN A 86 -21.47 13.66 16.66
N ASN A 87 -21.29 12.78 17.65
CA ASN A 87 -20.07 12.01 17.79
C ASN A 87 -20.34 10.61 17.24
N LEU A 88 -19.66 10.26 16.17
CA LEU A 88 -19.76 9.01 15.43
C LEU A 88 -18.49 8.21 15.70
N THR A 89 -18.57 6.93 16.03
CA THR A 89 -17.38 6.11 16.36
C THR A 89 -17.43 4.77 15.63
N THR A 90 -16.32 4.06 15.48
CA THR A 90 -16.40 2.68 14.94
C THR A 90 -17.16 1.76 15.88
N GLY A 91 -17.14 2.00 17.18
CA GLY A 91 -18.04 1.36 18.13
C GLY A 91 -19.50 1.56 17.79
N LYS A 92 -19.97 2.80 17.65
CA LYS A 92 -21.36 3.12 17.33
C LYS A 92 -21.78 2.58 15.96
N ILE A 93 -20.89 2.63 14.97
CA ILE A 93 -21.15 2.12 13.62
C ILE A 93 -21.19 0.61 13.58
N TYR A 94 -20.20 -0.10 14.12
CA TYR A 94 -20.24 -1.56 14.13
C TYR A 94 -21.36 -2.06 15.02
N GLN A 95 -21.68 -1.44 16.16
CA GLN A 95 -22.85 -1.82 16.96
C GLN A 95 -24.15 -1.63 16.16
N TYR A 96 -24.30 -0.52 15.44
CA TYR A 96 -25.47 -0.26 14.62
C TYR A 96 -25.64 -1.28 13.50
N VAL A 97 -24.59 -1.54 12.72
CA VAL A 97 -24.61 -2.58 11.67
C VAL A 97 -24.81 -3.98 12.23
N ILE A 98 -24.23 -4.31 13.39
CA ILE A 98 -24.38 -5.62 14.04
C ILE A 98 -25.81 -5.84 14.52
N ASN A 99 -26.44 -4.87 15.18
CA ASN A 99 -27.84 -4.98 15.58
C ASN A 99 -28.77 -5.10 14.37
N LYS A 100 -28.49 -4.37 13.30
CA LYS A 100 -29.25 -4.40 12.04
C LYS A 100 -29.13 -5.76 11.34
N GLU A 101 -27.98 -6.44 11.45
CA GLU A 101 -27.80 -7.82 10.99
C GLU A 101 -28.54 -8.85 11.84
N ARG A 102 -28.49 -8.76 13.17
CA ARG A 102 -29.25 -9.65 14.07
C ARG A 102 -30.77 -9.51 13.92
N LYS A 103 -31.28 -8.32 13.62
CA LYS A 103 -32.68 -8.04 13.29
C LYS A 103 -33.10 -8.53 11.89
N GLY A 104 -32.13 -8.93 11.06
CA GLY A 104 -32.36 -9.47 9.73
C GLY A 104 -32.54 -8.43 8.62
N ASP A 105 -32.27 -7.15 8.89
CA ASP A 105 -32.59 -6.07 7.94
C ASP A 105 -31.74 -6.07 6.67
N TYR A 106 -30.61 -6.79 6.65
CA TYR A 106 -29.79 -7.01 5.46
C TYR A 106 -30.23 -8.19 4.59
N LEU A 107 -31.44 -8.71 4.83
CA LEU A 107 -32.18 -9.63 3.95
C LEU A 107 -31.40 -10.90 3.57
N GLY A 108 -30.71 -11.48 4.54
CA GLY A 108 -29.97 -12.73 4.39
C GLY A 108 -28.74 -12.65 3.48
N LYS A 109 -28.30 -11.46 3.07
CA LYS A 109 -27.03 -11.23 2.36
C LYS A 109 -25.88 -11.08 3.35
N THR A 110 -24.65 -11.34 2.91
CA THR A 110 -23.47 -11.14 3.74
C THR A 110 -23.18 -9.66 3.95
N VAL A 111 -22.94 -9.26 5.19
CA VAL A 111 -22.62 -7.88 5.55
C VAL A 111 -21.11 -7.72 5.63
N GLN A 112 -20.58 -6.62 5.11
CA GLN A 112 -19.17 -6.41 4.85
C GLN A 112 -18.72 -5.01 5.27
N VAL A 113 -17.43 -4.71 5.25
CA VAL A 113 -16.99 -3.32 5.43
C VAL A 113 -17.44 -2.50 4.22
N VAL A 114 -17.18 -2.97 3.00
CA VAL A 114 -17.85 -2.44 1.80
C VAL A 114 -18.84 -3.48 1.27
N PRO A 115 -20.12 -3.14 1.03
CA PRO A 115 -20.71 -1.82 1.21
C PRO A 115 -21.20 -1.51 2.63
N HIS A 116 -21.60 -2.47 3.45
CA HIS A 116 -22.56 -2.27 4.53
C HIS A 116 -22.14 -1.36 5.68
N ILE A 117 -20.88 -1.42 6.12
CA ILE A 117 -20.35 -0.47 7.11
C ILE A 117 -20.20 0.90 6.48
N THR A 118 -19.63 0.99 5.27
CA THR A 118 -19.44 2.28 4.60
C THR A 118 -20.76 2.95 4.21
N ASP A 119 -21.81 2.21 3.90
CA ASP A 119 -23.17 2.69 3.72
C ASP A 119 -23.75 3.24 5.02
N ALA A 120 -23.60 2.53 6.14
CA ALA A 120 -24.07 3.00 7.43
C ALA A 120 -23.40 4.31 7.86
N ILE A 121 -22.11 4.50 7.56
CA ILE A 121 -21.39 5.77 7.78
C ILE A 121 -22.01 6.89 6.97
N GLN A 122 -22.32 6.67 5.69
CA GLN A 122 -22.95 7.68 4.83
C GLN A 122 -24.40 7.97 5.22
N GLU A 123 -25.22 6.97 5.55
CA GLU A 123 -26.55 7.16 6.14
C GLU A 123 -26.48 8.03 7.37
N TRP A 124 -25.58 7.73 8.31
CA TRP A 124 -25.45 8.42 9.59
C TRP A 124 -25.05 9.87 9.42
N VAL A 125 -24.06 10.13 8.57
CA VAL A 125 -23.65 11.49 8.23
C VAL A 125 -24.82 12.27 7.63
N MET A 126 -25.59 11.72 6.68
CA MET A 126 -26.75 12.42 6.12
C MET A 126 -27.86 12.65 7.14
N ARG A 127 -28.18 11.64 7.95
CA ARG A 127 -29.18 11.67 9.02
C ARG A 127 -28.89 12.76 10.05
N GLN A 128 -27.65 12.86 10.53
CA GLN A 128 -27.23 13.87 11.50
C GLN A 128 -27.08 15.25 10.89
N ALA A 129 -26.63 15.36 9.65
CA ALA A 129 -26.47 16.65 8.98
C ALA A 129 -27.79 17.41 8.80
N LEU A 130 -28.94 16.75 8.88
CA LEU A 130 -30.28 17.36 8.78
C LEU A 130 -30.93 17.72 10.13
N ILE A 131 -30.37 17.34 11.27
CA ILE A 131 -30.92 17.66 12.59
C ILE A 131 -30.66 19.13 12.96
N PRO A 132 -31.65 19.90 13.40
CA PRO A 132 -31.43 21.29 13.81
C PRO A 132 -30.58 21.40 15.09
N VAL A 133 -29.49 22.17 15.03
CA VAL A 133 -28.58 22.39 16.18
C VAL A 133 -28.41 23.85 16.57
N ASP A 134 -28.84 24.79 15.74
CA ASP A 134 -29.04 26.21 16.08
C ASP A 134 -30.16 26.42 17.11
N GLU A 135 -30.37 27.66 17.55
CA GLU A 135 -31.44 28.04 18.48
C GLU A 135 -32.84 27.92 17.85
N ASP A 136 -33.00 28.22 16.57
CA ASP A 136 -34.21 27.96 15.78
C ASP A 136 -34.22 26.51 15.25
N GLY A 137 -35.40 25.95 14.96
CA GLY A 137 -35.54 24.64 14.33
C GLY A 137 -35.20 24.61 12.84
N LEU A 138 -34.26 25.43 12.39
CA LEU A 138 -33.84 25.50 11.01
C LEU A 138 -32.87 24.36 10.66
N GLU A 139 -33.12 23.70 9.54
CA GLU A 139 -32.26 22.64 9.00
C GLU A 139 -30.86 23.23 8.72
N PRO A 140 -29.76 22.54 9.08
CA PRO A 140 -28.44 22.93 8.63
C PRO A 140 -28.32 23.05 7.11
N GLN A 141 -27.36 23.84 6.65
CA GLN A 141 -27.04 23.99 5.24
C GLN A 141 -25.69 23.38 4.90
N VAL A 142 -24.74 23.48 5.82
CA VAL A 142 -23.42 22.85 5.72
C VAL A 142 -23.12 22.04 6.97
N CYS A 143 -22.56 20.85 6.78
CA CYS A 143 -22.09 19.96 7.81
C CYS A 143 -20.59 19.81 7.70
N VAL A 144 -19.84 20.25 8.72
CA VAL A 144 -18.40 20.00 8.81
C VAL A 144 -18.18 18.67 9.51
N ILE A 145 -17.64 17.68 8.82
CA ILE A 145 -17.22 16.42 9.39
C ILE A 145 -15.73 16.52 9.65
N GLU A 146 -15.33 16.31 10.90
CA GLU A 146 -13.92 16.17 11.20
C GLU A 146 -13.64 14.69 11.46
N LEU A 147 -12.69 14.14 10.73
CA LEU A 147 -12.19 12.81 10.96
C LEU A 147 -11.02 12.87 11.92
N GLY A 148 -11.21 12.37 13.13
CA GLY A 148 -10.20 12.25 14.15
C GLY A 148 -9.12 11.27 13.78
N GLY A 149 -7.98 11.31 14.46
CA GLY A 149 -6.84 10.50 14.07
C GLY A 149 -6.05 11.11 12.90
N THR A 150 -5.40 10.26 12.12
CA THR A 150 -4.68 10.60 10.90
C THR A 150 -5.04 9.63 9.78
N VAL A 151 -4.88 10.04 8.54
CA VAL A 151 -5.07 9.15 7.38
C VAL A 151 -4.11 7.96 7.42
N GLY A 152 -4.55 6.77 7.01
CA GLY A 152 -3.69 5.59 6.96
C GLY A 152 -3.49 4.88 8.30
N ASP A 153 -4.07 5.37 9.39
CA ASP A 153 -4.42 4.55 10.55
C ASP A 153 -5.43 3.46 10.14
N ILE A 154 -5.25 2.20 10.56
CA ILE A 154 -6.15 1.10 10.18
C ILE A 154 -7.61 1.34 10.62
N GLU A 155 -7.84 2.02 11.75
CA GLU A 155 -9.17 2.38 12.22
C GLU A 155 -9.88 3.42 11.34
N SER A 156 -9.12 4.28 10.67
CA SER A 156 -9.64 5.39 9.86
C SER A 156 -10.15 4.95 8.49
N MET A 157 -9.67 3.82 7.97
CA MET A 157 -9.90 3.43 6.58
C MET A 157 -11.36 3.18 6.21
N PRO A 158 -12.24 2.59 7.05
CA PRO A 158 -13.66 2.55 6.77
C PRO A 158 -14.26 3.93 6.49
N PHE A 159 -13.84 5.00 7.18
CA PHE A 159 -14.37 6.34 6.94
C PHE A 159 -13.78 6.97 5.71
N ILE A 160 -12.49 6.84 5.44
CA ILE A 160 -11.92 7.33 4.18
C ILE A 160 -12.58 6.62 2.99
N GLU A 161 -12.84 5.31 3.08
CA GLU A 161 -13.52 4.56 2.03
C GLU A 161 -15.00 4.95 1.90
N ALA A 162 -15.69 5.27 2.99
CA ALA A 162 -17.04 5.81 2.96
C ALA A 162 -17.09 7.20 2.32
N PHE A 163 -16.15 8.10 2.61
CA PHE A 163 -16.13 9.40 1.95
C PHE A 163 -15.65 9.34 0.50
N ARG A 164 -14.86 8.33 0.11
CA ARG A 164 -14.50 8.05 -1.28
C ARG A 164 -15.72 7.70 -2.11
N GLN A 165 -16.66 6.95 -1.54
CA GLN A 165 -17.94 6.68 -2.18
C GLN A 165 -18.87 7.89 -2.13
N PHE A 166 -18.95 8.58 -0.99
CA PHE A 166 -19.83 9.72 -0.77
C PHE A 166 -19.62 10.88 -1.75
N GLN A 167 -18.37 11.17 -2.12
CA GLN A 167 -18.03 12.27 -3.02
C GLN A 167 -18.58 12.09 -4.44
N PHE A 168 -19.11 10.91 -4.75
CA PHE A 168 -19.85 10.58 -5.98
C PHE A 168 -21.35 10.27 -5.75
N LYS A 169 -21.78 9.96 -4.52
CA LYS A 169 -23.19 9.90 -4.12
C LYS A 169 -23.84 11.28 -4.16
N VAL A 170 -23.07 12.34 -3.93
CA VAL A 170 -23.51 13.74 -4.00
C VAL A 170 -22.72 14.51 -5.06
N LYS A 171 -23.34 15.50 -5.68
CA LYS A 171 -22.72 16.33 -6.73
C LYS A 171 -21.57 17.17 -6.17
N ARG A 172 -20.59 17.51 -7.01
CA ARG A 172 -19.31 18.07 -6.55
C ARG A 172 -19.46 19.36 -5.77
N GLU A 173 -20.40 20.21 -6.16
CA GLU A 173 -20.76 21.41 -5.42
C GLU A 173 -21.17 21.17 -3.96
N ASN A 174 -21.50 19.94 -3.56
CA ASN A 174 -21.99 19.61 -2.24
C ASN A 174 -20.95 18.96 -1.34
N PHE A 175 -19.79 18.53 -1.83
CA PHE A 175 -18.77 17.88 -1.02
C PHE A 175 -17.39 18.44 -1.31
N CYS A 176 -16.65 18.73 -0.25
CA CYS A 176 -15.31 19.32 -0.29
C CYS A 176 -14.43 18.73 0.82
N ASN A 177 -13.14 18.56 0.60
CA ASN A 177 -12.25 17.96 1.58
C ASN A 177 -11.05 18.88 1.88
N ILE A 178 -10.83 19.16 3.15
CA ILE A 178 -9.67 19.89 3.68
C ILE A 178 -8.74 18.89 4.33
N HIS A 179 -7.45 18.94 4.02
CA HIS A 179 -6.47 18.11 4.72
C HIS A 179 -5.52 18.96 5.55
N VAL A 180 -5.46 18.69 6.85
CA VAL A 180 -4.65 19.42 7.83
C VAL A 180 -3.42 18.58 8.14
N SER A 181 -2.24 19.09 7.81
CA SER A 181 -0.99 18.34 7.89
C SER A 181 0.11 19.13 8.57
N LEU A 182 1.10 18.47 9.15
CA LEU A 182 2.24 19.11 9.78
C LEU A 182 3.33 19.42 8.75
N VAL A 183 3.89 20.61 8.82
CA VAL A 183 5.16 20.95 8.18
C VAL A 183 6.19 21.21 9.29
N PRO A 184 6.97 20.21 9.71
CA PRO A 184 7.97 20.39 10.75
C PRO A 184 9.13 21.29 10.29
N GLN A 185 9.80 21.92 11.24
CA GLN A 185 10.97 22.77 11.03
C GLN A 185 12.04 22.51 12.12
N PRO A 186 12.87 21.48 11.98
CA PRO A 186 13.86 21.09 12.98
C PRO A 186 14.93 22.17 13.25
N SER A 187 15.33 22.28 14.52
CA SER A 187 16.29 23.28 14.98
C SER A 187 17.66 23.18 14.29
N SER A 188 18.11 21.95 13.97
CA SER A 188 19.42 21.68 13.36
C SER A 188 19.60 22.23 11.93
N THR A 189 18.51 22.57 11.24
CA THR A 189 18.52 22.86 9.79
C THR A 189 17.74 24.12 9.46
N GLY A 190 16.59 24.36 10.08
CA GLY A 190 15.74 25.52 9.82
C GLY A 190 15.00 25.53 8.48
N GLU A 191 15.21 24.54 7.60
CA GLU A 191 14.25 24.26 6.53
C GLU A 191 12.92 23.83 7.14
N GLN A 192 11.81 24.39 6.65
CA GLN A 192 10.50 23.77 6.77
C GLN A 192 10.46 22.57 5.83
N LYS A 193 10.22 21.37 6.36
CA LYS A 193 10.29 20.12 5.60
C LYS A 193 8.89 19.66 5.24
N THR A 194 8.62 19.55 3.95
CA THR A 194 7.29 19.26 3.39
C THR A 194 7.03 17.81 3.11
N LYS A 195 8.04 16.95 3.12
CA LYS A 195 7.93 15.51 2.88
C LYS A 195 6.80 14.81 3.62
N PRO A 196 6.58 15.01 4.94
CA PRO A 196 5.49 14.32 5.61
C PRO A 196 4.12 14.79 5.11
N THR A 197 3.96 16.05 4.71
CA THR A 197 2.74 16.52 4.04
C THR A 197 2.59 15.91 2.65
N GLN A 198 3.65 15.76 1.88
CA GLN A 198 3.59 15.09 0.57
C GLN A 198 3.14 13.64 0.73
N ASN A 199 3.73 12.90 1.66
CA ASN A 199 3.36 11.52 1.96
C ASN A 199 1.93 11.40 2.47
N SER A 200 1.47 12.38 3.24
CA SER A 200 0.14 12.40 3.80
C SER A 200 -0.94 12.70 2.75
N VAL A 201 -0.68 13.63 1.83
CA VAL A 201 -1.53 13.88 0.68
C VAL A 201 -1.50 12.70 -0.28
N ARG A 202 -0.36 12.05 -0.46
CA ARG A 202 -0.22 10.85 -1.29
C ARG A 202 -0.96 9.65 -0.70
N GLU A 203 -1.00 9.50 0.62
CA GLU A 203 -1.85 8.53 1.30
C GLU A 203 -3.35 8.85 1.14
N LEU A 204 -3.76 10.09 1.36
CA LEU A 204 -5.15 10.52 1.19
C LEU A 204 -5.59 10.34 -0.28
N ARG A 205 -4.76 10.71 -1.25
CA ARG A 205 -5.00 10.44 -2.68
C ARG A 205 -5.05 8.96 -2.99
N GLY A 206 -4.18 8.16 -2.38
CA GLY A 206 -4.16 6.72 -2.54
C GLY A 206 -5.37 5.99 -1.94
N LEU A 207 -5.99 6.56 -0.91
CA LEU A 207 -7.27 6.10 -0.37
C LEU A 207 -8.48 6.68 -1.12
N GLY A 208 -8.23 7.49 -2.14
CA GLY A 208 -9.21 7.96 -3.11
C GLY A 208 -9.87 9.30 -2.80
N LEU A 209 -9.28 10.14 -1.96
CA LEU A 209 -9.74 11.52 -1.76
C LEU A 209 -8.69 12.51 -2.29
N SER A 210 -9.08 13.48 -3.10
CA SER A 210 -8.21 14.58 -3.52
C SER A 210 -8.46 15.77 -2.61
N PRO A 211 -7.48 16.29 -1.85
CA PRO A 211 -7.70 17.41 -0.94
C PRO A 211 -7.97 18.69 -1.71
N ASP A 212 -9.12 19.28 -1.47
CA ASP A 212 -9.53 20.56 -2.04
C ASP A 212 -8.82 21.75 -1.40
N LEU A 213 -8.36 21.64 -0.16
CA LEU A 213 -7.39 22.53 0.48
C LEU A 213 -6.34 21.68 1.20
N VAL A 214 -5.09 22.11 1.16
CA VAL A 214 -4.04 21.60 2.06
C VAL A 214 -3.71 22.69 3.06
N VAL A 215 -3.97 22.42 4.32
CA VAL A 215 -3.75 23.32 5.44
C VAL A 215 -2.50 22.85 6.16
N CYS A 216 -1.39 23.52 5.89
CA CYS A 216 -0.11 23.26 6.52
C CYS A 216 -0.05 23.90 7.90
N ARG A 217 0.16 23.07 8.91
CA ARG A 217 0.35 23.47 10.30
C ARG A 217 1.83 23.54 10.59
N CYS A 218 2.34 24.70 10.92
CA CYS A 218 3.75 24.94 11.16
C CYS A 218 3.93 25.95 12.28
N SER A 219 5.09 26.03 12.93
CA SER A 219 5.24 26.96 14.05
C SER A 219 5.25 28.43 13.63
N ASN A 220 5.83 28.75 12.48
CA ASN A 220 5.89 30.09 11.88
C ASN A 220 5.65 30.01 10.37
N PRO A 221 5.24 31.11 9.69
CA PRO A 221 4.67 31.09 8.35
C PRO A 221 5.55 30.40 7.30
N LEU A 222 4.92 29.80 6.27
CA LEU A 222 5.67 29.20 5.17
C LEU A 222 6.44 30.25 4.37
N ASP A 223 7.68 29.93 4.01
CA ASP A 223 8.38 30.62 2.92
C ASP A 223 7.67 30.32 1.59
N THR A 224 7.63 31.27 0.64
CA THR A 224 6.96 31.06 -0.64
C THR A 224 7.52 29.87 -1.41
N SER A 225 8.82 29.60 -1.30
CA SER A 225 9.44 28.42 -1.90
C SER A 225 8.89 27.12 -1.35
N VAL A 226 8.64 27.07 -0.04
CA VAL A 226 8.09 25.90 0.64
C VAL A 226 6.63 25.73 0.26
N LYS A 227 5.83 26.81 0.18
CA LYS A 227 4.45 26.76 -0.32
C LYS A 227 4.39 26.34 -1.79
N GLU A 228 5.28 26.79 -2.66
CA GLU A 228 5.37 26.32 -4.04
C GLU A 228 5.81 24.84 -4.14
N LYS A 229 6.74 24.38 -3.30
CA LYS A 229 7.13 22.96 -3.28
C LYS A 229 5.94 22.08 -2.91
N ILE A 230 5.13 22.47 -1.94
CA ILE A 230 3.91 21.73 -1.58
C ILE A 230 3.01 21.63 -2.80
N SER A 231 2.79 22.72 -3.52
CA SER A 231 1.99 22.74 -4.74
C SER A 231 2.46 21.77 -5.82
N MET A 232 3.76 21.72 -6.12
CA MET A 232 4.32 20.79 -7.11
C MET A 232 4.02 19.33 -6.77
N PHE A 233 4.41 18.90 -5.56
CA PHE A 233 4.37 17.49 -5.14
C PHE A 233 2.99 17.03 -4.63
N CYS A 234 2.18 17.90 -4.05
CA CYS A 234 0.81 17.61 -3.57
C CYS A 234 -0.26 17.83 -4.65
N HIS A 235 0.13 18.30 -5.84
CA HIS A 235 -0.74 18.48 -7.00
C HIS A 235 -1.95 19.41 -6.71
N VAL A 236 -1.65 20.55 -6.11
CA VAL A 236 -2.60 21.53 -5.58
C VAL A 236 -2.15 22.95 -5.97
N GLU A 237 -3.05 23.81 -6.40
CA GLU A 237 -2.74 25.16 -6.91
C GLU A 237 -2.18 26.09 -5.80
N PRO A 238 -1.22 27.00 -6.05
CA PRO A 238 -0.61 27.82 -5.00
C PRO A 238 -1.54 28.54 -4.01
N GLU A 239 -2.71 29.04 -4.44
CA GLU A 239 -3.70 29.69 -3.58
C GLU A 239 -4.53 28.70 -2.74
N GLN A 240 -4.38 27.41 -3.04
CA GLN A 240 -5.08 26.28 -2.46
C GLN A 240 -4.26 25.57 -1.35
N VAL A 241 -3.05 26.04 -1.09
CA VAL A 241 -2.20 25.70 0.08
C VAL A 241 -2.25 26.83 1.09
N ILE A 242 -2.68 26.52 2.30
CA ILE A 242 -2.88 27.46 3.42
C ILE A 242 -1.82 27.19 4.48
N CYS A 243 -1.19 28.19 5.08
CA CYS A 243 -0.48 27.98 6.34
C CYS A 243 -1.27 28.51 7.51
N VAL A 244 -1.40 27.69 8.53
CA VAL A 244 -1.92 28.08 9.83
C VAL A 244 -0.78 27.97 10.83
N HIS A 245 -0.05 29.07 10.97
CA HIS A 245 1.06 29.18 11.90
C HIS A 245 0.59 29.29 13.35
N ASP A 246 1.46 29.18 14.34
CA ASP A 246 1.08 29.39 15.74
C ASP A 246 0.60 30.83 15.96
N VAL A 247 -0.64 31.01 16.42
CA VAL A 247 -1.25 32.33 16.72
C VAL A 247 -1.32 32.61 18.22
N SER A 248 -1.52 33.88 18.60
CA SER A 248 -1.59 34.32 20.00
C SER A 248 -2.81 33.78 20.76
N SER A 249 -3.96 33.64 20.10
CA SER A 249 -5.13 32.91 20.58
C SER A 249 -5.91 32.30 19.42
N ILE A 250 -6.74 31.29 19.67
CA ILE A 250 -7.48 30.60 18.62
C ILE A 250 -8.46 31.48 17.86
N TYR A 251 -8.83 32.64 18.40
CA TYR A 251 -9.69 33.62 17.73
C TYR A 251 -9.04 34.22 16.49
N ARG A 252 -7.72 34.16 16.37
CA ARG A 252 -6.99 34.53 15.16
C ARG A 252 -7.00 33.45 14.07
N VAL A 253 -7.42 32.21 14.32
CA VAL A 253 -7.45 31.18 13.27
C VAL A 253 -8.51 31.43 12.20
N PRO A 254 -9.77 31.79 12.48
CA PRO A 254 -10.74 32.17 11.44
C PRO A 254 -10.25 33.34 10.56
N LEU A 255 -9.54 34.28 11.16
CA LEU A 255 -8.97 35.46 10.52
C LEU A 255 -7.72 35.13 9.71
N LEU A 256 -6.90 34.19 10.18
CA LEU A 256 -5.76 33.64 9.45
C LEU A 256 -6.23 32.86 8.22
N LEU A 257 -7.26 32.03 8.33
CA LEU A 257 -7.90 31.40 7.18
C LEU A 257 -8.57 32.42 6.24
N GLU A 258 -9.14 33.51 6.73
CA GLU A 258 -9.65 34.62 5.90
C GLU A 258 -8.52 35.35 5.13
N GLU A 259 -7.38 35.68 5.75
CA GLU A 259 -6.20 36.23 5.08
C GLU A 259 -5.66 35.29 3.99
N GLN A 260 -5.54 34.00 4.32
CA GLN A 260 -5.10 32.95 3.40
C GLN A 260 -6.16 32.64 2.33
N GLY A 261 -7.37 33.16 2.48
CA GLY A 261 -8.36 33.28 1.42
C GLY A 261 -9.43 32.19 1.36
N VAL A 262 -9.64 31.37 2.39
CA VAL A 262 -10.58 30.22 2.28
C VAL A 262 -12.04 30.63 2.05
N VAL A 263 -12.48 31.82 2.49
CA VAL A 263 -13.86 32.29 2.24
C VAL A 263 -14.10 32.46 0.72
N ASP A 264 -13.18 33.11 0.02
CA ASP A 264 -13.19 33.27 -1.43
C ASP A 264 -12.99 31.94 -2.18
N TYR A 265 -12.53 30.90 -1.47
CA TYR A 265 -12.52 29.53 -1.95
C TYR A 265 -13.86 28.83 -1.78
N PHE A 266 -14.40 28.69 -0.57
CA PHE A 266 -15.66 27.98 -0.37
C PHE A 266 -16.84 28.59 -1.13
N LEU A 267 -16.88 29.90 -1.33
CA LEU A 267 -17.95 30.51 -2.09
C LEU A 267 -17.96 30.08 -3.57
N ARG A 268 -16.80 29.79 -4.18
CA ARG A 268 -16.74 29.25 -5.55
C ARG A 268 -16.71 27.73 -5.59
N ARG A 269 -16.21 27.06 -4.53
CA ARG A 269 -16.09 25.59 -4.46
C ARG A 269 -17.40 24.89 -4.09
N LEU A 270 -18.28 25.52 -3.30
CA LEU A 270 -19.50 24.90 -2.78
C LEU A 270 -20.81 25.52 -3.31
N ASP A 271 -20.76 26.33 -4.37
CA ASP A 271 -21.93 27.01 -4.98
C ASP A 271 -22.80 27.76 -3.96
N LEU A 272 -22.15 28.61 -3.15
CA LEU A 272 -22.79 29.35 -2.05
C LEU A 272 -23.24 30.76 -2.49
N PRO A 273 -24.27 31.36 -1.84
CA PRO A 273 -24.76 32.70 -2.15
C PRO A 273 -23.68 33.76 -2.29
N LYS A 280 -20.07 39.72 8.08
CA LYS A 280 -19.59 40.77 8.88
C LYS A 280 -18.96 40.17 10.15
N MET A 281 -19.44 39.03 10.60
CA MET A 281 -19.23 38.52 11.97
C MET A 281 -17.78 38.15 12.33
N LEU A 282 -16.89 38.01 11.35
CA LEU A 282 -15.45 37.90 11.58
C LEU A 282 -14.86 39.11 12.30
N MET A 283 -15.53 40.26 12.25
CA MET A 283 -15.18 41.45 13.01
C MET A 283 -15.19 41.24 14.53
N LYS A 284 -16.08 40.39 15.08
CA LYS A 284 -16.10 40.13 16.52
C LYS A 284 -14.94 39.24 16.96
N TRP A 285 -14.54 38.27 16.15
CA TRP A 285 -13.30 37.53 16.34
C TRP A 285 -12.07 38.44 16.18
N LYS A 286 -12.09 39.39 15.24
CA LYS A 286 -11.05 40.42 15.07
C LYS A 286 -10.93 41.28 16.32
N GLU A 287 -12.04 41.80 16.83
CA GLU A 287 -12.04 42.61 18.04
C GLU A 287 -11.55 41.82 19.25
N MET A 288 -12.09 40.62 19.49
CA MET A 288 -11.67 39.77 20.60
C MET A 288 -10.19 39.45 20.56
N ALA A 289 -9.67 39.08 19.40
CA ALA A 289 -8.26 38.81 19.22
C ALA A 289 -7.39 40.05 19.47
N ASP A 290 -7.80 41.21 18.97
CA ASP A 290 -7.11 42.46 19.22
C ASP A 290 -7.21 42.92 20.69
N ARG A 291 -8.32 42.69 21.39
CA ARG A 291 -8.41 42.94 22.84
C ARG A 291 -7.48 42.03 23.61
N TYR A 292 -7.49 40.73 23.34
CA TYR A 292 -6.65 39.75 23.99
C TYR A 292 -5.16 40.09 23.86
N ASP A 293 -4.72 40.56 22.69
CA ASP A 293 -3.35 41.03 22.49
C ASP A 293 -3.04 42.34 23.24
N ARG A 294 -4.00 43.26 23.35
CA ARG A 294 -3.86 44.54 24.07
C ARG A 294 -3.87 44.40 25.59
N LEU A 295 -4.59 43.44 26.17
CA LEU A 295 -4.76 43.34 27.63
C LEU A 295 -3.41 43.22 28.36
N LEU A 296 -3.31 43.85 29.54
CA LEU A 296 -2.00 44.18 30.13
C LEU A 296 -1.86 43.95 31.64
N GLU A 297 -2.94 43.95 32.42
CA GLU A 297 -2.88 43.66 33.85
C GLU A 297 -3.52 42.30 34.18
N THR A 298 -2.87 41.53 35.06
CA THR A 298 -3.24 40.13 35.29
C THR A 298 -4.35 39.97 36.33
N CYS A 299 -5.02 38.86 36.24
CA CYS A 299 -5.72 38.17 37.31
C CYS A 299 -5.10 36.77 37.39
N SER A 300 -5.12 36.11 38.54
CA SER A 300 -4.65 34.74 38.64
C SER A 300 -5.61 33.86 39.42
N ILE A 301 -6.01 32.75 38.82
CA ILE A 301 -6.83 31.72 39.45
C ILE A 301 -5.94 30.52 39.72
N ALA A 302 -6.02 29.98 40.93
CA ALA A 302 -5.51 28.67 41.26
C ALA A 302 -6.49 27.62 40.75
N LEU A 303 -6.06 26.75 39.83
CA LEU A 303 -6.84 25.58 39.45
C LEU A 303 -6.37 24.37 40.26
N VAL A 304 -7.20 23.93 41.18
CA VAL A 304 -6.91 22.83 42.11
C VAL A 304 -7.36 21.50 41.51
N GLY A 305 -6.60 21.10 40.51
CA GLY A 305 -6.90 19.98 39.65
C GLY A 305 -6.42 18.66 40.20
N LYS A 306 -7.17 17.60 39.92
CA LYS A 306 -6.72 16.20 40.04
C LYS A 306 -5.87 15.82 38.83
N TYR A 307 -6.38 16.11 37.64
CA TYR A 307 -5.83 15.62 36.38
C TYR A 307 -4.73 16.53 35.77
N THR A 308 -3.94 17.21 36.60
CA THR A 308 -3.09 18.35 36.21
C THR A 308 -1.89 17.99 35.31
N LYS A 309 -1.64 16.71 35.02
CA LYS A 309 -0.56 16.28 34.10
C LYS A 309 -0.63 16.97 32.73
N PHE A 310 -1.83 17.21 32.19
CA PHE A 310 -2.03 17.74 30.85
C PHE A 310 -3.05 18.88 30.81
N SER A 311 -2.80 19.92 30.01
CA SER A 311 -3.68 21.08 29.84
C SER A 311 -5.07 20.72 29.29
N ASP A 312 -5.13 19.74 28.39
CA ASP A 312 -6.34 19.34 27.68
C ASP A 312 -7.36 18.62 28.58
N SER A 313 -6.92 18.23 29.78
CA SER A 313 -7.74 17.58 30.81
C SER A 313 -8.70 18.54 31.53
N TYR A 314 -8.52 19.84 31.34
CA TYR A 314 -9.36 20.92 31.84
C TYR A 314 -9.75 21.88 30.72
N ALA A 315 -9.87 21.40 29.48
CA ALA A 315 -10.01 22.23 28.30
C ALA A 315 -11.18 23.22 28.34
N SER A 316 -12.40 22.78 28.63
CA SER A 316 -13.56 23.68 28.71
C SER A 316 -13.49 24.59 29.92
N VAL A 317 -12.84 24.18 31.00
CA VAL A 317 -12.61 25.00 32.18
C VAL A 317 -11.65 26.14 31.88
N ILE A 318 -10.56 25.84 31.19
CA ILE A 318 -9.60 26.86 30.79
C ILE A 318 -10.26 27.85 29.82
N LYS A 319 -11.06 27.37 28.86
CA LYS A 319 -11.84 28.26 28.01
C LYS A 319 -12.86 29.08 28.77
N ALA A 320 -13.58 28.55 29.74
CA ALA A 320 -14.49 29.34 30.58
C ALA A 320 -13.78 30.40 31.43
N LEU A 321 -12.57 30.12 31.93
CA LEU A 321 -11.76 31.11 32.62
C LEU A 321 -11.27 32.20 31.67
N GLU A 322 -10.83 31.84 30.46
CA GLU A 322 -10.41 32.80 29.44
C GLU A 322 -11.57 33.65 28.91
N HIS A 323 -12.78 33.12 28.80
CA HIS A 323 -13.94 33.90 28.39
C HIS A 323 -14.30 34.93 29.44
N SER A 324 -14.20 34.55 30.70
CA SER A 324 -14.48 35.41 31.84
C SER A 324 -13.41 36.48 32.00
N ALA A 325 -12.13 36.12 31.87
CA ALA A 325 -11.05 37.08 31.89
C ALA A 325 -11.09 38.08 30.74
N LEU A 326 -11.48 37.67 29.53
CA LEU A 326 -11.68 38.60 28.40
C LEU A 326 -12.91 39.49 28.60
N ALA A 327 -13.96 39.02 29.26
CA ALA A 327 -15.11 39.83 29.63
C ALA A 327 -14.80 40.86 30.74
N ILE A 328 -13.98 40.51 31.74
CA ILE A 328 -13.48 41.47 32.76
C ILE A 328 -12.20 42.20 32.35
N ASN A 329 -11.75 42.11 31.11
CA ASN A 329 -10.58 42.80 30.56
C ASN A 329 -9.31 42.64 31.42
N HIS A 330 -8.90 41.41 31.70
CA HIS A 330 -7.65 41.06 32.37
C HIS A 330 -6.91 39.96 31.61
N LYS A 331 -5.58 39.94 31.65
CA LYS A 331 -4.84 38.70 31.35
C LYS A 331 -5.18 37.68 32.44
N LEU A 332 -5.30 36.41 32.08
CA LEU A 332 -5.51 35.31 33.01
C LEU A 332 -4.24 34.48 33.16
N GLU A 333 -3.76 34.32 34.38
CA GLU A 333 -2.70 33.39 34.72
C GLU A 333 -3.29 32.24 35.54
N ILE A 334 -3.55 31.11 34.88
CA ILE A 334 -4.01 29.92 35.59
C ILE A 334 -2.79 29.29 36.25
N LYS A 335 -2.72 29.35 37.57
CA LYS A 335 -1.74 28.59 38.34
C LYS A 335 -2.25 27.16 38.47
N TYR A 336 -1.77 26.26 37.62
CA TYR A 336 -2.10 24.84 37.67
C TYR A 336 -1.44 24.17 38.89
N ILE A 337 -2.24 23.65 39.81
CA ILE A 337 -1.79 22.94 41.02
C ILE A 337 -2.28 21.50 40.93
N ASP A 338 -1.39 20.52 41.04
CA ASP A 338 -1.79 19.13 41.32
C ASP A 338 -2.22 19.06 42.77
N SER A 339 -3.50 18.81 42.99
CA SER A 339 -4.10 18.78 44.31
C SER A 339 -3.43 17.81 45.29
N ALA A 340 -2.85 16.70 44.80
CA ALA A 340 -2.11 15.78 45.67
C ALA A 340 -0.91 16.45 46.37
N ASP A 341 -0.33 17.50 45.80
CA ASP A 341 0.77 18.24 46.41
C ASP A 341 0.32 19.13 47.57
N LEU A 342 -0.96 19.51 47.66
CA LEU A 342 -1.51 20.22 48.83
C LEU A 342 -1.75 19.31 50.03
N GLU A 343 -1.72 17.99 49.86
CA GLU A 343 -1.99 16.99 50.89
C GLU A 343 -0.89 16.97 51.96
N PRO A 344 -1.20 16.94 53.27
CA PRO A 344 -0.18 17.02 54.31
C PRO A 344 0.77 15.81 54.33
N ILE A 345 0.40 14.70 53.67
CA ILE A 345 1.28 13.53 53.47
C ILE A 345 2.42 13.86 52.51
N THR A 346 2.22 14.70 51.49
CA THR A 346 3.30 15.14 50.58
C THR A 346 4.38 15.90 51.34
N SER A 347 4.01 16.71 52.35
CA SER A 347 4.95 17.50 53.15
C SER A 347 5.98 16.64 53.91
N GLN A 348 5.65 15.36 54.17
CA GLN A 348 6.51 14.42 54.89
C GLN A 348 7.65 13.84 54.03
N GLU A 349 7.57 13.94 52.69
CA GLU A 349 8.49 13.22 51.79
C GLU A 349 8.82 13.92 50.45
N GLU A 350 7.97 14.83 50.00
CA GLU A 350 8.13 15.65 48.80
C GLU A 350 7.92 17.14 49.14
N PRO A 351 8.65 17.71 50.11
CA PRO A 351 8.33 19.02 50.65
C PRO A 351 8.50 20.14 49.63
N VAL A 352 9.39 20.00 48.64
CA VAL A 352 9.50 20.99 47.56
C VAL A 352 8.25 21.03 46.69
N ARG A 353 7.57 19.91 46.44
CA ARG A 353 6.25 19.91 45.80
C ARG A 353 5.20 20.55 46.71
N TYR A 354 5.17 20.20 47.99
CA TYR A 354 4.21 20.78 48.94
C TYR A 354 4.33 22.31 49.00
N HIS A 355 5.53 22.85 49.20
CA HIS A 355 5.71 24.29 49.26
C HIS A 355 5.52 24.98 47.91
N GLU A 356 5.86 24.38 46.77
CA GLU A 356 5.52 24.95 45.45
C GLU A 356 4.00 25.10 45.26
N ALA A 357 3.23 24.06 45.57
CA ALA A 357 1.78 24.06 45.47
C ALA A 357 1.14 25.13 46.38
N TRP A 358 1.60 25.23 47.62
CA TRP A 358 1.11 26.24 48.55
C TRP A 358 1.57 27.66 48.22
N GLN A 359 2.76 27.85 47.65
CA GLN A 359 3.19 29.15 47.14
C GLN A 359 2.27 29.61 45.99
N LYS A 360 1.95 28.71 45.05
CA LYS A 360 0.99 28.94 43.96
C LYS A 360 -0.41 29.23 44.48
N LEU A 361 -0.93 28.45 45.42
CA LEU A 361 -2.27 28.62 45.95
C LEU A 361 -2.44 29.93 46.74
N CYS A 362 -1.40 30.33 47.49
CA CYS A 362 -1.47 31.55 48.28
C CYS A 362 -1.30 32.82 47.44
N SER A 363 -0.50 32.77 46.38
CA SER A 363 -0.31 33.89 45.45
C SER A 363 -1.43 34.03 44.39
N ALA A 364 -2.37 33.09 44.32
CA ALA A 364 -3.58 33.23 43.51
C ALA A 364 -4.57 34.25 44.08
N HIS A 365 -5.26 34.98 43.20
CA HIS A 365 -6.28 35.98 43.55
C HIS A 365 -7.64 35.35 43.83
N GLY A 366 -7.91 34.16 43.33
CA GLY A 366 -9.10 33.35 43.59
C GLY A 366 -8.81 31.90 43.24
N VAL A 367 -9.69 30.97 43.63
CA VAL A 367 -9.45 29.54 43.46
C VAL A 367 -10.64 28.82 42.82
N LEU A 368 -10.35 27.89 41.93
CA LEU A 368 -11.32 26.98 41.31
C LEU A 368 -10.98 25.55 41.69
N VAL A 369 -11.92 24.86 42.32
CA VAL A 369 -11.86 23.41 42.51
C VAL A 369 -12.79 22.78 41.46
N PRO A 370 -12.25 22.26 40.34
CA PRO A 370 -13.03 21.67 39.28
C PRO A 370 -13.53 20.28 39.65
N GLY A 371 -14.45 19.76 38.83
CA GLY A 371 -15.02 18.42 38.96
C GLY A 371 -14.02 17.28 38.79
N GLY A 372 -14.44 16.08 39.16
CA GLY A 372 -13.67 14.85 39.03
C GLY A 372 -14.36 13.65 39.67
N PHE A 373 -13.67 12.51 39.72
CA PHE A 373 -14.15 11.25 40.28
C PHE A 373 -13.04 10.52 41.04
N GLY A 374 -13.38 9.78 42.10
CA GLY A 374 -12.47 8.91 42.86
C GLY A 374 -11.51 9.62 43.82
N VAL A 375 -11.01 8.90 44.83
CA VAL A 375 -10.31 9.48 46.00
C VAL A 375 -9.10 10.35 45.65
N ARG A 376 -8.18 9.90 44.77
CA ARG A 376 -6.85 10.51 44.62
C ARG A 376 -6.91 12.03 44.39
N GLY A 377 -6.27 12.82 45.24
CA GLY A 377 -6.28 14.29 45.16
C GLY A 377 -7.39 14.97 45.97
N THR A 378 -8.42 14.25 46.43
CA THR A 378 -9.55 14.80 47.20
C THR A 378 -9.14 15.57 48.46
N GLU A 379 -8.21 15.04 49.25
CA GLU A 379 -7.78 15.73 50.47
C GLU A 379 -7.07 17.06 50.18
N GLY A 380 -6.36 17.19 49.07
CA GLY A 380 -5.84 18.47 48.61
C GLY A 380 -6.90 19.46 48.14
N LYS A 381 -8.01 18.98 47.58
CA LYS A 381 -9.13 19.84 47.18
C LYS A 381 -9.80 20.37 48.44
N ILE A 382 -10.01 19.53 49.46
CA ILE A 382 -10.48 19.93 50.80
C ILE A 382 -9.50 20.93 51.45
N GLN A 383 -8.18 20.70 51.34
CA GLN A 383 -7.18 21.65 51.84
C GLN A 383 -7.35 23.04 51.22
N ALA A 384 -7.56 23.12 49.92
CA ALA A 384 -7.71 24.40 49.22
C ALA A 384 -9.03 25.09 49.53
N ILE A 385 -10.12 24.36 49.77
CA ILE A 385 -11.40 24.95 50.16
C ILE A 385 -11.31 25.53 51.58
N ALA A 386 -10.59 24.86 52.48
CA ALA A 386 -10.32 25.35 53.83
C ALA A 386 -9.48 26.63 53.80
N TRP A 387 -8.45 26.67 52.96
CA TRP A 387 -7.72 27.91 52.68
C TRP A 387 -8.64 29.02 52.20
N ALA A 388 -9.46 28.75 51.19
CA ALA A 388 -10.36 29.73 50.62
C ALA A 388 -11.38 30.28 51.62
N ARG A 389 -11.94 29.45 52.49
CA ARG A 389 -12.79 29.96 53.59
C ARG A 389 -12.00 30.84 54.54
N ASN A 390 -10.91 30.31 55.12
CA ASN A 390 -10.25 30.98 56.22
C ASN A 390 -9.54 32.27 55.78
N GLN A 391 -8.89 32.27 54.61
CA GLN A 391 -8.21 33.42 54.04
C GLN A 391 -9.18 34.37 53.28
N LYS A 392 -10.48 34.04 53.22
CA LYS A 392 -11.53 34.80 52.49
C LYS A 392 -11.28 34.98 50.96
N LYS A 393 -10.43 34.16 50.32
CA LYS A 393 -10.17 34.20 48.86
C LYS A 393 -11.40 33.71 48.08
N PRO A 394 -11.83 34.37 46.98
CA PRO A 394 -12.95 33.93 46.16
C PRO A 394 -12.84 32.50 45.68
N PHE A 395 -13.93 31.75 45.71
CA PHE A 395 -13.96 30.32 45.48
C PHE A 395 -15.11 29.93 44.54
N LEU A 396 -14.78 29.12 43.53
CA LEU A 396 -15.76 28.35 42.77
C LEU A 396 -15.46 26.86 42.93
N GLY A 397 -16.45 26.09 43.40
CA GLY A 397 -16.41 24.63 43.47
C GLY A 397 -17.35 24.05 42.45
N VAL A 398 -16.84 23.28 41.49
CA VAL A 398 -17.64 22.70 40.42
C VAL A 398 -17.82 21.22 40.63
N CYS A 399 -19.07 20.79 40.71
CA CYS A 399 -19.51 19.42 40.89
C CYS A 399 -18.89 18.76 42.14
N LEU A 400 -17.76 18.07 41.97
CA LEU A 400 -16.95 17.58 43.09
C LEU A 400 -16.55 18.71 44.03
N GLY A 401 -16.32 19.93 43.54
CA GLY A 401 -15.98 21.06 44.39
C GLY A 401 -17.12 21.58 45.27
N MET A 402 -18.38 21.42 44.87
CA MET A 402 -19.53 21.66 45.75
C MET A 402 -19.65 20.59 46.83
N GLN A 403 -19.50 19.32 46.44
CA GLN A 403 -19.54 18.20 47.37
C GLN A 403 -18.44 18.32 48.40
N LEU A 404 -17.22 18.62 47.99
CA LEU A 404 -16.11 18.86 48.91
C LEU A 404 -16.22 20.17 49.68
N ALA A 405 -16.97 21.18 49.23
CA ALA A 405 -17.28 22.32 50.08
C ALA A 405 -18.22 21.93 51.21
N VAL A 406 -19.21 21.07 50.95
CA VAL A 406 -20.11 20.57 51.99
C VAL A 406 -19.38 19.65 52.98
N VAL A 407 -18.43 18.84 52.50
CA VAL A 407 -17.54 18.06 53.38
C VAL A 407 -16.65 18.96 54.21
N GLU A 408 -15.97 19.94 53.62
CA GLU A 408 -15.11 20.90 54.32
C GLU A 408 -15.86 21.67 55.41
N PHE A 409 -17.02 22.22 55.08
CA PHE A 409 -17.82 22.93 56.06
C PHE A 409 -18.28 22.00 57.20
N SER A 410 -18.53 20.72 56.90
CA SER A 410 -18.79 19.73 57.94
C SER A 410 -17.55 19.50 58.83
N ARG A 411 -16.38 19.20 58.26
CA ARG A 411 -15.16 18.94 59.02
C ARG A 411 -14.69 20.12 59.88
N ASN A 412 -14.69 21.33 59.34
CA ASN A 412 -14.05 22.50 59.93
C ASN A 412 -14.99 23.65 60.34
N VAL A 413 -16.30 23.58 60.07
CA VAL A 413 -17.28 24.53 60.64
C VAL A 413 -18.24 23.84 61.60
N LEU A 414 -18.87 22.73 61.22
CA LEU A 414 -19.63 21.91 62.17
C LEU A 414 -18.73 21.12 63.13
N GLY A 415 -17.48 20.86 62.75
CA GLY A 415 -16.48 20.16 63.56
C GLY A 415 -16.56 18.63 63.51
N TRP A 416 -17.30 18.09 62.53
CA TRP A 416 -17.46 16.67 62.30
C TRP A 416 -16.21 16.08 61.62
N GLN A 417 -15.13 15.89 62.37
CA GLN A 417 -13.81 15.52 61.81
C GLN A 417 -13.78 14.21 61.00
N ASP A 418 -14.77 13.34 61.15
CA ASP A 418 -14.93 12.11 60.38
C ASP A 418 -15.73 12.30 59.06
N ALA A 419 -16.34 13.47 58.84
CA ALA A 419 -17.17 13.76 57.67
C ALA A 419 -16.43 13.60 56.34
N ASN A 420 -17.10 12.93 55.40
CA ASN A 420 -16.63 12.65 54.05
C ASN A 420 -17.83 12.40 53.13
N SER A 421 -17.57 12.43 51.83
CA SER A 421 -18.46 11.85 50.85
C SER A 421 -18.38 10.33 50.91
N THR A 422 -19.54 9.67 50.81
CA THR A 422 -19.63 8.22 50.68
C THR A 422 -19.17 7.69 49.32
N GLU A 423 -18.76 8.55 48.37
CA GLU A 423 -17.94 8.11 47.23
C GLU A 423 -16.57 7.60 47.71
N PHE A 424 -15.97 8.31 48.67
CA PHE A 424 -14.56 8.16 49.06
C PHE A 424 -14.37 7.32 50.32
N ASP A 425 -15.31 7.38 51.27
CA ASP A 425 -15.29 6.55 52.48
C ASP A 425 -16.71 6.08 52.87
N PRO A 426 -17.13 4.88 52.46
CA PRO A 426 -18.44 4.33 52.81
C PRO A 426 -18.57 3.86 54.28
N THR A 427 -17.53 3.95 55.12
CA THR A 427 -17.65 3.69 56.57
C THR A 427 -18.22 4.89 57.34
N THR A 428 -18.18 6.07 56.74
CA THR A 428 -18.34 7.39 57.37
C THR A 428 -19.60 7.54 58.21
N SER A 429 -19.48 7.94 59.48
CA SER A 429 -20.55 8.61 60.23
C SER A 429 -20.56 10.11 59.92
N HIS A 430 -21.72 10.76 60.04
CA HIS A 430 -22.04 12.01 59.33
C HIS A 430 -21.82 11.92 57.79
N PRO A 431 -22.46 10.97 57.06
CA PRO A 431 -22.36 10.80 55.61
C PRO A 431 -23.05 11.95 54.86
N VAL A 432 -22.38 13.09 54.79
CA VAL A 432 -22.97 14.34 54.30
C VAL A 432 -23.15 14.38 52.78
N VAL A 433 -22.41 13.56 52.02
CA VAL A 433 -22.64 13.34 50.58
C VAL A 433 -22.86 11.87 50.26
N VAL A 434 -23.92 11.58 49.51
CA VAL A 434 -24.52 10.25 49.32
C VAL A 434 -24.69 9.89 47.84
N ASP A 435 -24.44 8.63 47.51
CA ASP A 435 -24.82 8.04 46.23
C ASP A 435 -26.33 8.20 46.04
N MET A 436 -26.77 8.75 44.91
CA MET A 436 -28.18 9.02 44.63
C MET A 436 -28.45 9.03 43.10
N PRO A 437 -28.64 7.85 42.47
CA PRO A 437 -28.93 7.72 41.04
C PRO A 437 -30.24 8.37 40.57
N GLU A 438 -30.43 8.47 39.26
CA GLU A 438 -31.71 8.76 38.62
C GLU A 438 -32.66 7.55 38.66
N HIS A 439 -33.97 7.81 38.65
CA HIS A 439 -35.02 6.77 38.65
C HIS A 439 -36.03 6.99 37.50
N ASN A 440 -35.53 7.31 36.31
CA ASN A 440 -36.32 7.41 35.07
C ASN A 440 -36.37 6.06 34.36
N MET A 448 -27.83 8.32 36.70
CA MET A 448 -26.96 9.43 37.05
C MET A 448 -27.58 10.77 36.63
N ARG A 449 -27.59 11.77 37.51
CA ARG A 449 -28.13 13.09 37.15
C ARG A 449 -27.15 13.54 36.05
N LEU A 450 -27.41 13.17 34.80
CA LEU A 450 -26.49 13.28 33.66
C LEU A 450 -27.16 13.93 32.45
N GLY A 451 -26.50 14.92 31.85
CA GLY A 451 -27.06 15.79 30.81
C GLY A 451 -27.69 17.05 31.38
N LYS A 452 -28.50 17.74 30.59
CA LYS A 452 -29.24 18.95 30.99
C LYS A 452 -30.33 18.65 32.01
N ARG A 453 -30.44 19.47 33.05
CA ARG A 453 -31.59 19.51 33.96
C ARG A 453 -31.89 20.93 34.41
N ARG A 454 -33.14 21.18 34.79
CA ARG A 454 -33.60 22.45 35.37
C ARG A 454 -33.24 22.52 36.85
N THR A 455 -32.57 23.61 37.25
CA THR A 455 -32.42 24.04 38.64
C THR A 455 -33.38 25.20 38.90
N LEU A 456 -34.10 25.17 40.02
CA LEU A 456 -34.90 26.29 40.50
C LEU A 456 -34.16 27.01 41.63
N PHE A 457 -34.15 28.34 41.62
CA PHE A 457 -33.75 29.09 42.80
C PHE A 457 -34.82 29.01 43.91
N GLN A 458 -34.37 28.88 45.15
CA GLN A 458 -35.21 28.85 46.35
C GLN A 458 -35.18 30.16 47.17
N THR A 459 -34.61 31.23 46.61
CA THR A 459 -34.41 32.54 47.24
C THR A 459 -34.43 33.66 46.20
N LYS A 460 -34.71 34.89 46.64
CA LYS A 460 -34.63 36.11 45.82
C LYS A 460 -33.21 36.68 45.70
N ASN A 461 -32.34 36.45 46.68
CA ASN A 461 -31.22 37.36 46.97
C ASN A 461 -29.81 36.73 46.99
N SER A 462 -29.65 35.59 46.33
CA SER A 462 -28.35 34.98 46.03
C SER A 462 -27.55 35.81 45.02
N VAL A 463 -26.24 35.92 45.21
CA VAL A 463 -25.36 36.54 44.23
C VAL A 463 -25.27 35.73 42.94
N MET A 464 -25.48 34.41 43.02
CA MET A 464 -25.60 33.56 41.85
C MET A 464 -26.90 33.79 41.09
N ARG A 465 -28.03 34.02 41.76
CA ARG A 465 -29.28 34.43 41.10
C ARG A 465 -29.11 35.76 40.36
N LYS A 466 -28.41 36.72 40.95
CA LYS A 466 -28.06 37.99 40.29
C LYS A 466 -27.09 37.83 39.12
N LEU A 467 -26.08 36.98 39.23
CA LEU A 467 -25.17 36.67 38.12
C LEU A 467 -25.88 35.95 36.96
N TYR A 468 -26.82 35.05 37.24
CA TYR A 468 -27.70 34.40 36.25
C TYR A 468 -28.86 35.29 35.76
N GLY A 469 -28.85 36.61 36.03
CA GLY A 469 -29.80 37.55 35.46
C GLY A 469 -31.21 37.52 36.06
N ASP A 470 -31.37 36.97 37.26
CA ASP A 470 -32.60 37.00 38.05
C ASP A 470 -33.84 36.45 37.31
N ALA A 471 -33.66 35.34 36.60
CA ALA A 471 -34.72 34.41 36.27
C ALA A 471 -34.92 33.42 37.43
N ASP A 472 -36.11 32.87 37.64
CA ASP A 472 -36.36 31.98 38.78
C ASP A 472 -35.83 30.54 38.58
N TYR A 473 -35.34 30.23 37.40
CA TYR A 473 -34.70 28.97 37.05
C TYR A 473 -33.52 29.18 36.12
N LEU A 474 -32.69 28.14 36.03
CA LEU A 474 -31.62 27.97 35.07
C LEU A 474 -31.59 26.51 34.59
N GLU A 475 -31.13 26.28 33.37
CA GLU A 475 -30.95 24.94 32.80
C GLU A 475 -29.50 24.72 32.42
N GLU A 476 -28.87 23.71 33.02
CA GLU A 476 -27.43 23.47 33.06
C GLU A 476 -27.13 21.97 32.92
N ARG A 477 -25.88 21.59 32.62
CA ARG A 477 -25.46 20.20 32.33
C ARG A 477 -24.63 19.55 33.43
N HIS A 478 -24.92 18.29 33.74
CA HIS A 478 -24.37 17.49 34.85
C HIS A 478 -23.64 16.21 34.43
N ARG A 479 -22.65 15.73 35.20
CA ARG A 479 -22.06 14.37 35.13
C ARG A 479 -22.42 13.44 36.31
N HIS A 480 -22.58 14.00 37.50
CA HIS A 480 -22.41 13.33 38.79
C HIS A 480 -23.35 12.15 39.14
N ARG A 481 -22.91 11.36 40.14
CA ARG A 481 -23.67 10.25 40.76
C ARG A 481 -24.03 10.48 42.24
N PHE A 482 -23.46 11.49 42.89
CA PHE A 482 -23.51 11.77 44.32
C PHE A 482 -24.10 13.15 44.64
N GLU A 483 -24.71 13.31 45.80
CA GLU A 483 -25.49 14.48 46.19
C GLU A 483 -25.40 14.81 47.67
N VAL A 484 -25.74 16.04 48.05
CA VAL A 484 -25.81 16.48 49.45
C VAL A 484 -27.00 15.84 50.15
N ASN A 485 -26.76 15.20 51.30
CA ASN A 485 -27.72 14.37 52.00
C ASN A 485 -28.84 15.19 52.69
N PRO A 486 -30.14 14.99 52.39
CA PRO A 486 -31.23 15.77 52.96
C PRO A 486 -31.47 15.51 54.46
N VAL A 487 -30.91 14.45 55.03
CA VAL A 487 -30.89 14.21 56.47
C VAL A 487 -29.96 15.20 57.19
N TRP A 488 -28.88 15.65 56.54
CA TRP A 488 -27.89 16.59 57.10
C TRP A 488 -28.02 18.03 56.60
N LYS A 489 -28.80 18.27 55.55
CA LYS A 489 -29.17 19.59 55.01
C LYS A 489 -29.49 20.62 56.10
N LYS A 490 -30.42 20.33 57.02
CA LYS A 490 -30.80 21.28 58.09
C LYS A 490 -29.60 21.64 58.98
N CYS A 491 -28.76 20.67 59.34
CA CYS A 491 -27.58 20.88 60.19
C CYS A 491 -26.52 21.79 59.54
N LEU A 492 -26.49 21.86 58.22
CA LEU A 492 -25.67 22.79 57.45
C LEU A 492 -26.36 24.17 57.30
N GLU A 493 -27.69 24.19 57.13
CA GLU A 493 -28.51 25.39 56.98
C GLU A 493 -28.71 26.21 58.27
N GLU A 494 -28.70 25.59 59.46
CA GLU A 494 -28.69 26.32 60.73
C GLU A 494 -27.34 27.06 60.95
N GLN A 495 -26.31 26.70 60.19
CA GLN A 495 -25.04 27.40 60.09
C GLN A 495 -24.90 28.05 58.69
N GLY A 496 -23.69 28.45 58.29
CA GLY A 496 -23.45 29.38 57.17
C GLY A 496 -23.73 28.96 55.71
N LEU A 497 -24.05 27.70 55.38
CA LEU A 497 -24.32 27.30 53.98
C LEU A 497 -25.80 27.45 53.64
N LYS A 498 -26.11 28.18 52.57
CA LYS A 498 -27.45 28.27 51.98
C LYS A 498 -27.49 27.54 50.63
N PHE A 499 -28.28 26.49 50.53
CA PHE A 499 -28.55 25.79 49.27
C PHE A 499 -29.55 26.59 48.43
N VAL A 500 -29.06 27.64 47.76
CA VAL A 500 -29.85 28.63 47.02
C VAL A 500 -30.55 28.03 45.80
N GLY A 501 -30.00 26.97 45.21
CA GLY A 501 -30.53 26.32 44.01
C GLY A 501 -30.74 24.83 44.21
N GLN A 502 -31.88 24.30 43.78
CA GLN A 502 -32.33 22.91 43.99
C GLN A 502 -33.11 22.39 42.76
N ASP A 503 -33.33 21.08 42.66
CA ASP A 503 -34.14 20.51 41.55
C ASP A 503 -35.64 20.83 41.64
N VAL A 504 -36.42 20.51 40.61
CA VAL A 504 -37.88 20.77 40.55
C VAL A 504 -38.68 20.17 41.72
N GLU A 505 -38.28 19.02 42.27
CA GLU A 505 -38.89 18.39 43.45
C GLU A 505 -38.19 18.73 44.77
N GLY A 506 -37.06 19.45 44.74
CA GLY A 506 -36.31 19.89 45.91
C GLY A 506 -35.59 18.79 46.70
N GLU A 507 -35.41 17.61 46.11
CA GLU A 507 -34.71 16.48 46.73
C GLU A 507 -33.19 16.64 46.66
N ARG A 508 -32.67 17.36 45.65
CA ARG A 508 -31.25 17.55 45.33
C ARG A 508 -30.79 18.99 45.44
N MET A 509 -29.63 19.20 46.04
CA MET A 509 -29.00 20.52 46.15
C MET A 509 -28.10 20.77 44.92
N GLU A 510 -28.38 21.83 44.17
CA GLU A 510 -27.75 22.09 42.87
C GLU A 510 -26.81 23.30 42.91
N ILE A 511 -27.10 24.29 43.77
CA ILE A 511 -26.23 25.45 44.04
C ILE A 511 -26.18 25.69 45.54
N VAL A 512 -24.99 25.97 46.05
CA VAL A 512 -24.75 26.42 47.42
C VAL A 512 -23.95 27.72 47.44
N GLU A 513 -24.27 28.61 48.37
CA GLU A 513 -23.59 29.86 48.65
C GLU A 513 -23.31 29.95 50.16
N LEU A 514 -22.13 30.40 50.57
CA LEU A 514 -21.75 30.60 51.98
C LEU A 514 -22.00 32.05 52.41
N GLU A 515 -22.55 32.29 53.60
CA GLU A 515 -22.72 33.63 54.18
C GLU A 515 -21.37 34.26 54.57
N ASP A 516 -21.31 35.60 54.56
CA ASP A 516 -20.17 36.40 55.02
C ASP A 516 -18.80 35.97 54.46
N HIS A 517 -18.78 35.68 53.16
CA HIS A 517 -17.59 35.45 52.35
C HIS A 517 -17.68 36.22 51.02
N PRO A 518 -16.60 36.88 50.53
CA PRO A 518 -16.60 37.67 49.31
C PRO A 518 -17.26 37.02 48.10
N PHE A 519 -16.98 35.74 47.85
CA PHE A 519 -17.64 34.90 46.85
C PHE A 519 -17.23 33.46 47.12
N PHE A 520 -18.15 32.63 47.58
CA PHE A 520 -17.89 31.22 47.85
C PHE A 520 -19.14 30.47 47.46
N VAL A 521 -19.06 29.82 46.30
CA VAL A 521 -20.17 29.12 45.69
C VAL A 521 -19.77 27.73 45.27
N GLY A 522 -20.68 26.80 45.50
CA GLY A 522 -20.64 25.49 44.90
C GLY A 522 -21.76 25.39 43.88
N VAL A 523 -21.45 24.77 42.75
CA VAL A 523 -22.43 24.37 41.73
C VAL A 523 -22.29 22.88 41.50
N GLN A 524 -23.40 22.18 41.32
CA GLN A 524 -23.38 20.73 41.16
C GLN A 524 -23.20 20.31 39.70
N TYR A 525 -23.66 21.15 38.78
CA TYR A 525 -23.47 21.05 37.34
C TYR A 525 -22.08 21.54 36.91
N HIS A 526 -21.78 21.48 35.61
CA HIS A 526 -20.57 21.96 34.97
C HIS A 526 -20.88 23.23 34.16
N PRO A 527 -20.68 24.44 34.70
CA PRO A 527 -20.98 25.68 33.99
C PRO A 527 -20.15 25.89 32.72
N GLU A 528 -18.93 25.35 32.67
CA GLU A 528 -17.98 25.56 31.59
C GLU A 528 -18.46 25.12 30.21
N PHE A 529 -19.35 24.13 30.13
CA PHE A 529 -19.89 23.64 28.87
C PHE A 529 -20.79 24.64 28.15
N LEU A 530 -21.42 25.56 28.87
CA LEU A 530 -22.23 26.64 28.29
C LEU A 530 -21.50 28.00 28.18
N SER A 531 -20.20 28.07 28.48
CA SER A 531 -19.39 29.25 28.19
C SER A 531 -19.24 29.46 26.67
N ARG A 532 -19.39 30.68 26.20
CA ARG A 532 -19.26 31.07 24.79
C ARG A 532 -18.36 32.30 24.71
N PRO A 533 -17.54 32.50 23.67
CA PRO A 533 -16.48 33.51 23.68
C PRO A 533 -16.87 34.93 24.09
N ILE A 534 -18.07 35.40 23.72
CA ILE A 534 -18.63 36.71 24.12
C ILE A 534 -19.65 36.64 25.27
N LYS A 535 -19.83 35.48 25.89
CA LYS A 535 -20.80 35.22 26.97
C LYS A 535 -20.25 34.15 27.93
N PRO A 536 -19.40 34.52 28.89
CA PRO A 536 -18.87 33.58 29.87
C PRO A 536 -19.97 32.97 30.72
N SER A 537 -19.71 31.79 31.29
CA SER A 537 -20.67 31.18 32.20
C SER A 537 -20.71 31.99 33.50
N PRO A 538 -21.89 32.37 34.01
CA PRO A 538 -21.99 33.27 35.17
C PRO A 538 -21.13 32.92 36.39
N PRO A 539 -20.93 31.65 36.78
CA PRO A 539 -20.08 31.32 37.92
C PRO A 539 -18.61 31.66 37.71
N TYR A 540 -18.08 31.46 36.50
CA TYR A 540 -16.70 31.74 36.17
C TYR A 540 -16.49 33.25 36.05
N PHE A 541 -17.49 33.97 35.55
CA PHE A 541 -17.50 35.42 35.55
C PHE A 541 -17.54 35.97 36.98
N GLY A 542 -18.39 35.42 37.85
CA GLY A 542 -18.42 35.71 39.28
C GLY A 542 -17.08 35.52 40.00
N LEU A 543 -16.38 34.41 39.78
CA LEU A 543 -15.03 34.17 40.33
C LEU A 543 -14.00 35.20 39.83
N LEU A 544 -14.04 35.54 38.55
CA LEU A 544 -13.12 36.53 37.98
C LEU A 544 -13.42 37.92 38.52
N LEU A 545 -14.68 38.34 38.53
CA LEU A 545 -15.13 39.59 39.13
C LEU A 545 -14.73 39.66 40.60
N ALA A 546 -14.96 38.61 41.39
CA ALA A 546 -14.66 38.60 42.81
C ALA A 546 -13.16 38.72 43.07
N SER A 547 -12.33 37.98 42.35
CA SER A 547 -10.88 37.94 42.56
C SER A 547 -10.18 39.24 42.17
N VAL A 548 -10.71 40.01 41.23
CA VAL A 548 -10.27 41.40 40.95
C VAL A 548 -11.03 42.48 41.75
N GLY A 549 -11.93 42.09 42.64
CA GLY A 549 -12.71 42.95 43.53
C GLY A 549 -13.96 43.60 42.94
N ARG A 550 -14.19 43.46 41.63
CA ARG A 550 -15.30 44.07 40.86
C ARG A 550 -16.69 43.44 41.06
N LEU A 551 -16.82 42.31 41.75
CA LEU A 551 -18.15 41.69 41.98
C LEU A 551 -19.08 42.56 42.85
N SER A 552 -18.54 43.36 43.77
CA SER A 552 -19.33 44.29 44.55
C SER A 552 -19.88 45.43 43.69
N HIS A 553 -19.09 45.95 42.74
CA HIS A 553 -19.48 47.04 41.84
C HIS A 553 -20.52 46.61 40.79
N TYR A 554 -20.44 45.39 40.29
CA TYR A 554 -21.33 44.78 39.30
C TYR A 554 -22.77 44.63 39.79
N LEU A 555 -22.93 44.47 41.11
CA LEU A 555 -24.20 44.42 41.83
C LEU A 555 -24.53 45.81 42.36
N MET B 1 -4.94 16.16 -29.58
CA MET B 1 -4.69 14.72 -29.52
C MET B 1 -5.67 14.06 -28.60
N LYS B 2 -6.07 12.82 -28.87
CA LYS B 2 -6.76 11.92 -27.93
C LYS B 2 -5.81 10.81 -27.53
N TYR B 3 -5.89 10.34 -26.29
CA TYR B 3 -5.03 9.31 -25.74
C TYR B 3 -5.89 8.25 -25.09
N ILE B 4 -5.64 6.97 -25.38
CA ILE B 4 -6.32 5.87 -24.69
C ILE B 4 -5.27 5.01 -24.01
N LEU B 5 -5.27 4.93 -22.69
CA LEU B 5 -4.37 4.07 -21.95
C LEU B 5 -5.04 2.73 -21.65
N VAL B 6 -4.47 1.64 -22.16
CA VAL B 6 -4.91 0.28 -21.92
C VAL B 6 -3.99 -0.34 -20.89
N THR B 7 -4.51 -0.67 -19.71
CA THR B 7 -3.78 -1.25 -18.58
C THR B 7 -4.14 -2.70 -18.37
N GLY B 8 -3.22 -3.52 -17.88
CA GLY B 8 -3.44 -4.94 -17.61
C GLY B 8 -3.65 -5.23 -16.14
N GLY B 9 -4.57 -6.14 -15.85
CA GLY B 9 -5.11 -6.29 -14.52
C GLY B 9 -4.42 -7.30 -13.63
N VAL B 10 -4.45 -8.57 -14.02
CA VAL B 10 -4.21 -9.70 -13.10
C VAL B 10 -3.06 -10.60 -13.58
N ILE B 11 -2.96 -10.79 -14.90
CA ILE B 11 -1.91 -11.51 -15.64
C ILE B 11 -1.56 -10.71 -16.89
N SER B 12 -0.34 -10.86 -17.40
CA SER B 12 0.03 -10.48 -18.77
C SER B 12 -0.05 -11.69 -19.70
N GLY B 13 -0.30 -11.46 -20.98
CA GLY B 13 -0.67 -12.52 -21.91
C GLY B 13 -2.16 -12.79 -21.84
N ILE B 14 -2.95 -11.75 -21.57
CA ILE B 14 -4.39 -11.77 -21.33
C ILE B 14 -5.20 -11.42 -22.59
N GLY B 15 -4.58 -10.85 -23.62
CA GLY B 15 -5.25 -10.33 -24.81
C GLY B 15 -5.28 -8.82 -24.86
N LYS B 16 -4.64 -8.14 -23.92
CA LYS B 16 -4.61 -6.69 -23.78
C LYS B 16 -4.07 -6.00 -25.02
N GLY B 17 -3.12 -6.60 -25.73
CA GLY B 17 -2.64 -6.17 -27.03
C GLY B 17 -3.59 -6.36 -28.22
N ILE B 18 -4.53 -7.30 -28.13
CA ILE B 18 -5.64 -7.43 -29.08
C ILE B 18 -6.76 -6.44 -28.74
N ILE B 19 -7.04 -6.13 -27.47
CA ILE B 19 -7.94 -5.04 -27.10
C ILE B 19 -7.42 -3.69 -27.59
N ALA B 20 -6.14 -3.38 -27.35
CA ALA B 20 -5.50 -2.16 -27.84
C ALA B 20 -5.54 -2.04 -29.37
N SER B 21 -5.37 -3.15 -30.08
CA SER B 21 -5.49 -3.19 -31.53
C SER B 21 -6.94 -3.06 -31.99
N SER B 22 -7.87 -3.70 -31.30
CA SER B 22 -9.29 -3.66 -31.64
C SER B 22 -9.89 -2.28 -31.44
N VAL B 23 -9.54 -1.60 -30.36
CA VAL B 23 -9.87 -0.20 -30.13
C VAL B 23 -9.30 0.66 -31.24
N GLY B 24 -8.06 0.43 -31.65
CA GLY B 24 -7.48 1.09 -32.82
C GLY B 24 -8.22 0.82 -34.12
N THR B 25 -8.78 -0.37 -34.38
CA THR B 25 -9.64 -0.61 -35.57
C THR B 25 -11.02 0.02 -35.49
N ILE B 26 -11.58 0.15 -34.30
CA ILE B 26 -12.86 0.83 -34.10
C ILE B 26 -12.71 2.32 -34.38
N LEU B 27 -11.64 2.95 -33.93
CA LEU B 27 -11.38 4.37 -34.16
C LEU B 27 -10.98 4.64 -35.61
N LYS B 28 -10.19 3.76 -36.23
CA LYS B 28 -9.94 3.69 -37.68
C LYS B 28 -11.24 3.60 -38.48
N SER B 29 -12.21 2.84 -38.00
CA SER B 29 -13.53 2.70 -38.62
C SER B 29 -14.41 3.94 -38.44
N CYS B 30 -14.21 4.73 -37.40
CA CYS B 30 -14.78 6.08 -37.28
C CYS B 30 -14.04 7.14 -38.13
N GLY B 31 -13.17 6.73 -39.06
CA GLY B 31 -12.42 7.61 -39.95
C GLY B 31 -11.23 8.35 -39.34
N LEU B 32 -10.90 8.08 -38.07
CA LEU B 32 -9.81 8.74 -37.36
C LEU B 32 -8.45 8.18 -37.76
N HIS B 33 -7.42 9.01 -37.79
CA HIS B 33 -6.04 8.54 -37.86
C HIS B 33 -5.58 8.07 -36.49
N VAL B 34 -5.02 6.87 -36.39
CA VAL B 34 -4.68 6.19 -35.14
C VAL B 34 -3.21 5.84 -35.12
N THR B 35 -2.57 6.00 -33.97
CA THR B 35 -1.21 5.57 -33.69
C THR B 35 -1.21 4.79 -32.38
N SER B 36 -0.13 4.08 -32.12
CA SER B 36 0.01 3.30 -30.89
C SER B 36 1.40 3.44 -30.31
N ILE B 37 1.47 3.30 -28.99
CA ILE B 37 2.69 3.16 -28.23
C ILE B 37 2.55 1.89 -27.40
N LYS B 38 3.58 1.04 -27.39
CA LYS B 38 3.70 -0.04 -26.43
C LYS B 38 4.70 0.40 -25.40
N ILE B 39 4.29 0.44 -24.15
CA ILE B 39 5.18 0.64 -23.03
C ILE B 39 5.53 -0.74 -22.52
N ASP B 40 6.80 -1.07 -22.47
CA ASP B 40 7.30 -2.26 -21.82
C ASP B 40 8.06 -1.84 -20.57
N PRO B 41 7.55 -2.10 -19.36
CA PRO B 41 8.24 -1.73 -18.13
C PRO B 41 9.61 -2.36 -17.91
N TYR B 42 10.05 -3.32 -18.72
CA TYR B 42 11.38 -3.91 -18.62
C TYR B 42 12.51 -2.91 -18.93
N ILE B 43 13.72 -3.24 -18.50
CA ILE B 43 14.88 -2.33 -18.53
C ILE B 43 15.70 -2.51 -19.82
N ASN B 44 15.40 -3.50 -20.67
CA ASN B 44 15.98 -3.62 -22.00
C ASN B 44 15.68 -2.38 -22.85
N ILE B 45 16.65 -1.89 -23.61
CA ILE B 45 16.44 -0.75 -24.53
C ILE B 45 15.57 -1.19 -25.72
N ASP B 46 15.78 -2.37 -26.26
CA ASP B 46 15.04 -2.92 -27.39
C ASP B 46 14.87 -4.43 -27.23
N ALA B 47 14.11 -5.07 -28.12
CA ALA B 47 13.92 -6.51 -28.13
C ALA B 47 15.08 -7.28 -28.79
N GLY B 48 16.12 -6.61 -29.27
CA GLY B 48 17.14 -7.21 -30.12
C GLY B 48 18.04 -8.24 -29.45
N THR B 49 18.11 -8.25 -28.12
CA THR B 49 18.87 -9.23 -27.33
C THR B 49 18.05 -10.47 -26.97
N PHE B 50 16.72 -10.44 -27.06
CA PHE B 50 15.86 -11.47 -26.51
C PHE B 50 15.98 -12.82 -27.22
N SER B 51 16.08 -13.88 -26.44
CA SER B 51 15.78 -15.24 -26.87
C SER B 51 14.28 -15.31 -27.20
N PRO B 52 13.83 -15.85 -28.34
CA PRO B 52 12.40 -15.84 -28.73
C PRO B 52 11.40 -16.45 -27.74
N TYR B 53 11.86 -17.21 -26.74
CA TYR B 53 11.05 -17.69 -25.62
C TYR B 53 10.64 -16.60 -24.62
N GLU B 54 11.38 -15.49 -24.51
CA GLU B 54 10.97 -14.31 -23.76
C GLU B 54 10.08 -13.40 -24.62
N HIS B 55 8.82 -13.26 -24.21
CA HIS B 55 7.82 -12.36 -24.82
C HIS B 55 7.53 -12.60 -26.31
N GLY B 56 7.83 -13.80 -26.80
CA GLY B 56 7.62 -14.19 -28.19
C GLY B 56 8.66 -13.62 -29.16
N GLU B 57 8.36 -13.67 -30.43
CA GLU B 57 9.29 -13.26 -31.48
C GLU B 57 9.69 -11.77 -31.45
N VAL B 58 10.83 -11.45 -32.04
CA VAL B 58 11.29 -10.07 -32.25
C VAL B 58 10.72 -9.55 -33.56
N PHE B 59 9.85 -8.55 -33.49
CA PHE B 59 9.32 -7.86 -34.66
C PHE B 59 10.31 -6.80 -35.16
N VAL B 60 10.43 -6.60 -36.48
CA VAL B 60 11.32 -5.59 -37.07
C VAL B 60 10.50 -4.52 -37.75
N LEU B 61 10.75 -3.27 -37.41
CA LEU B 61 10.13 -2.10 -38.02
C LEU B 61 10.86 -1.63 -39.27
N ASP B 62 10.25 -0.77 -40.08
CA ASP B 62 10.88 -0.21 -41.29
C ASP B 62 12.25 0.41 -41.00
N ASP B 63 12.41 1.10 -39.88
CA ASP B 63 13.65 1.79 -39.49
C ASP B 63 14.72 0.88 -38.84
N GLY B 64 14.44 -0.41 -38.73
CA GLY B 64 15.33 -1.39 -38.12
C GLY B 64 15.20 -1.55 -36.62
N GLY B 65 14.20 -0.92 -36.01
CA GLY B 65 13.87 -1.17 -34.61
C GLY B 65 13.42 -2.60 -34.38
N GLU B 66 14.15 -3.32 -33.55
CA GLU B 66 13.79 -4.63 -33.00
C GLU B 66 12.90 -4.44 -31.77
N VAL B 67 11.62 -4.73 -31.90
CA VAL B 67 10.57 -4.36 -30.93
C VAL B 67 9.72 -5.56 -30.51
N ASP B 68 8.87 -5.36 -29.53
CA ASP B 68 7.89 -6.35 -29.08
C ASP B 68 6.88 -6.75 -30.17
N LEU B 69 6.31 -7.95 -30.10
CA LEU B 69 5.33 -8.42 -31.09
C LEU B 69 3.99 -7.67 -31.03
N ASP B 70 3.70 -6.90 -29.99
CA ASP B 70 2.53 -6.02 -29.95
C ASP B 70 2.61 -4.90 -30.98
N LEU B 71 3.81 -4.40 -31.30
CA LEU B 71 3.97 -3.46 -32.42
C LEU B 71 3.56 -4.11 -33.75
N GLY B 72 3.58 -5.44 -33.86
CA GLY B 72 3.07 -6.18 -35.01
C GLY B 72 1.57 -6.35 -35.01
N ASN B 73 0.94 -6.54 -33.85
CA ASN B 73 -0.51 -6.52 -33.74
C ASN B 73 -1.10 -5.17 -34.13
N TYR B 74 -0.48 -4.05 -33.73
CA TYR B 74 -0.93 -2.73 -34.16
C TYR B 74 -0.78 -2.55 -35.67
N GLU B 75 0.38 -2.90 -36.23
CA GLU B 75 0.59 -2.79 -37.67
C GLU B 75 -0.38 -3.67 -38.47
N ARG B 76 -0.66 -4.91 -38.07
CA ARG B 76 -1.65 -5.74 -38.75
C ARG B 76 -3.06 -5.18 -38.72
N PHE B 77 -3.54 -4.66 -37.60
CA PHE B 77 -4.90 -4.17 -37.48
C PHE B 77 -5.11 -2.76 -38.07
N LEU B 78 -4.20 -1.82 -37.80
CA LEU B 78 -4.33 -0.41 -38.18
C LEU B 78 -3.73 -0.11 -39.57
N ASP B 79 -2.95 -1.04 -40.14
CA ASP B 79 -2.10 -0.91 -41.34
C ASP B 79 -1.25 0.38 -41.33
N ILE B 80 -0.53 0.57 -40.23
CA ILE B 80 0.40 1.67 -39.99
C ILE B 80 1.85 1.19 -40.09
N ARG B 81 2.79 2.13 -40.00
CA ARG B 81 4.23 1.89 -40.12
C ARG B 81 4.91 2.55 -38.92
N LEU B 82 4.94 1.87 -37.79
CA LEU B 82 5.48 2.37 -36.53
C LEU B 82 7.00 2.54 -36.59
N THR B 83 7.54 3.38 -35.72
CA THR B 83 8.97 3.68 -35.60
C THR B 83 9.53 3.13 -34.30
N LYS B 84 10.84 3.00 -34.18
CA LYS B 84 11.57 2.45 -33.03
C LYS B 84 11.05 2.94 -31.69
N ASP B 85 10.73 4.22 -31.60
CA ASP B 85 10.30 4.91 -30.38
C ASP B 85 8.81 4.81 -30.05
N ASN B 86 7.99 4.18 -30.89
CA ASN B 86 6.68 3.69 -30.50
C ASN B 86 6.76 2.50 -29.55
N ASN B 87 7.94 1.90 -29.36
CA ASN B 87 8.19 1.06 -28.20
C ASN B 87 9.00 1.88 -27.19
N LEU B 88 8.39 2.12 -26.04
CA LEU B 88 8.91 2.92 -24.94
C LEU B 88 9.25 1.96 -23.80
N THR B 89 10.41 2.03 -23.18
CA THR B 89 10.82 1.11 -22.11
C THR B 89 11.40 1.85 -20.92
N THR B 90 11.47 1.27 -19.73
CA THR B 90 12.20 1.93 -18.63
C THR B 90 13.68 2.06 -18.93
N GLY B 91 14.27 1.16 -19.69
CA GLY B 91 15.59 1.34 -20.27
C GLY B 91 15.72 2.60 -21.10
N LYS B 92 14.87 2.79 -22.11
CA LYS B 92 14.91 3.98 -22.98
C LYS B 92 14.63 5.27 -22.22
N ILE B 93 13.72 5.24 -21.25
CA ILE B 93 13.39 6.40 -20.42
C ILE B 93 14.50 6.74 -19.44
N TYR B 94 15.02 5.80 -18.67
CA TYR B 94 16.11 6.09 -17.74
C TYR B 94 17.38 6.45 -18.51
N GLN B 95 17.70 5.82 -19.65
CA GLN B 95 18.83 6.24 -20.49
C GLN B 95 18.64 7.68 -20.99
N TYR B 96 17.45 8.05 -21.45
CA TYR B 96 17.15 9.39 -21.91
C TYR B 96 17.31 10.44 -20.80
N VAL B 97 16.70 10.23 -19.63
CA VAL B 97 16.85 11.11 -18.47
C VAL B 97 18.28 11.14 -17.95
N ILE B 98 19.02 10.04 -17.95
CA ILE B 98 20.42 9.98 -17.52
C ILE B 98 21.33 10.76 -18.45
N ASN B 99 21.22 10.61 -19.76
CA ASN B 99 21.99 11.42 -20.71
C ASN B 99 21.67 12.91 -20.60
N LYS B 100 20.40 13.27 -20.38
CA LYS B 100 19.93 14.63 -20.20
C LYS B 100 20.49 15.25 -18.90
N GLU B 101 20.69 14.48 -17.85
CA GLU B 101 21.37 14.89 -16.63
C GLU B 101 22.87 15.08 -16.81
N ARG B 102 23.58 14.17 -17.49
CA ARG B 102 25.01 14.31 -17.79
C ARG B 102 25.32 15.49 -18.69
N LYS B 103 24.42 15.85 -19.63
CA LYS B 103 24.49 17.06 -20.47
C LYS B 103 24.16 18.35 -19.73
N GLY B 104 23.65 18.25 -18.50
CA GLY B 104 23.35 19.39 -17.64
C GLY B 104 21.99 20.03 -17.88
N ASP B 105 21.10 19.42 -18.68
CA ASP B 105 19.85 20.07 -19.11
C ASP B 105 18.82 20.27 -17.99
N TYR B 106 18.97 19.59 -16.85
CA TYR B 106 18.16 19.79 -15.65
C TYR B 106 18.67 20.90 -14.72
N LEU B 107 19.59 21.74 -15.21
CA LEU B 107 20.00 23.02 -14.63
C LEU B 107 20.45 22.93 -13.16
N GLY B 108 21.24 21.90 -12.85
CA GLY B 108 21.82 21.69 -11.53
C GLY B 108 20.82 21.36 -10.42
N LYS B 109 19.56 21.07 -10.74
CA LYS B 109 18.56 20.55 -9.79
C LYS B 109 18.65 19.04 -9.69
N THR B 110 18.18 18.47 -8.58
CA THR B 110 18.13 17.02 -8.42
C THR B 110 17.07 16.39 -9.31
N VAL B 111 17.42 15.32 -10.03
CA VAL B 111 16.51 14.60 -10.90
C VAL B 111 15.94 13.40 -10.16
N GLN B 112 14.65 13.15 -10.30
CA GLN B 112 13.88 12.22 -9.48
C GLN B 112 12.95 11.36 -10.33
N VAL B 113 12.29 10.36 -9.75
CA VAL B 113 11.23 9.66 -10.48
C VAL B 113 10.06 10.61 -10.69
N VAL B 114 9.60 11.31 -9.65
CA VAL B 114 8.72 12.49 -9.80
C VAL B 114 9.50 13.76 -9.46
N PRO B 115 9.53 14.79 -10.31
CA PRO B 115 8.85 14.87 -11.60
C PRO B 115 9.62 14.25 -12.78
N HIS B 116 10.95 14.19 -12.77
CA HIS B 116 11.75 14.15 -14.01
C HIS B 116 11.61 12.94 -14.90
N ILE B 117 11.50 11.72 -14.35
CA ILE B 117 11.21 10.52 -15.11
C ILE B 117 9.77 10.55 -15.61
N THR B 118 8.82 10.91 -14.75
CA THR B 118 7.41 10.96 -15.14
C THR B 118 7.11 12.05 -16.17
N ASP B 119 7.82 13.17 -16.16
CA ASP B 119 7.80 14.20 -17.19
C ASP B 119 8.36 13.69 -18.51
N ALA B 120 9.49 12.98 -18.51
CA ALA B 120 10.05 12.40 -19.71
C ALA B 120 9.12 11.38 -20.37
N ILE B 121 8.38 10.59 -19.59
CA ILE B 121 7.35 9.68 -20.09
C ILE B 121 6.23 10.46 -20.79
N GLN B 122 5.75 11.56 -20.22
CA GLN B 122 4.70 12.38 -20.83
C GLN B 122 5.19 13.14 -22.05
N GLU B 123 6.40 13.72 -22.04
CA GLU B 123 7.04 14.30 -23.24
C GLU B 123 7.09 13.27 -24.36
N TRP B 124 7.59 12.07 -24.10
CA TRP B 124 7.79 11.00 -25.07
C TRP B 124 6.48 10.54 -25.70
N VAL B 125 5.45 10.32 -24.88
CA VAL B 125 4.12 9.98 -25.35
C VAL B 125 3.57 11.09 -26.25
N MET B 126 3.67 12.37 -25.89
CA MET B 126 3.21 13.46 -26.75
C MET B 126 4.00 13.57 -28.05
N ARG B 127 5.33 13.48 -27.98
CA ARG B 127 6.26 13.52 -29.10
C ARG B 127 5.97 12.44 -30.13
N GLN B 128 5.77 11.20 -29.69
CA GLN B 128 5.47 10.07 -30.58
C GLN B 128 4.03 10.09 -31.08
N ALA B 129 3.07 10.54 -30.29
CA ALA B 129 1.68 10.61 -30.71
C ALA B 129 1.44 11.56 -31.89
N LEU B 130 2.35 12.48 -32.19
CA LEU B 130 2.28 13.42 -33.31
C LEU B 130 3.02 12.96 -34.59
N ILE B 131 3.79 11.88 -34.57
CA ILE B 131 4.51 11.36 -35.73
C ILE B 131 3.56 10.67 -36.71
N PRO B 132 3.58 10.96 -38.02
CA PRO B 132 2.72 10.27 -38.98
C PRO B 132 3.11 8.80 -39.17
N VAL B 133 2.16 7.88 -38.98
CA VAL B 133 2.36 6.42 -39.15
C VAL B 133 1.46 5.77 -40.19
N ASP B 134 0.42 6.46 -40.65
CA ASP B 134 -0.36 6.10 -41.84
C ASP B 134 0.46 6.24 -43.14
N GLU B 135 -0.14 5.87 -44.28
CA GLU B 135 0.49 6.00 -45.60
C GLU B 135 0.66 7.45 -46.06
N ASP B 136 -0.27 8.34 -45.72
CA ASP B 136 -0.14 9.79 -45.89
C ASP B 136 0.62 10.42 -44.70
N GLY B 137 1.25 11.58 -44.89
CA GLY B 137 1.91 12.35 -43.82
C GLY B 137 0.94 13.06 -42.88
N LEU B 138 -0.24 12.50 -42.63
CA LEU B 138 -1.25 13.08 -41.76
C LEU B 138 -0.94 12.80 -40.28
N GLU B 139 -1.01 13.83 -39.45
CA GLU B 139 -0.84 13.74 -38.02
C GLU B 139 -1.90 12.79 -37.43
N PRO B 140 -1.54 11.87 -36.50
CA PRO B 140 -2.53 11.11 -35.77
C PRO B 140 -3.55 11.98 -35.04
N GLN B 141 -4.72 11.42 -34.76
CA GLN B 141 -5.77 12.07 -33.99
C GLN B 141 -5.96 11.40 -32.64
N VAL B 142 -5.80 10.09 -32.59
CA VAL B 142 -5.82 9.31 -31.35
C VAL B 142 -4.58 8.42 -31.26
N CYS B 143 -4.01 8.35 -30.07
CA CYS B 143 -2.89 7.50 -29.71
C CYS B 143 -3.34 6.48 -28.67
N VAL B 144 -3.32 5.20 -29.01
CA VAL B 144 -3.55 4.12 -28.05
C VAL B 144 -2.23 3.76 -27.40
N ILE B 145 -2.08 3.99 -26.10
CA ILE B 145 -0.95 3.55 -25.31
C ILE B 145 -1.35 2.27 -24.64
N GLU B 146 -0.61 1.20 -24.86
CA GLU B 146 -0.78 -0.01 -24.08
C GLU B 146 0.37 -0.10 -23.09
N LEU B 147 0.04 -0.23 -21.81
CA LEU B 147 1.00 -0.50 -20.78
C LEU B 147 1.12 -2.00 -20.59
N GLY B 148 2.28 -2.54 -20.96
CA GLY B 148 2.63 -3.93 -20.79
C GLY B 148 2.79 -4.31 -19.32
N GLY B 149 2.78 -5.59 -19.01
CA GLY B 149 2.78 -6.04 -17.63
C GLY B 149 1.38 -5.97 -17.00
N THR B 150 1.33 -5.78 -15.68
CA THR B 150 0.13 -5.59 -14.89
C THR B 150 0.30 -4.42 -13.94
N VAL B 151 -0.78 -3.80 -13.50
CA VAL B 151 -0.75 -2.75 -12.48
C VAL B 151 -0.16 -3.27 -11.17
N GLY B 152 0.62 -2.45 -10.45
CA GLY B 152 1.18 -2.83 -9.16
C GLY B 152 2.43 -3.71 -9.23
N ASP B 153 2.90 -4.08 -10.42
CA ASP B 153 4.30 -4.42 -10.66
C ASP B 153 5.20 -3.21 -10.35
N ILE B 154 6.31 -3.37 -9.62
CA ILE B 154 7.20 -2.25 -9.26
C ILE B 154 7.76 -1.51 -10.48
N GLU B 155 8.00 -2.20 -11.61
CA GLU B 155 8.45 -1.59 -12.86
C GLU B 155 7.39 -0.69 -13.52
N SER B 156 6.11 -0.98 -13.31
CA SER B 156 4.99 -0.28 -13.94
C SER B 156 4.67 1.07 -13.29
N MET B 157 5.05 1.27 -12.03
CA MET B 157 4.60 2.40 -11.24
C MET B 157 5.04 3.77 -11.75
N PRO B 158 6.25 3.99 -12.29
CA PRO B 158 6.58 5.22 -12.97
C PRO B 158 5.60 5.59 -14.08
N PHE B 159 5.08 4.64 -14.85
CA PHE B 159 4.12 4.92 -15.92
C PHE B 159 2.73 5.18 -15.39
N ILE B 160 2.25 4.41 -14.41
CA ILE B 160 0.96 4.72 -13.78
C ILE B 160 1.00 6.12 -13.13
N GLU B 161 2.10 6.49 -12.49
CA GLU B 161 2.27 7.82 -11.90
C GLU B 161 2.38 8.92 -12.95
N ALA B 162 3.02 8.66 -14.10
CA ALA B 162 3.04 9.57 -15.23
C ALA B 162 1.65 9.76 -15.84
N PHE B 163 0.85 8.73 -16.01
CA PHE B 163 -0.51 8.88 -16.53
C PHE B 163 -1.47 9.48 -15.50
N ARG B 164 -1.21 9.33 -14.20
CA ARG B 164 -1.94 10.02 -13.12
C ARG B 164 -1.78 11.52 -13.22
N GLN B 165 -0.58 11.99 -13.56
CA GLN B 165 -0.34 13.40 -13.83
C GLN B 165 -0.90 13.83 -15.19
N PHE B 166 -0.70 13.02 -16.23
CA PHE B 166 -1.13 13.32 -17.60
C PHE B 166 -2.63 13.58 -17.74
N GLN B 167 -3.47 12.84 -17.02
CA GLN B 167 -4.93 12.96 -17.10
C GLN B 167 -5.45 14.33 -16.62
N PHE B 168 -4.59 15.14 -16.01
CA PHE B 168 -4.82 16.54 -15.65
C PHE B 168 -3.97 17.56 -16.44
N LYS B 169 -2.87 17.14 -17.08
CA LYS B 169 -2.13 17.93 -18.07
C LYS B 169 -2.96 18.18 -19.33
N VAL B 170 -3.86 17.26 -19.68
CA VAL B 170 -4.79 17.37 -20.81
C VAL B 170 -6.25 17.32 -20.32
N LYS B 171 -7.14 18.00 -21.03
CA LYS B 171 -8.57 18.07 -20.69
C LYS B 171 -9.24 16.70 -20.83
N ARG B 172 -10.30 16.45 -20.08
CA ARG B 172 -10.86 15.11 -19.89
C ARG B 172 -11.32 14.47 -21.20
N GLU B 173 -11.86 15.26 -22.11
CA GLU B 173 -12.20 14.81 -23.46
C GLU B 173 -11.03 14.22 -24.25
N ASN B 174 -9.78 14.44 -23.85
CA ASN B 174 -8.59 14.00 -24.57
C ASN B 174 -7.92 12.77 -23.96
N PHE B 175 -8.28 12.32 -22.77
CA PHE B 175 -7.65 11.16 -22.13
C PHE B 175 -8.69 10.22 -21.54
N CYS B 176 -8.52 8.93 -21.81
CA CYS B 176 -9.42 7.86 -21.38
C CYS B 176 -8.62 6.61 -21.02
N ASN B 177 -9.05 5.83 -20.04
CA ASN B 177 -8.32 4.65 -19.60
C ASN B 177 -9.21 3.40 -19.64
N ILE B 178 -8.75 2.35 -20.31
CA ILE B 178 -9.35 1.02 -20.36
C ILE B 178 -8.54 0.10 -19.47
N HIS B 179 -9.17 -0.67 -18.59
CA HIS B 179 -8.48 -1.69 -17.82
C HIS B 179 -8.92 -3.08 -18.22
N VAL B 180 -7.98 -3.92 -18.63
CA VAL B 180 -8.21 -5.28 -19.10
C VAL B 180 -7.81 -6.23 -17.98
N SER B 181 -8.76 -6.99 -17.45
CA SER B 181 -8.58 -7.83 -16.27
C SER B 181 -9.12 -9.22 -16.46
N LEU B 182 -8.62 -10.20 -15.73
CA LEU B 182 -9.09 -11.58 -15.79
C LEU B 182 -10.28 -11.78 -14.85
N VAL B 183 -11.31 -12.46 -15.33
CA VAL B 183 -12.35 -13.05 -14.48
C VAL B 183 -12.23 -14.57 -14.58
N PRO B 184 -11.49 -15.24 -13.68
CA PRO B 184 -11.35 -16.68 -13.71
C PRO B 184 -12.67 -17.41 -13.39
N GLN B 185 -12.78 -18.64 -13.86
CA GLN B 185 -13.92 -19.53 -13.62
C GLN B 185 -13.44 -20.97 -13.35
N PRO B 186 -13.03 -21.30 -12.12
CA PRO B 186 -12.48 -22.61 -11.78
C PRO B 186 -13.47 -23.77 -11.98
N SER B 187 -12.93 -24.92 -12.42
CA SER B 187 -13.72 -26.11 -12.73
C SER B 187 -14.50 -26.66 -11.52
N SER B 188 -13.94 -26.55 -10.31
CA SER B 188 -14.52 -27.07 -9.06
C SER B 188 -15.82 -26.38 -8.62
N THR B 189 -16.13 -25.20 -9.15
CA THR B 189 -17.19 -24.32 -8.63
C THR B 189 -18.07 -23.76 -9.74
N GLY B 190 -17.50 -23.36 -10.88
CA GLY B 190 -18.23 -22.78 -12.01
C GLY B 190 -18.79 -21.38 -11.80
N GLU B 191 -18.64 -20.77 -10.61
CA GLU B 191 -18.75 -19.32 -10.47
C GLU B 191 -17.64 -18.64 -11.27
N GLN B 192 -17.97 -17.62 -12.05
CA GLN B 192 -17.01 -16.61 -12.48
C GLN B 192 -16.66 -15.74 -11.26
N LYS B 193 -15.39 -15.68 -10.89
CA LYS B 193 -14.94 -15.01 -9.67
C LYS B 193 -14.36 -13.65 -10.03
N THR B 194 -14.94 -12.59 -9.48
CA THR B 194 -14.63 -11.20 -9.82
C THR B 194 -13.62 -10.55 -8.89
N LYS B 195 -13.32 -11.15 -7.75
CA LYS B 195 -12.36 -10.64 -6.76
C LYS B 195 -11.04 -10.15 -7.34
N PRO B 196 -10.34 -10.87 -8.22
CA PRO B 196 -9.08 -10.38 -8.75
C PRO B 196 -9.26 -9.13 -9.62
N THR B 197 -10.37 -8.99 -10.33
CA THR B 197 -10.72 -7.75 -11.03
C THR B 197 -11.04 -6.62 -10.06
N GLN B 198 -11.73 -6.88 -8.96
CA GLN B 198 -11.98 -5.86 -7.93
C GLN B 198 -10.68 -5.36 -7.33
N ASN B 199 -9.77 -6.26 -6.96
CA ASN B 199 -8.46 -5.92 -6.43
C ASN B 199 -7.60 -5.17 -7.44
N SER B 200 -7.72 -5.51 -8.72
CA SER B 200 -6.96 -4.89 -9.78
C SER B 200 -7.45 -3.47 -10.11
N VAL B 201 -8.76 -3.24 -10.11
CA VAL B 201 -9.35 -1.91 -10.22
C VAL B 201 -9.05 -1.10 -8.97
N ARG B 202 -9.06 -1.70 -7.79
CA ARG B 202 -8.70 -1.03 -6.53
C ARG B 202 -7.23 -0.65 -6.47
N GLU B 203 -6.32 -1.45 -7.04
CA GLU B 203 -4.93 -1.07 -7.24
C GLU B 203 -4.77 0.07 -8.25
N LEU B 204 -5.42 0.00 -9.41
CA LEU B 204 -5.38 1.06 -10.41
C LEU B 204 -5.96 2.37 -9.86
N ARG B 205 -7.09 2.31 -9.13
CA ARG B 205 -7.65 3.47 -8.40
C ARG B 205 -6.72 3.98 -7.32
N GLY B 206 -6.05 3.09 -6.60
CA GLY B 206 -5.09 3.45 -5.58
C GLY B 206 -3.80 4.09 -6.10
N LEU B 207 -3.42 3.78 -7.33
CA LEU B 207 -2.34 4.46 -8.06
C LEU B 207 -2.82 5.73 -8.78
N GLY B 208 -4.09 6.05 -8.66
CA GLY B 208 -4.69 7.32 -9.07
C GLY B 208 -5.29 7.36 -10.47
N LEU B 209 -5.60 6.22 -11.08
CA LEU B 209 -6.36 6.16 -12.34
C LEU B 209 -7.73 5.56 -12.11
N SER B 210 -8.80 6.18 -12.58
CA SER B 210 -10.15 5.60 -12.57
C SER B 210 -10.41 4.97 -13.94
N PRO B 211 -10.67 3.66 -14.05
CA PRO B 211 -10.89 3.03 -15.34
C PRO B 211 -12.19 3.48 -15.96
N ASP B 212 -12.12 4.06 -17.15
CA ASP B 212 -13.27 4.49 -17.93
C ASP B 212 -14.00 3.33 -18.60
N LEU B 213 -13.34 2.20 -18.85
CA LEU B 213 -13.94 0.91 -19.16
C LEU B 213 -13.23 -0.17 -18.36
N VAL B 214 -13.98 -1.15 -17.88
CA VAL B 214 -13.41 -2.40 -17.36
C VAL B 214 -13.74 -3.50 -18.35
N VAL B 215 -12.71 -4.08 -18.95
CA VAL B 215 -12.80 -5.14 -19.94
C VAL B 215 -12.43 -6.43 -19.24
N CYS B 216 -13.44 -7.21 -18.90
CA CYS B 216 -13.30 -8.51 -18.27
C CYS B 216 -12.98 -9.57 -19.32
N ARG B 217 -11.85 -10.22 -19.15
CA ARG B 217 -11.38 -11.33 -19.97
C ARG B 217 -11.75 -12.63 -19.28
N CYS B 218 -12.59 -13.44 -19.90
CA CYS B 218 -13.09 -14.69 -19.34
C CYS B 218 -13.23 -15.73 -20.43
N SER B 219 -13.29 -17.03 -20.11
CA SER B 219 -13.36 -18.04 -21.17
C SER B 219 -14.70 -18.05 -21.91
N ASN B 220 -15.80 -17.79 -21.22
CA ASN B 220 -17.15 -17.70 -21.76
C ASN B 220 -17.91 -16.52 -21.11
N PRO B 221 -18.99 -15.99 -21.74
CA PRO B 221 -19.58 -14.69 -21.41
C PRO B 221 -19.98 -14.53 -19.94
N LEU B 222 -19.93 -13.30 -19.43
CA LEU B 222 -20.38 -13.03 -18.07
C LEU B 222 -21.88 -13.27 -17.89
N ASP B 223 -22.27 -13.90 -16.80
CA ASP B 223 -23.65 -13.84 -16.30
C ASP B 223 -23.98 -12.39 -15.88
N THR B 224 -25.22 -11.94 -16.06
CA THR B 224 -25.60 -10.56 -15.69
C THR B 224 -25.37 -10.26 -14.22
N SER B 225 -25.52 -11.24 -13.34
CA SER B 225 -25.21 -11.09 -11.92
C SER B 225 -23.75 -10.79 -11.66
N VAL B 226 -22.86 -11.45 -12.41
CA VAL B 226 -21.40 -11.25 -12.31
C VAL B 226 -21.02 -9.89 -12.88
N LYS B 227 -21.61 -9.47 -14.00
CA LYS B 227 -21.42 -8.12 -14.55
C LYS B 227 -21.95 -7.03 -13.60
N GLU B 228 -23.09 -7.22 -12.95
CA GLU B 228 -23.58 -6.29 -11.92
C GLU B 228 -22.70 -6.28 -10.66
N LYS B 229 -22.16 -7.42 -10.21
CA LYS B 229 -21.23 -7.45 -9.07
C LYS B 229 -19.97 -6.65 -9.38
N ILE B 230 -19.43 -6.76 -10.59
CA ILE B 230 -18.27 -5.96 -11.00
C ILE B 230 -18.62 -4.47 -10.87
N SER B 231 -19.77 -4.06 -11.37
CA SER B 231 -20.24 -2.68 -11.25
C SER B 231 -20.31 -2.14 -9.83
N MET B 232 -20.88 -2.89 -8.88
CA MET B 232 -20.96 -2.50 -7.47
C MET B 232 -19.58 -2.22 -6.86
N PHE B 233 -18.68 -3.20 -6.94
CA PHE B 233 -17.38 -3.19 -6.26
C PHE B 233 -16.29 -2.41 -7.02
N CYS B 234 -16.32 -2.36 -8.35
CA CYS B 234 -15.37 -1.59 -9.18
C CYS B 234 -15.82 -0.15 -9.44
N HIS B 235 -17.00 0.24 -8.95
CA HIS B 235 -17.52 1.61 -9.02
C HIS B 235 -17.65 2.14 -10.45
N VAL B 236 -18.23 1.31 -11.32
CA VAL B 236 -18.34 1.48 -12.77
C VAL B 236 -19.76 1.15 -13.23
N GLU B 237 -20.35 1.92 -14.12
CA GLU B 237 -21.75 1.76 -14.56
C GLU B 237 -21.97 0.46 -15.36
N PRO B 238 -23.11 -0.26 -15.27
CA PRO B 238 -23.29 -1.55 -15.95
C PRO B 238 -22.94 -1.63 -17.44
N GLU B 239 -23.18 -0.59 -18.24
CA GLU B 239 -22.83 -0.54 -19.67
C GLU B 239 -21.33 -0.28 -19.92
N GLN B 240 -20.61 0.05 -18.85
CA GLN B 240 -19.19 0.40 -18.82
C GLN B 240 -18.29 -0.79 -18.41
N VAL B 241 -18.88 -1.95 -18.13
CA VAL B 241 -18.21 -3.25 -17.96
C VAL B 241 -18.43 -4.09 -19.22
N ILE B 242 -17.36 -4.50 -19.86
CA ILE B 242 -17.32 -5.25 -21.13
C ILE B 242 -16.85 -6.67 -20.83
N CYS B 243 -17.44 -7.71 -21.41
CA CYS B 243 -16.78 -9.02 -21.46
C CYS B 243 -16.22 -9.28 -22.84
N VAL B 244 -14.97 -9.70 -22.88
CA VAL B 244 -14.33 -10.23 -24.07
C VAL B 244 -14.03 -11.69 -23.80
N HIS B 245 -14.99 -12.53 -24.16
CA HIS B 245 -14.89 -13.97 -24.02
C HIS B 245 -13.96 -14.58 -25.07
N ASP B 246 -13.59 -15.85 -24.97
CA ASP B 246 -12.80 -16.52 -26.00
C ASP B 246 -13.56 -16.57 -27.33
N VAL B 247 -13.03 -15.99 -28.40
CA VAL B 247 -13.62 -15.98 -29.75
C VAL B 247 -12.93 -16.95 -30.70
N SER B 248 -13.57 -17.28 -31.83
CA SER B 248 -13.05 -18.22 -32.83
C SER B 248 -11.81 -17.71 -33.57
N SER B 249 -11.72 -16.41 -33.83
CA SER B 249 -10.51 -15.71 -34.28
C SER B 249 -10.49 -14.28 -33.78
N ILE B 250 -9.32 -13.65 -33.75
CA ILE B 250 -9.18 -12.28 -33.22
C ILE B 250 -9.96 -11.22 -34.00
N TYR B 251 -10.38 -11.53 -35.23
CA TYR B 251 -11.22 -10.65 -36.05
C TYR B 251 -12.61 -10.43 -35.45
N ARG B 252 -13.06 -11.32 -34.58
CA ARG B 252 -14.28 -11.13 -33.80
C ARG B 252 -14.12 -10.23 -32.58
N VAL B 253 -12.92 -9.84 -32.15
CA VAL B 253 -12.78 -8.95 -30.99
C VAL B 253 -13.24 -7.52 -31.25
N PRO B 254 -12.92 -6.83 -32.38
CA PRO B 254 -13.50 -5.53 -32.69
C PRO B 254 -15.04 -5.53 -32.72
N LEU B 255 -15.62 -6.63 -33.22
CA LEU B 255 -17.06 -6.85 -33.33
C LEU B 255 -17.70 -7.18 -31.98
N LEU B 256 -17.00 -7.92 -31.11
CA LEU B 256 -17.39 -8.19 -29.74
C LEU B 256 -17.39 -6.90 -28.92
N LEU B 257 -16.37 -6.06 -29.04
CA LEU B 257 -16.37 -4.72 -28.46
C LEU B 257 -17.46 -3.80 -29.04
N GLU B 258 -17.79 -3.90 -30.33
CA GLU B 258 -18.93 -3.20 -30.95
C GLU B 258 -20.29 -3.68 -30.38
N GLU B 259 -20.55 -4.98 -30.22
CA GLU B 259 -21.74 -5.52 -29.56
C GLU B 259 -21.85 -5.04 -28.12
N GLN B 260 -20.76 -5.10 -27.36
CA GLN B 260 -20.66 -4.63 -25.98
C GLN B 260 -20.71 -3.09 -25.88
N GLY B 261 -20.62 -2.39 -27.00
CA GLY B 261 -21.00 -0.99 -27.15
C GLY B 261 -19.88 0.03 -27.05
N VAL B 262 -18.60 -0.32 -27.14
CA VAL B 262 -17.51 0.65 -26.90
C VAL B 262 -17.46 1.80 -27.92
N VAL B 263 -17.94 1.63 -29.14
CA VAL B 263 -17.99 2.71 -30.15
C VAL B 263 -18.92 3.85 -29.67
N ASP B 264 -20.12 3.49 -29.20
CA ASP B 264 -21.09 4.41 -28.61
C ASP B 264 -20.61 5.01 -27.28
N TYR B 265 -19.58 4.40 -26.67
CA TYR B 265 -18.86 4.95 -25.55
C TYR B 265 -17.80 5.97 -25.97
N PHE B 266 -16.81 5.61 -26.78
CA PHE B 266 -15.74 6.55 -27.16
C PHE B 266 -16.26 7.80 -27.88
N LEU B 267 -17.34 7.70 -28.65
CA LEU B 267 -17.89 8.88 -29.31
C LEU B 267 -18.44 9.92 -28.32
N ARG B 268 -18.96 9.51 -27.15
CA ARG B 268 -19.38 10.46 -26.11
C ARG B 268 -18.29 10.75 -25.08
N ARG B 269 -17.34 9.83 -24.86
CA ARG B 269 -16.25 9.97 -23.88
C ARG B 269 -15.08 10.82 -24.38
N LEU B 270 -14.80 10.84 -25.68
CA LEU B 270 -13.64 11.52 -26.26
C LEU B 270 -13.98 12.71 -27.17
N ASP B 271 -15.21 13.21 -27.16
CA ASP B 271 -15.69 14.34 -27.99
C ASP B 271 -15.36 14.18 -29.48
N LEU B 272 -15.72 13.02 -30.05
CA LEU B 272 -15.41 12.64 -31.43
C LEU B 272 -16.56 12.99 -32.40
N PRO B 273 -16.28 13.22 -33.70
CA PRO B 273 -17.29 13.53 -34.72
C PRO B 273 -18.52 12.63 -34.68
N LYS B 280 -18.00 2.13 -41.44
CA LYS B 280 -18.45 1.06 -42.23
C LYS B 280 -17.48 -0.12 -42.09
N MET B 281 -16.21 0.16 -41.84
CA MET B 281 -15.10 -0.78 -42.05
C MET B 281 -15.09 -2.02 -41.13
N LEU B 282 -15.85 -2.01 -40.04
CA LEU B 282 -16.10 -3.20 -39.23
C LEU B 282 -16.77 -4.34 -40.02
N MET B 283 -17.43 -4.03 -41.13
CA MET B 283 -17.98 -5.01 -42.07
C MET B 283 -16.92 -5.93 -42.66
N LYS B 284 -15.69 -5.48 -42.92
CA LYS B 284 -14.63 -6.35 -43.46
C LYS B 284 -14.10 -7.32 -42.41
N TRP B 285 -13.99 -6.91 -41.15
CA TRP B 285 -13.74 -7.81 -40.03
C TRP B 285 -14.90 -8.78 -39.82
N LYS B 286 -16.16 -8.35 -39.99
CA LYS B 286 -17.35 -9.19 -39.96
C LYS B 286 -17.30 -10.24 -41.05
N GLU B 287 -17.01 -9.86 -42.29
CA GLU B 287 -16.89 -10.79 -43.40
C GLU B 287 -15.77 -11.79 -43.18
N MET B 288 -14.56 -11.33 -42.85
CA MET B 288 -13.41 -12.19 -42.59
C MET B 288 -13.70 -13.20 -41.49
N ALA B 289 -14.27 -12.76 -40.38
CA ALA B 289 -14.64 -13.64 -39.29
C ALA B 289 -15.69 -14.68 -39.69
N ASP B 290 -16.71 -14.27 -40.45
CA ASP B 290 -17.72 -15.18 -40.98
C ASP B 290 -17.15 -16.13 -42.04
N ARG B 291 -16.20 -15.72 -42.89
CA ARG B 291 -15.50 -16.64 -43.80
C ARG B 291 -14.69 -17.67 -43.04
N TYR B 292 -13.89 -17.23 -42.07
CA TYR B 292 -13.05 -18.10 -41.25
C TYR B 292 -13.87 -19.18 -40.54
N ASP B 293 -15.05 -18.83 -40.02
CA ASP B 293 -15.97 -19.80 -39.42
C ASP B 293 -16.59 -20.76 -40.45
N ARG B 294 -16.89 -20.29 -41.66
CA ARG B 294 -17.46 -21.10 -42.75
C ARG B 294 -16.46 -22.06 -43.40
N LEU B 295 -15.17 -21.72 -43.48
CA LEU B 295 -14.19 -22.52 -44.23
C LEU B 295 -14.10 -23.96 -43.71
N LEU B 296 -13.91 -24.92 -44.63
CA LEU B 296 -14.23 -26.34 -44.36
C LEU B 296 -13.23 -27.37 -44.86
N GLU B 297 -12.41 -27.07 -45.86
CA GLU B 297 -11.36 -28.00 -46.34
C GLU B 297 -9.96 -27.48 -45.99
N THR B 298 -9.09 -28.38 -45.54
CA THR B 298 -7.80 -28.00 -44.97
C THR B 298 -6.71 -27.83 -46.02
N CYS B 299 -5.72 -27.06 -45.65
CA CYS B 299 -4.35 -27.10 -46.13
C CYS B 299 -3.46 -27.34 -44.90
N SER B 300 -2.30 -27.95 -45.04
CA SER B 300 -1.38 -28.11 -43.93
C SER B 300 0.05 -27.74 -44.30
N ILE B 301 0.64 -26.85 -43.53
CA ILE B 301 2.04 -26.46 -43.65
C ILE B 301 2.80 -27.07 -42.47
N ALA B 302 3.93 -27.69 -42.76
CA ALA B 302 4.93 -28.03 -41.76
C ALA B 302 5.73 -26.77 -41.42
N LEU B 303 5.68 -26.34 -40.16
CA LEU B 303 6.58 -25.30 -39.68
C LEU B 303 7.79 -25.94 -39.01
N VAL B 304 8.94 -25.83 -39.66
CA VAL B 304 10.20 -26.45 -39.23
C VAL B 304 10.98 -25.48 -38.34
N GLY B 305 10.43 -25.31 -37.15
CA GLY B 305 10.85 -24.33 -36.19
C GLY B 305 11.99 -24.79 -35.31
N LYS B 306 12.86 -23.86 -34.94
CA LYS B 306 13.81 -24.00 -33.82
C LYS B 306 13.10 -23.77 -32.49
N TYR B 307 12.36 -22.69 -32.39
CA TYR B 307 11.80 -22.18 -31.15
C TYR B 307 10.41 -22.77 -30.79
N THR B 308 10.13 -24.02 -31.17
CA THR B 308 8.78 -24.61 -31.23
C THR B 308 8.12 -24.84 -29.85
N LYS B 309 8.82 -24.59 -28.73
CA LYS B 309 8.23 -24.72 -27.38
C LYS B 309 6.95 -23.91 -27.19
N PHE B 310 6.85 -22.73 -27.79
CA PHE B 310 5.73 -21.81 -27.61
C PHE B 310 5.20 -21.24 -28.93
N SER B 311 3.88 -21.11 -29.07
CA SER B 311 3.20 -20.56 -30.26
C SER B 311 3.60 -19.12 -30.57
N ASP B 312 3.82 -18.30 -29.54
CA ASP B 312 4.10 -16.86 -29.64
C ASP B 312 5.49 -16.57 -30.22
N SER B 313 6.34 -17.59 -30.28
CA SER B 313 7.69 -17.53 -30.85
C SER B 313 7.72 -17.47 -32.38
N TYR B 314 6.59 -17.73 -33.03
CA TYR B 314 6.37 -17.62 -34.46
C TYR B 314 5.12 -16.81 -34.77
N ALA B 315 4.80 -15.81 -33.93
CA ALA B 315 3.53 -15.10 -33.98
C ALA B 315 3.21 -14.45 -35.33
N SER B 316 4.11 -13.65 -35.91
CA SER B 316 3.87 -13.02 -37.20
C SER B 316 3.87 -14.03 -38.34
N VAL B 317 4.61 -15.12 -38.21
CA VAL B 317 4.63 -16.23 -39.18
C VAL B 317 3.29 -16.95 -39.21
N ILE B 318 2.74 -17.26 -38.04
CA ILE B 318 1.43 -17.89 -37.94
C ILE B 318 0.36 -16.96 -38.49
N LYS B 319 0.41 -15.66 -38.20
CA LYS B 319 -0.50 -14.70 -38.82
C LYS B 319 -0.32 -14.59 -40.32
N ALA B 320 0.87 -14.59 -40.87
CA ALA B 320 1.09 -14.61 -42.32
C ALA B 320 0.58 -15.89 -43.00
N LEU B 321 0.68 -17.05 -42.35
CA LEU B 321 0.09 -18.28 -42.86
C LEU B 321 -1.43 -18.24 -42.80
N GLU B 322 -2.03 -17.70 -41.73
CA GLU B 322 -3.48 -17.53 -41.61
C GLU B 322 -4.04 -16.50 -42.58
N HIS B 323 -3.31 -15.43 -42.90
CA HIS B 323 -3.75 -14.46 -43.90
C HIS B 323 -3.78 -15.07 -45.28
N SER B 324 -2.78 -15.89 -45.58
CA SER B 324 -2.65 -16.58 -46.85
C SER B 324 -3.70 -17.68 -46.99
N ALA B 325 -3.94 -18.46 -45.95
CA ALA B 325 -4.99 -19.46 -45.95
C ALA B 325 -6.39 -18.87 -46.06
N LEU B 326 -6.68 -17.72 -45.44
CA LEU B 326 -7.95 -17.02 -45.61
C LEU B 326 -8.10 -16.40 -47.01
N ALA B 327 -7.01 -15.96 -47.64
CA ALA B 327 -7.01 -15.51 -49.03
C ALA B 327 -7.23 -16.65 -50.04
N ILE B 328 -6.64 -17.84 -49.82
CA ILE B 328 -6.92 -19.04 -50.63
C ILE B 328 -8.12 -19.87 -50.16
N ASN B 329 -8.93 -19.36 -49.23
CA ASN B 329 -10.15 -20.01 -48.73
C ASN B 329 -9.94 -21.48 -48.29
N HIS B 330 -9.00 -21.73 -47.39
CA HIS B 330 -8.76 -23.04 -46.74
C HIS B 330 -8.64 -22.88 -45.24
N LYS B 331 -9.03 -23.88 -44.46
CA LYS B 331 -8.54 -24.00 -43.08
C LYS B 331 -7.03 -24.26 -43.14
N LEU B 332 -6.26 -23.70 -42.21
CA LEU B 332 -4.83 -23.93 -42.07
C LEU B 332 -4.55 -24.81 -40.86
N GLU B 333 -3.87 -25.93 -41.07
CA GLU B 333 -3.33 -26.77 -40.01
C GLU B 333 -1.81 -26.63 -40.01
N ILE B 334 -1.28 -25.81 -39.11
CA ILE B 334 0.17 -25.70 -38.95
C ILE B 334 0.63 -26.91 -38.14
N LYS B 335 1.34 -27.84 -38.78
CA LYS B 335 2.03 -28.91 -38.09
C LYS B 335 3.33 -28.35 -37.52
N TYR B 336 3.33 -27.98 -36.24
CA TYR B 336 4.52 -27.51 -35.55
C TYR B 336 5.52 -28.65 -35.31
N ILE B 337 6.71 -28.57 -35.90
CA ILE B 337 7.80 -29.54 -35.76
C ILE B 337 8.98 -28.86 -35.07
N ASP B 338 9.47 -29.40 -33.95
CA ASP B 338 10.79 -29.02 -33.43
C ASP B 338 11.84 -29.63 -34.34
N SER B 339 12.58 -28.78 -35.04
CA SER B 339 13.57 -29.18 -36.01
C SER B 339 14.64 -30.13 -35.46
N ALA B 340 14.98 -30.04 -34.17
CA ALA B 340 15.93 -30.97 -33.57
C ALA B 340 15.45 -32.44 -33.62
N ASP B 341 14.15 -32.69 -33.69
CA ASP B 341 13.60 -34.04 -33.82
C ASP B 341 13.78 -34.63 -35.22
N LEU B 342 13.97 -33.81 -36.27
CA LEU B 342 14.31 -34.30 -37.61
C LEU B 342 15.78 -34.73 -37.74
N GLU B 343 16.64 -34.39 -36.79
CA GLU B 343 18.07 -34.67 -36.80
C GLU B 343 18.35 -36.17 -36.65
N PRO B 344 19.25 -36.78 -37.45
CA PRO B 344 19.47 -38.23 -37.41
C PRO B 344 20.06 -38.71 -36.07
N ILE B 345 20.61 -37.81 -35.26
CA ILE B 345 21.07 -38.10 -33.89
C ILE B 345 19.89 -38.38 -32.95
N THR B 346 18.73 -37.74 -33.12
CA THR B 346 17.52 -38.03 -32.34
C THR B 346 17.06 -39.47 -32.56
N SER B 347 17.17 -39.98 -33.78
CA SER B 347 16.75 -41.35 -34.13
C SER B 347 17.50 -42.44 -33.34
N GLN B 348 18.70 -42.13 -32.83
CA GLN B 348 19.53 -43.06 -32.07
C GLN B 348 19.09 -43.22 -30.60
N GLU B 349 18.24 -42.33 -30.06
CA GLU B 349 17.94 -42.27 -28.62
C GLU B 349 16.53 -41.79 -28.24
N GLU B 350 15.87 -41.04 -29.11
CA GLU B 350 14.51 -40.53 -28.95
C GLU B 350 13.68 -40.88 -30.21
N PRO B 351 13.59 -42.16 -30.61
CA PRO B 351 13.05 -42.52 -31.92
C PRO B 351 11.56 -42.20 -32.05
N VAL B 352 10.79 -42.19 -30.96
CA VAL B 352 9.39 -41.75 -31.01
C VAL B 352 9.25 -40.28 -31.35
N ARG B 353 10.16 -39.39 -30.91
CA ARG B 353 10.21 -38.01 -31.38
C ARG B 353 10.62 -37.94 -32.84
N TYR B 354 11.65 -38.69 -33.26
CA TYR B 354 12.08 -38.70 -34.65
C TYR B 354 10.96 -39.12 -35.61
N HIS B 355 10.28 -40.22 -35.34
CA HIS B 355 9.20 -40.68 -36.20
C HIS B 355 7.96 -39.80 -36.11
N GLU B 356 7.62 -39.19 -34.96
CA GLU B 356 6.53 -38.19 -34.90
C GLU B 356 6.80 -36.97 -35.79
N ALA B 357 8.00 -36.40 -35.72
CA ALA B 357 8.42 -35.27 -36.53
C ALA B 357 8.37 -35.59 -38.04
N TRP B 358 8.87 -36.76 -38.44
CA TRP B 358 8.84 -37.19 -39.83
C TRP B 358 7.45 -37.58 -40.32
N GLN B 359 6.58 -38.12 -39.46
CA GLN B 359 5.18 -38.35 -39.80
C GLN B 359 4.47 -37.01 -40.08
N LYS B 360 4.69 -36.00 -39.23
CA LYS B 360 4.18 -34.63 -39.43
C LYS B 360 4.73 -33.99 -40.69
N LEU B 361 6.04 -34.07 -40.94
CA LEU B 361 6.67 -33.44 -42.10
C LEU B 361 6.21 -34.08 -43.43
N CYS B 362 6.03 -35.40 -43.44
CA CYS B 362 5.61 -36.10 -44.66
C CYS B 362 4.12 -35.91 -44.97
N SER B 363 3.27 -35.82 -43.96
CA SER B 363 1.84 -35.57 -44.11
C SER B 363 1.48 -34.09 -44.35
N ALA B 364 2.43 -33.16 -44.27
CA ALA B 364 2.25 -31.76 -44.67
C ALA B 364 2.16 -31.60 -46.20
N HIS B 365 1.33 -30.66 -46.65
CA HIS B 365 1.14 -30.33 -48.06
C HIS B 365 2.20 -29.38 -48.60
N GLY B 366 2.87 -28.63 -47.74
CA GLY B 366 4.02 -27.77 -48.04
C GLY B 366 4.79 -27.48 -46.77
N VAL B 367 5.99 -26.91 -46.87
CA VAL B 367 6.87 -26.71 -45.72
C VAL B 367 7.41 -25.28 -45.65
N LEU B 368 7.49 -24.73 -44.44
CA LEU B 368 8.11 -23.46 -44.13
C LEU B 368 9.28 -23.67 -43.18
N VAL B 369 10.47 -23.26 -43.59
CA VAL B 369 11.63 -23.16 -42.72
C VAL B 369 11.79 -21.68 -42.34
N PRO B 370 11.33 -21.26 -41.15
CA PRO B 370 11.40 -19.88 -40.72
C PRO B 370 12.81 -19.48 -40.28
N GLY B 371 13.01 -18.18 -40.09
CA GLY B 371 14.27 -17.60 -39.62
C GLY B 371 14.68 -18.00 -38.21
N GLY B 372 15.93 -17.70 -37.86
CA GLY B 372 16.50 -17.96 -36.55
C GLY B 372 17.99 -17.63 -36.49
N PHE B 373 18.63 -17.96 -35.37
CA PHE B 373 20.05 -17.73 -35.10
C PHE B 373 20.67 -18.92 -34.34
N GLY B 374 21.96 -19.21 -34.58
CA GLY B 374 22.75 -20.21 -33.86
C GLY B 374 22.48 -21.68 -34.21
N VAL B 375 23.44 -22.56 -33.93
CA VAL B 375 23.47 -23.94 -34.46
C VAL B 375 22.23 -24.78 -34.15
N ARG B 376 21.74 -24.80 -32.89
CA ARG B 376 20.76 -25.80 -32.43
C ARG B 376 19.53 -25.88 -33.34
N GLY B 377 19.23 -27.07 -33.88
CA GLY B 377 18.10 -27.28 -34.80
C GLY B 377 18.44 -27.11 -36.28
N THR B 378 19.58 -26.52 -36.65
CA THR B 378 19.99 -26.28 -38.05
C THR B 378 20.04 -27.54 -38.91
N GLU B 379 20.58 -28.64 -38.41
CA GLU B 379 20.66 -29.88 -39.18
C GLU B 379 19.27 -30.46 -39.49
N GLY B 380 18.29 -30.30 -38.62
CA GLY B 380 16.89 -30.62 -38.91
C GLY B 380 16.24 -29.73 -39.96
N LYS B 381 16.62 -28.45 -40.03
CA LYS B 381 16.13 -27.53 -41.05
C LYS B 381 16.70 -27.95 -42.40
N ILE B 382 17.99 -28.29 -42.47
CA ILE B 382 18.63 -28.89 -43.66
C ILE B 382 17.95 -30.22 -44.03
N GLN B 383 17.63 -31.08 -43.06
CA GLN B 383 16.89 -32.33 -43.33
C GLN B 383 15.56 -32.06 -44.03
N ALA B 384 14.79 -31.07 -43.57
CA ALA B 384 13.49 -30.75 -44.15
C ALA B 384 13.59 -30.11 -45.53
N ILE B 385 14.63 -29.33 -45.81
CA ILE B 385 14.85 -28.75 -47.14
C ILE B 385 15.22 -29.84 -48.15
N ALA B 386 16.02 -30.82 -47.73
CA ALA B 386 16.36 -31.98 -48.53
C ALA B 386 15.12 -32.83 -48.86
N TRP B 387 14.26 -33.06 -47.87
CA TRP B 387 12.94 -33.65 -48.11
C TRP B 387 12.13 -32.87 -49.13
N ALA B 388 12.01 -31.55 -48.96
CA ALA B 388 11.24 -30.70 -49.85
C ALA B 388 11.77 -30.71 -51.28
N ARG B 389 13.08 -30.70 -51.50
CA ARG B 389 13.63 -30.87 -52.85
C ARG B 389 13.27 -32.24 -53.41
N ASN B 390 13.65 -33.31 -52.72
CA ASN B 390 13.58 -34.65 -53.30
C ASN B 390 12.14 -35.14 -53.50
N GLN B 391 11.24 -34.85 -52.55
CA GLN B 391 9.83 -35.21 -52.62
C GLN B 391 9.00 -34.18 -53.44
N LYS B 392 9.63 -33.10 -53.95
CA LYS B 392 8.99 -32.01 -54.72
C LYS B 392 7.87 -31.24 -53.95
N LYS B 393 7.83 -31.29 -52.62
CA LYS B 393 6.85 -30.54 -51.78
C LYS B 393 7.15 -29.04 -51.80
N PRO B 394 6.16 -28.14 -51.95
CA PRO B 394 6.37 -26.70 -51.94
C PRO B 394 7.11 -26.19 -50.70
N PHE B 395 8.03 -25.27 -50.88
CA PHE B 395 8.97 -24.82 -49.86
C PHE B 395 9.08 -23.31 -49.82
N LEU B 396 8.97 -22.73 -48.62
CA LEU B 396 9.41 -21.38 -48.33
C LEU B 396 10.51 -21.41 -47.27
N GLY B 397 11.68 -20.85 -47.57
CA GLY B 397 12.79 -20.65 -46.64
C GLY B 397 12.93 -19.18 -46.32
N VAL B 398 12.76 -18.80 -45.06
CA VAL B 398 12.82 -17.41 -44.64
C VAL B 398 14.10 -17.14 -43.89
N CYS B 399 14.87 -16.18 -44.39
CA CYS B 399 16.13 -15.71 -43.85
C CYS B 399 17.15 -16.85 -43.66
N LEU B 400 17.19 -17.45 -42.47
CA LEU B 400 17.94 -18.68 -42.22
C LEU B 400 17.54 -19.80 -43.17
N GLY B 401 16.28 -19.89 -43.58
CA GLY B 401 15.83 -20.90 -44.52
C GLY B 401 16.32 -20.72 -45.95
N MET B 402 16.63 -19.50 -46.39
CA MET B 402 17.35 -19.27 -47.67
C MET B 402 18.81 -19.67 -47.56
N GLN B 403 19.47 -19.30 -46.47
CA GLN B 403 20.86 -19.64 -46.20
C GLN B 403 21.02 -21.16 -46.14
N LEU B 404 20.15 -21.85 -45.42
CA LEU B 404 20.16 -23.30 -45.36
C LEU B 404 19.67 -23.97 -46.65
N ALA B 405 18.91 -23.32 -47.53
CA ALA B 405 18.67 -23.86 -48.85
C ALA B 405 19.93 -23.82 -49.71
N VAL B 406 20.74 -22.76 -49.61
CA VAL B 406 22.02 -22.67 -50.32
C VAL B 406 23.04 -23.68 -49.77
N VAL B 407 23.04 -23.91 -48.46
CA VAL B 407 23.85 -24.99 -47.85
C VAL B 407 23.38 -26.36 -48.31
N GLU B 408 22.09 -26.67 -48.26
CA GLU B 408 21.51 -27.94 -48.71
C GLU B 408 21.83 -28.22 -50.18
N PHE B 409 21.61 -27.27 -51.06
CA PHE B 409 21.92 -27.44 -52.47
C PHE B 409 23.43 -27.66 -52.69
N SER B 410 24.28 -27.05 -51.87
CA SER B 410 25.71 -27.35 -51.87
C SER B 410 25.99 -28.78 -51.43
N ARG B 411 25.50 -29.23 -50.27
CA ARG B 411 25.75 -30.57 -49.74
C ARG B 411 25.22 -31.70 -50.65
N ASN B 412 24.01 -31.57 -51.17
CA ASN B 412 23.28 -32.65 -51.84
C ASN B 412 22.98 -32.43 -53.34
N VAL B 413 23.30 -31.28 -53.93
CA VAL B 413 23.27 -31.11 -55.40
C VAL B 413 24.65 -30.88 -55.99
N LEU B 414 25.46 -29.97 -55.44
CA LEU B 414 26.87 -29.87 -55.83
C LEU B 414 27.72 -31.01 -55.25
N GLY B 415 27.28 -31.63 -54.16
CA GLY B 415 27.94 -32.76 -53.51
C GLY B 415 29.07 -32.38 -52.55
N TRP B 416 29.13 -31.11 -52.16
CA TRP B 416 30.10 -30.57 -51.22
C TRP B 416 29.72 -30.93 -49.77
N GLN B 417 29.96 -32.18 -49.37
CA GLN B 417 29.46 -32.73 -48.10
C GLN B 417 29.94 -31.97 -46.83
N ASP B 418 31.00 -31.18 -46.93
CA ASP B 418 31.51 -30.33 -45.85
C ASP B 418 30.85 -28.93 -45.81
N ALA B 419 30.06 -28.56 -46.82
CA ALA B 419 29.43 -27.24 -46.93
C ALA B 419 28.52 -26.88 -45.74
N ASN B 420 28.69 -25.67 -45.25
CA ASN B 420 27.95 -25.09 -44.14
C ASN B 420 27.97 -23.56 -44.24
N SER B 421 27.10 -22.91 -43.47
CA SER B 421 27.25 -21.51 -43.15
C SER B 421 28.39 -21.32 -42.15
N THR B 422 29.18 -20.28 -42.36
CA THR B 422 30.21 -19.85 -41.41
C THR B 422 29.64 -19.21 -40.13
N GLU B 423 28.33 -19.05 -39.98
CA GLU B 423 27.72 -18.86 -38.67
C GLU B 423 27.92 -20.08 -37.77
N PHE B 424 27.76 -21.27 -38.34
CA PHE B 424 27.64 -22.54 -37.61
C PHE B 424 28.94 -23.33 -37.55
N ASP B 425 29.77 -23.26 -38.60
CA ASP B 425 31.08 -23.90 -38.64
C ASP B 425 32.13 -23.04 -39.36
N PRO B 426 32.91 -22.23 -38.63
CA PRO B 426 33.95 -21.38 -39.22
C PRO B 426 35.21 -22.14 -39.70
N THR B 427 35.29 -23.47 -39.55
CA THR B 427 36.37 -24.27 -40.16
C THR B 427 36.13 -24.58 -41.65
N THR B 428 34.89 -24.45 -42.09
CA THR B 428 34.34 -24.98 -43.35
C THR B 428 35.14 -24.62 -44.60
N SER B 429 35.56 -25.62 -45.39
CA SER B 429 35.85 -25.42 -46.82
C SER B 429 34.56 -25.50 -47.64
N HIS B 430 34.54 -24.85 -48.81
CA HIS B 430 33.29 -24.39 -49.47
C HIS B 430 32.38 -23.53 -48.53
N PRO B 431 32.87 -22.41 -47.94
CA PRO B 431 32.10 -21.52 -47.07
C PRO B 431 31.04 -20.73 -47.85
N VAL B 432 29.93 -21.40 -48.16
CA VAL B 432 28.92 -20.88 -49.08
C VAL B 432 28.05 -19.77 -48.49
N VAL B 433 27.96 -19.67 -47.15
CA VAL B 433 27.35 -18.53 -46.45
C VAL B 433 28.33 -17.88 -45.47
N VAL B 434 28.45 -16.56 -45.54
CA VAL B 434 29.51 -15.74 -44.94
C VAL B 434 28.98 -14.60 -44.09
N ASP B 435 29.62 -14.34 -42.97
CA ASP B 435 29.42 -13.10 -42.20
C ASP B 435 29.69 -11.89 -43.09
N MET B 436 28.76 -10.94 -43.15
CA MET B 436 28.86 -9.76 -44.02
C MET B 436 28.05 -8.58 -43.46
N PRO B 437 28.60 -7.82 -42.51
CA PRO B 437 27.95 -6.65 -41.89
C PRO B 437 27.63 -5.51 -42.85
N GLU B 438 26.84 -4.54 -42.40
CA GLU B 438 26.68 -3.23 -43.04
C GLU B 438 27.90 -2.32 -42.83
N HIS B 439 28.13 -1.40 -43.76
CA HIS B 439 29.25 -0.43 -43.72
C HIS B 439 28.74 1.02 -43.88
N ASN B 440 27.63 1.37 -43.23
CA ASN B 440 27.09 2.73 -43.16
C ASN B 440 27.69 3.49 -41.97
N MET B 448 24.59 -4.77 -39.53
CA MET B 448 23.70 -5.85 -39.91
C MET B 448 22.66 -5.36 -40.94
N ARG B 449 22.45 -6.12 -42.02
CA ARG B 449 21.44 -5.73 -43.01
C ARG B 449 20.13 -5.83 -42.20
N LEU B 450 19.76 -4.76 -41.51
CA LEU B 450 18.70 -4.72 -40.49
C LEU B 450 17.72 -3.56 -40.72
N GLY B 451 16.43 -3.84 -40.68
CA GLY B 451 15.36 -2.93 -41.07
C GLY B 451 14.97 -3.07 -42.53
N LYS B 452 14.25 -2.08 -43.07
CA LYS B 452 13.85 -2.04 -44.48
C LYS B 452 15.03 -1.83 -45.41
N ARG B 453 15.07 -2.57 -46.52
CA ARG B 453 15.95 -2.33 -47.66
C ARG B 453 15.26 -2.66 -48.98
N ARG B 454 15.72 -2.02 -50.06
CA ARG B 454 15.28 -2.30 -51.42
C ARG B 454 15.97 -3.54 -51.99
N THR B 455 15.18 -4.49 -52.49
CA THR B 455 15.63 -5.59 -53.36
C THR B 455 15.24 -5.25 -54.79
N LEU B 456 16.16 -5.45 -55.74
CA LEU B 456 15.87 -5.38 -57.17
C LEU B 456 15.77 -6.79 -57.74
N PHE B 457 14.78 -7.05 -58.59
CA PHE B 457 14.79 -8.25 -59.43
C PHE B 457 15.86 -8.15 -60.53
N GLN B 458 16.53 -9.27 -60.79
CA GLN B 458 17.53 -9.42 -61.85
C GLN B 458 17.03 -10.22 -63.07
N THR B 459 15.73 -10.48 -63.15
CA THR B 459 15.07 -11.28 -64.19
C THR B 459 13.64 -10.81 -64.42
N LYS B 460 13.08 -11.10 -65.59
CA LYS B 460 11.68 -10.88 -65.95
C LYS B 460 10.71 -11.95 -65.42
N ASN B 461 11.18 -13.19 -65.23
CA ASN B 461 10.30 -14.37 -65.30
C ASN B 461 10.31 -15.31 -64.07
N SER B 462 10.73 -14.78 -62.91
CA SER B 462 10.57 -15.43 -61.62
C SER B 462 9.10 -15.52 -61.20
N VAL B 463 8.70 -16.63 -60.58
CA VAL B 463 7.38 -16.77 -59.99
C VAL B 463 7.19 -15.85 -58.78
N MET B 464 8.28 -15.50 -58.10
CA MET B 464 8.25 -14.49 -57.05
C MET B 464 8.06 -13.09 -57.59
N ARG B 465 8.66 -12.72 -58.73
CA ARG B 465 8.37 -11.45 -59.42
C ARG B 465 6.90 -11.35 -59.83
N LYS B 466 6.31 -12.43 -60.32
CA LYS B 466 4.86 -12.49 -60.62
C LYS B 466 3.98 -12.43 -59.37
N LEU B 467 4.34 -13.09 -58.28
CA LEU B 467 3.61 -12.98 -57.01
C LEU B 467 3.70 -11.57 -56.39
N TYR B 468 4.84 -10.88 -56.50
CA TYR B 468 5.02 -9.48 -56.12
C TYR B 468 4.45 -8.47 -57.15
N GLY B 469 3.64 -8.90 -58.11
CA GLY B 469 2.92 -8.00 -59.02
C GLY B 469 3.76 -7.34 -60.12
N ASP B 470 4.92 -7.90 -60.44
CA ASP B 470 5.78 -7.51 -61.55
C ASP B 470 6.15 -6.02 -61.58
N ALA B 471 6.49 -5.48 -60.41
CA ALA B 471 7.33 -4.30 -60.26
C ALA B 471 8.82 -4.73 -60.31
N ASP B 472 9.73 -3.88 -60.76
CA ASP B 472 11.15 -4.26 -60.89
C ASP B 472 11.91 -4.25 -59.54
N TYR B 473 11.29 -3.80 -58.47
CA TYR B 473 11.81 -3.79 -57.12
C TYR B 473 10.71 -4.11 -56.10
N LEU B 474 11.17 -4.46 -54.90
CA LEU B 474 10.37 -4.61 -53.70
C LEU B 474 11.15 -4.04 -52.51
N GLU B 475 10.45 -3.55 -51.50
CA GLU B 475 11.05 -3.06 -50.25
C GLU B 475 10.51 -3.84 -49.06
N GLU B 476 11.40 -4.50 -48.33
CA GLU B 476 11.13 -5.54 -47.34
C GLU B 476 12.06 -5.40 -46.13
N ARG B 477 11.75 -6.05 -45.00
CA ARG B 477 12.47 -5.91 -43.71
C ARG B 477 13.33 -7.12 -43.34
N HIS B 478 14.54 -6.87 -42.83
CA HIS B 478 15.60 -7.85 -42.55
C HIS B 478 16.06 -7.87 -41.06
N ARG B 479 16.54 -9.03 -40.56
CA ARG B 479 17.32 -9.14 -39.29
C ARG B 479 18.80 -9.47 -39.48
N HIS B 480 19.15 -10.23 -40.51
CA HIS B 480 20.35 -11.07 -40.59
C HIS B 480 21.73 -10.38 -40.55
N ARG B 481 22.76 -11.20 -40.27
CA ARG B 481 24.20 -10.83 -40.30
C ARG B 481 25.01 -11.56 -41.37
N PHE B 482 24.46 -12.59 -42.01
CA PHE B 482 25.13 -13.53 -42.91
C PHE B 482 24.49 -13.57 -44.30
N GLU B 483 25.25 -13.89 -45.32
CA GLU B 483 24.86 -13.79 -46.74
C GLU B 483 25.46 -14.89 -47.61
N VAL B 484 24.90 -15.10 -48.79
CA VAL B 484 25.41 -16.05 -49.80
C VAL B 484 26.69 -15.50 -50.43
N ASN B 485 27.76 -16.29 -50.42
CA ASN B 485 29.10 -15.88 -50.79
C ASN B 485 29.26 -15.66 -52.32
N PRO B 486 29.67 -14.48 -52.80
CA PRO B 486 29.78 -14.18 -54.24
C PRO B 486 30.93 -14.92 -54.92
N VAL B 487 31.88 -15.51 -54.18
CA VAL B 487 32.88 -16.40 -54.71
C VAL B 487 32.28 -17.74 -55.16
N TRP B 488 31.21 -18.22 -54.50
CA TRP B 488 30.53 -19.49 -54.79
C TRP B 488 29.20 -19.33 -55.57
N LYS B 489 28.66 -18.12 -55.67
CA LYS B 489 27.50 -17.75 -56.48
C LYS B 489 27.48 -18.40 -57.86
N LYS B 490 28.54 -18.26 -58.67
CA LYS B 490 28.60 -18.86 -60.02
C LYS B 490 28.46 -20.38 -59.98
N CYS B 491 29.11 -21.06 -59.03
CA CYS B 491 29.07 -22.52 -58.89
C CYS B 491 27.67 -23.05 -58.55
N LEU B 492 26.83 -22.23 -57.92
CA LEU B 492 25.42 -22.51 -57.67
C LEU B 492 24.54 -22.16 -58.89
N GLU B 493 24.86 -21.08 -59.61
CA GLU B 493 24.15 -20.60 -60.81
C GLU B 493 24.37 -21.44 -62.07
N GLU B 494 25.52 -22.09 -62.24
CA GLU B 494 25.73 -23.07 -63.32
C GLU B 494 24.88 -24.34 -63.12
N GLN B 495 24.35 -24.55 -61.91
CA GLN B 495 23.36 -25.55 -61.57
C GLN B 495 22.01 -24.87 -61.21
N GLY B 496 21.08 -25.58 -60.58
CA GLY B 496 19.67 -25.22 -60.49
C GLY B 496 19.20 -23.99 -59.68
N LEU B 497 20.04 -23.29 -58.89
CA LEU B 497 19.60 -22.12 -58.11
C LEU B 497 19.78 -20.83 -58.92
N LYS B 498 18.71 -20.05 -59.06
CA LYS B 498 18.74 -18.68 -59.61
C LYS B 498 18.49 -17.64 -58.51
N PHE B 499 19.47 -16.79 -58.25
CA PHE B 499 19.34 -15.66 -57.36
C PHE B 499 18.57 -14.52 -58.05
N VAL B 500 17.25 -14.66 -58.11
CA VAL B 500 16.34 -13.78 -58.86
C VAL B 500 16.29 -12.36 -58.30
N GLY B 501 16.54 -12.17 -57.00
CA GLY B 501 16.49 -10.89 -56.31
C GLY B 501 17.78 -10.58 -55.56
N GLN B 502 18.29 -9.36 -55.69
CA GLN B 502 19.58 -8.91 -55.16
C GLN B 502 19.51 -7.45 -54.68
N ASP B 503 20.49 -6.96 -53.92
CA ASP B 503 20.51 -5.54 -53.49
C ASP B 503 20.83 -4.54 -54.63
N VAL B 504 20.71 -3.24 -54.38
CA VAL B 504 20.96 -2.18 -55.38
C VAL B 504 22.35 -2.23 -56.02
N GLU B 505 23.40 -2.66 -55.31
CA GLU B 505 24.76 -2.86 -55.83
C GLU B 505 25.06 -4.30 -56.28
N GLY B 506 24.14 -5.23 -56.06
CA GLY B 506 24.25 -6.64 -56.48
C GLY B 506 25.29 -7.47 -55.72
N GLU B 507 25.76 -7.00 -54.57
CA GLU B 507 26.73 -7.72 -53.73
C GLU B 507 26.07 -8.82 -52.89
N ARG B 508 24.78 -8.69 -52.58
CA ARG B 508 23.99 -9.56 -51.69
C ARG B 508 22.83 -10.23 -52.42
N MET B 509 22.64 -11.53 -52.16
CA MET B 509 21.53 -12.31 -52.69
C MET B 509 20.33 -12.23 -51.73
N GLU B 510 19.20 -11.74 -52.21
CA GLU B 510 18.03 -11.41 -51.39
C GLU B 510 16.85 -12.36 -51.64
N ILE B 511 16.73 -12.89 -52.86
CA ILE B 511 15.74 -13.91 -53.23
C ILE B 511 16.43 -14.97 -54.08
N VAL B 512 16.14 -16.24 -53.81
CA VAL B 512 16.53 -17.39 -54.62
C VAL B 512 15.32 -18.23 -55.00
N GLU B 513 15.31 -18.76 -56.22
CA GLU B 513 14.33 -19.69 -56.76
C GLU B 513 15.07 -20.89 -57.39
N LEU B 514 14.58 -22.11 -57.19
CA LEU B 514 15.14 -23.34 -57.78
C LEU B 514 14.40 -23.71 -59.07
N GLU B 515 15.12 -24.11 -60.11
CA GLU B 515 14.52 -24.62 -61.37
C GLU B 515 13.84 -25.98 -61.18
N ASP B 516 12.82 -26.27 -61.99
CA ASP B 516 12.13 -27.57 -62.07
C ASP B 516 11.67 -28.13 -60.71
N HIS B 517 11.11 -27.26 -59.88
CA HIS B 517 10.42 -27.57 -58.64
C HIS B 517 9.09 -26.78 -58.55
N PRO B 518 7.97 -27.39 -58.10
CA PRO B 518 6.65 -26.74 -58.02
C PRO B 518 6.64 -25.35 -57.40
N PHE B 519 7.34 -25.15 -56.29
CA PHE B 519 7.60 -23.87 -55.65
C PHE B 519 8.69 -24.07 -54.61
N PHE B 520 9.88 -23.53 -54.84
CA PHE B 520 10.98 -23.62 -53.90
C PHE B 520 11.72 -22.31 -53.97
N VAL B 521 11.49 -21.50 -52.94
CA VAL B 521 12.01 -20.15 -52.84
C VAL B 521 12.67 -19.91 -51.50
N GLY B 522 13.78 -19.21 -51.54
CA GLY B 522 14.40 -18.61 -50.38
C GLY B 522 14.22 -17.11 -50.49
N VAL B 523 13.92 -16.48 -49.36
CA VAL B 523 13.94 -15.02 -49.18
C VAL B 523 14.85 -14.70 -48.02
N GLN B 524 15.64 -13.64 -48.13
CA GLN B 524 16.60 -13.27 -47.10
C GLN B 524 15.99 -12.37 -46.01
N TYR B 525 14.98 -11.60 -46.39
CA TYR B 525 14.14 -10.79 -45.52
C TYR B 525 13.07 -11.63 -44.80
N HIS B 526 12.26 -10.99 -43.97
CA HIS B 526 11.12 -11.57 -43.25
C HIS B 526 9.81 -11.05 -43.86
N PRO B 527 9.17 -11.79 -44.79
CA PRO B 527 7.93 -11.33 -45.43
C PRO B 527 6.76 -11.17 -44.46
N GLU B 528 6.72 -11.93 -43.37
CA GLU B 528 5.62 -11.98 -42.42
C GLU B 528 5.29 -10.64 -41.75
N PHE B 529 6.26 -9.75 -41.60
CA PHE B 529 6.07 -8.44 -40.98
C PHE B 529 5.20 -7.50 -41.82
N LEU B 530 5.15 -7.67 -43.14
CA LEU B 530 4.27 -6.91 -44.03
C LEU B 530 2.96 -7.62 -44.42
N SER B 531 2.66 -8.78 -43.84
CA SER B 531 1.35 -9.42 -44.00
C SER B 531 0.26 -8.59 -43.30
N ARG B 532 -0.88 -8.41 -43.96
CA ARG B 532 -2.04 -7.66 -43.45
C ARG B 532 -3.29 -8.51 -43.68
N PRO B 533 -4.31 -8.49 -42.82
CA PRO B 533 -5.39 -9.47 -42.85
C PRO B 533 -6.08 -9.69 -44.20
N ILE B 534 -6.25 -8.66 -45.03
CA ILE B 534 -6.80 -8.75 -46.40
C ILE B 534 -5.74 -8.73 -47.52
N LYS B 535 -4.45 -8.77 -47.17
CA LYS B 535 -3.31 -8.71 -48.10
C LYS B 535 -2.13 -9.54 -47.56
N PRO B 536 -2.12 -10.87 -47.75
CA PRO B 536 -1.03 -11.71 -47.30
C PRO B 536 0.29 -11.34 -47.97
N SER B 537 1.40 -11.67 -47.33
CA SER B 537 2.71 -11.44 -47.94
C SER B 537 2.90 -12.41 -49.11
N PRO B 538 3.30 -11.93 -50.31
CA PRO B 538 3.35 -12.77 -51.50
C PRO B 538 4.05 -14.14 -51.36
N PRO B 539 5.15 -14.30 -50.61
CA PRO B 539 5.78 -15.60 -50.45
C PRO B 539 4.93 -16.61 -49.70
N TYR B 540 4.20 -16.18 -48.68
CA TYR B 540 3.33 -17.05 -47.89
C TYR B 540 2.07 -17.41 -48.68
N PHE B 541 1.58 -16.48 -49.49
CA PHE B 541 0.51 -16.75 -50.44
C PHE B 541 0.96 -17.75 -51.51
N GLY B 542 2.17 -17.58 -52.07
CA GLY B 542 2.80 -18.54 -52.98
C GLY B 542 2.92 -19.96 -52.40
N LEU B 543 3.38 -20.12 -51.16
CA LEU B 543 3.43 -21.43 -50.49
C LEU B 543 2.05 -22.06 -50.31
N LEU B 544 1.05 -21.27 -49.93
CA LEU B 544 -0.31 -21.75 -49.75
C LEU B 544 -0.92 -22.15 -51.09
N LEU B 545 -0.82 -21.30 -52.11
CA LEU B 545 -1.23 -21.61 -53.47
C LEU B 545 -0.55 -22.86 -54.00
N ALA B 546 0.76 -23.00 -53.84
CA ALA B 546 1.50 -24.14 -54.34
C ALA B 546 1.08 -25.44 -53.66
N SER B 547 0.93 -25.45 -52.34
CA SER B 547 0.61 -26.65 -51.56
C SER B 547 -0.81 -27.16 -51.80
N VAL B 548 -1.77 -26.30 -52.16
CA VAL B 548 -3.10 -26.71 -52.66
C VAL B 548 -3.17 -26.87 -54.20
N GLY B 549 -2.06 -26.70 -54.90
CA GLY B 549 -1.92 -26.87 -56.35
C GLY B 549 -2.33 -25.67 -57.22
N ARG B 550 -2.93 -24.63 -56.63
CA ARG B 550 -3.47 -23.44 -57.32
C ARG B 550 -2.43 -22.42 -57.82
N LEU B 551 -1.14 -22.55 -57.50
CA LEU B 551 -0.12 -21.61 -58.00
C LEU B 551 0.05 -21.65 -59.52
N SER B 552 -0.17 -22.79 -60.17
CA SER B 552 -0.14 -22.89 -61.62
C SER B 552 -1.31 -22.14 -62.26
N HIS B 553 -2.51 -22.21 -61.67
CA HIS B 553 -3.72 -21.54 -62.17
C HIS B 553 -3.68 -20.01 -62.00
N TYR B 554 -3.09 -19.52 -60.92
CA TYR B 554 -2.93 -18.10 -60.56
C TYR B 554 -2.06 -17.33 -61.56
N LEU B 555 -1.12 -18.04 -62.19
CA LEU B 555 -0.24 -17.56 -63.25
C LEU B 555 -0.84 -17.92 -64.61
N MET C 1 31.89 -10.20 6.31
CA MET C 1 31.50 -8.78 6.36
C MET C 1 30.33 -8.60 7.30
N LYS C 2 30.25 -7.47 7.99
CA LYS C 2 29.05 -7.00 8.69
C LYS C 2 28.49 -5.79 7.94
N TYR C 3 27.18 -5.63 7.91
CA TYR C 3 26.50 -4.57 7.21
C TYR C 3 25.50 -3.91 8.15
N ILE C 4 25.49 -2.58 8.23
CA ILE C 4 24.48 -1.85 9.00
C ILE C 4 23.74 -0.92 8.06
N LEU C 5 22.45 -1.13 7.85
CA LEU C 5 21.62 -0.25 7.04
C LEU C 5 20.93 0.78 7.92
N VAL C 6 21.21 2.06 7.69
CA VAL C 6 20.61 3.19 8.38
C VAL C 6 19.56 3.79 7.45
N THR C 7 18.29 3.72 7.81
CA THR C 7 17.14 4.20 7.04
C THR C 7 16.54 5.44 7.67
N GLY C 8 15.97 6.34 6.87
CA GLY C 8 15.34 7.56 7.34
C GLY C 8 13.83 7.48 7.35
N GLY C 9 13.22 8.05 8.38
CA GLY C 9 11.84 7.79 8.71
C GLY C 9 10.81 8.71 8.11
N VAL C 10 10.87 9.99 8.48
CA VAL C 10 9.74 10.93 8.32
C VAL C 10 10.11 12.16 7.50
N ILE C 11 11.34 12.64 7.66
CA ILE C 11 11.99 13.74 6.93
C ILE C 11 13.44 13.34 6.62
N SER C 12 14.02 13.89 5.58
CA SER C 12 15.49 13.92 5.37
C SER C 12 16.07 15.22 5.87
N GLY C 13 17.33 15.23 6.27
CA GLY C 13 17.93 16.33 7.01
C GLY C 13 17.61 16.21 8.49
N ILE C 14 17.52 14.97 8.98
CA ILE C 14 17.13 14.58 10.33
C ILE C 14 18.33 14.32 11.26
N GLY C 15 19.53 14.16 10.71
CA GLY C 15 20.73 13.76 11.44
C GLY C 15 21.15 12.32 11.16
N LYS C 16 20.48 11.65 10.23
CA LYS C 16 20.70 10.25 9.88
C LYS C 16 22.13 9.99 9.42
N GLY C 17 22.78 10.95 8.75
CA GLY C 17 24.21 10.93 8.41
C GLY C 17 25.17 11.14 9.57
N ILE C 18 24.76 11.78 10.66
CA ILE C 18 25.51 11.82 11.92
C ILE C 18 25.30 10.55 12.73
N ILE C 19 24.12 9.92 12.71
CA ILE C 19 23.93 8.57 13.29
C ILE C 19 24.81 7.54 12.58
N ALA C 20 24.80 7.50 11.25
CA ALA C 20 25.63 6.61 10.46
C ALA C 20 27.13 6.82 10.73
N SER C 21 27.56 8.06 10.91
CA SER C 21 28.93 8.37 11.29
C SER C 21 29.24 7.99 12.74
N SER C 22 28.32 8.21 13.66
CA SER C 22 28.48 7.90 15.07
C SER C 22 28.57 6.41 15.30
N VAL C 23 27.73 5.63 14.65
CA VAL C 23 27.82 4.16 14.64
C VAL C 23 29.17 3.73 14.09
N GLY C 24 29.64 4.35 13.01
CA GLY C 24 30.99 4.11 12.51
C GLY C 24 32.11 4.45 13.50
N THR C 25 32.01 5.50 14.33
CA THR C 25 32.97 5.77 15.42
C THR C 25 32.90 4.82 16.59
N ILE C 26 31.72 4.30 16.91
CA ILE C 26 31.55 3.31 17.96
C ILE C 26 32.20 1.99 17.54
N LEU C 27 32.05 1.57 16.30
CA LEU C 27 32.65 0.34 15.79
C LEU C 27 34.16 0.49 15.59
N LYS C 28 34.64 1.65 15.13
CA LYS C 28 36.05 2.08 15.14
C LYS C 28 36.64 2.02 16.55
N SER C 29 35.88 2.39 17.57
CA SER C 29 36.29 2.33 18.98
C SER C 29 36.32 0.91 19.52
N CYS C 30 35.54 -0.02 18.99
CA CYS C 30 35.68 -1.46 19.23
C CYS C 30 36.85 -2.09 18.43
N GLY C 31 37.74 -1.29 17.83
CA GLY C 31 38.91 -1.75 17.09
C GLY C 31 38.63 -2.29 15.68
N LEU C 32 37.38 -2.22 15.20
CA LEU C 32 36.98 -2.73 13.89
C LEU C 32 37.40 -1.78 12.77
N HIS C 33 37.75 -2.31 11.61
CA HIS C 33 37.86 -1.50 10.39
C HIS C 33 36.46 -1.24 9.81
N VAL C 34 36.15 0.01 9.52
CA VAL C 34 34.81 0.48 9.13
C VAL C 34 34.87 1.15 7.78
N THR C 35 33.88 0.92 6.93
CA THR C 35 33.65 1.61 5.67
C THR C 35 32.21 2.06 5.62
N SER C 36 31.89 2.94 4.68
CA SER C 36 30.56 3.45 4.50
C SER C 36 30.18 3.54 3.04
N ILE C 37 28.88 3.41 2.78
CA ILE C 37 28.26 3.69 1.50
C ILE C 37 27.12 4.68 1.77
N LYS C 38 27.03 5.73 0.97
CA LYS C 38 25.85 6.57 0.92
C LYS C 38 25.08 6.18 -0.32
N ILE C 39 23.84 5.77 -0.14
CA ILE C 39 22.92 5.57 -1.24
C ILE C 39 22.12 6.86 -1.35
N ASP C 40 22.13 7.47 -2.52
CA ASP C 40 21.27 8.58 -2.86
C ASP C 40 20.26 8.11 -3.89
N PRO C 41 18.98 7.97 -3.55
CA PRO C 41 17.97 7.52 -4.49
C PRO C 41 17.75 8.41 -5.73
N TYR C 42 18.35 9.60 -5.80
CA TYR C 42 18.26 10.47 -6.98
C TYR C 42 18.93 9.87 -8.22
N ILE C 43 18.58 10.38 -9.39
CA ILE C 43 18.97 9.82 -10.69
C ILE C 43 20.25 10.46 -11.23
N ASN C 44 20.79 11.49 -10.59
CA ASN C 44 22.11 12.04 -10.89
C ASN C 44 23.20 10.98 -10.73
N ILE C 45 24.17 10.91 -11.65
CA ILE C 45 25.31 9.98 -11.51
C ILE C 45 26.23 10.43 -10.39
N ASP C 46 26.49 11.73 -10.25
CA ASP C 46 27.36 12.30 -9.22
C ASP C 46 26.82 13.65 -8.76
N ALA C 47 27.43 14.25 -7.74
CA ALA C 47 27.06 15.58 -7.26
C ALA C 47 27.63 16.73 -8.11
N GLY C 48 28.39 16.46 -9.17
CA GLY C 48 29.18 17.46 -9.88
C GLY C 48 28.38 18.51 -10.64
N THR C 49 27.10 18.25 -10.92
CA THR C 49 26.20 19.20 -11.58
C THR C 49 25.43 20.09 -10.59
N PHE C 50 25.38 19.74 -9.30
CA PHE C 50 24.51 20.40 -8.34
C PHE C 50 24.86 21.85 -8.05
N SER C 51 23.86 22.72 -8.06
CA SER C 51 23.90 24.02 -7.40
C SER C 51 24.03 23.79 -5.89
N PRO C 52 24.95 24.42 -5.14
CA PRO C 52 25.16 24.15 -3.71
C PRO C 52 23.94 24.27 -2.78
N TYR C 53 22.85 24.89 -3.23
CA TYR C 53 21.56 24.90 -2.55
C TYR C 53 20.82 23.55 -2.54
N GLU C 54 21.08 22.67 -3.51
CA GLU C 54 20.60 21.29 -3.50
C GLU C 54 21.54 20.40 -2.69
N HIS C 55 21.04 19.86 -1.57
CA HIS C 55 21.73 18.90 -0.70
C HIS C 55 23.07 19.38 -0.12
N GLY C 56 23.29 20.68 -0.07
CA GLY C 56 24.50 21.30 0.45
C GLY C 56 25.69 21.22 -0.51
N GLU C 57 26.87 21.47 0.01
CA GLU C 57 28.10 21.52 -0.80
C GLU C 57 28.47 20.21 -1.51
N VAL C 58 29.26 20.32 -2.58
CA VAL C 58 29.84 19.17 -3.27
C VAL C 58 31.17 18.82 -2.61
N PHE C 59 31.25 17.63 -2.01
CA PHE C 59 32.49 17.11 -1.45
C PHE C 59 33.35 16.46 -2.54
N VAL C 60 34.68 16.58 -2.48
CA VAL C 60 35.59 15.97 -3.44
C VAL C 60 36.42 14.90 -2.76
N LEU C 61 36.43 13.71 -3.34
CA LEU C 61 37.23 12.56 -2.88
C LEU C 61 38.63 12.57 -3.49
N ASP C 62 39.55 11.79 -2.93
CA ASP C 62 40.92 11.66 -3.45
C ASP C 62 40.97 11.35 -4.96
N ASP C 63 40.07 10.51 -5.45
CA ASP C 63 40.00 10.08 -6.85
C ASP C 63 39.28 11.06 -7.78
N GLY C 64 38.82 12.20 -7.27
CA GLY C 64 38.10 13.22 -8.02
C GLY C 64 36.60 13.01 -8.11
N GLY C 65 36.05 12.02 -7.39
CA GLY C 65 34.62 11.88 -7.26
C GLY C 65 33.98 13.08 -6.56
N GLU C 66 33.08 13.76 -7.25
CA GLU C 66 32.19 14.80 -6.72
C GLU C 66 30.96 14.15 -6.11
N VAL C 67 30.85 14.13 -4.79
CA VAL C 67 29.91 13.31 -4.02
C VAL C 67 29.12 14.15 -3.02
N ASP C 68 28.11 13.55 -2.41
CA ASP C 68 27.32 14.15 -1.33
C ASP C 68 28.17 14.50 -0.09
N LEU C 69 27.74 15.47 0.70
CA LEU C 69 28.45 15.89 1.92
C LEU C 69 28.43 14.85 3.03
N ASP C 70 27.58 13.82 2.98
CA ASP C 70 27.63 12.69 3.90
C ASP C 70 28.90 11.87 3.76
N LEU C 71 29.48 11.76 2.57
CA LEU C 71 30.80 11.15 2.39
C LEU C 71 31.87 11.95 3.15
N GLY C 72 31.65 13.23 3.43
CA GLY C 72 32.51 14.06 4.27
C GLY C 72 32.30 13.84 5.76
N ASN C 73 31.07 13.61 6.21
CA ASN C 73 30.80 13.21 7.57
C ASN C 73 31.44 11.88 7.93
N TYR C 74 31.41 10.89 7.03
CA TYR C 74 32.10 9.62 7.25
C TYR C 74 33.60 9.81 7.31
N GLU C 75 34.20 10.55 6.37
CA GLU C 75 35.63 10.80 6.39
C GLU C 75 36.08 11.56 7.64
N ARG C 76 35.35 12.57 8.11
CA ARG C 76 35.68 13.27 9.35
C ARG C 76 35.64 12.38 10.59
N PHE C 77 34.63 11.54 10.75
CA PHE C 77 34.48 10.71 11.94
C PHE C 77 35.38 9.46 11.93
N LEU C 78 35.45 8.73 10.82
CA LEU C 78 36.15 7.45 10.70
C LEU C 78 37.63 7.61 10.29
N ASP C 79 38.03 8.81 9.84
CA ASP C 79 39.32 9.14 9.20
C ASP C 79 39.73 8.13 8.11
N ILE C 80 38.80 7.89 7.19
CA ILE C 80 38.94 7.04 6.01
C ILE C 80 39.09 7.86 4.74
N ARG C 81 39.34 7.19 3.62
CA ARG C 81 39.56 7.79 2.31
C ARG C 81 38.65 7.09 1.30
N LEU C 82 37.39 7.50 1.23
CA LEU C 82 36.37 6.89 0.39
C LEU C 82 36.64 7.10 -1.09
N THR C 83 36.08 6.26 -1.93
CA THR C 83 36.19 6.31 -3.40
C THR C 83 34.87 6.70 -4.04
N LYS C 84 34.87 7.12 -5.30
CA LYS C 84 33.71 7.57 -6.07
C LYS C 84 32.49 6.69 -5.90
N ASP C 85 32.67 5.38 -5.88
CA ASP C 85 31.62 4.36 -5.83
C ASP C 85 31.11 4.01 -4.43
N ASN C 86 31.67 4.60 -3.37
CA ASN C 86 31.02 4.65 -2.07
C ASN C 86 29.82 5.60 -2.05
N ASN C 87 29.62 6.41 -3.09
CA ASN C 87 28.34 7.03 -3.35
C ASN C 87 27.65 6.23 -4.47
N LEU C 88 26.54 5.60 -4.13
CA LEU C 88 25.74 4.75 -4.99
C LEU C 88 24.44 5.50 -5.30
N THR C 89 24.00 5.59 -6.55
CA THR C 89 22.78 6.33 -6.92
C THR C 89 21.90 5.51 -7.83
N THR C 90 20.61 5.82 -7.98
CA THR C 90 19.80 5.14 -9.00
C THR C 90 20.29 5.45 -10.41
N GLY C 91 20.87 6.61 -10.65
CA GLY C 91 21.62 6.90 -11.87
C GLY C 91 22.75 5.91 -12.12
N LYS C 92 23.67 5.74 -11.18
CA LYS C 92 24.80 4.80 -11.31
C LYS C 92 24.36 3.36 -11.45
N ILE C 93 23.32 2.95 -10.73
CA ILE C 93 22.76 1.59 -10.81
C ILE C 93 22.03 1.34 -12.11
N TYR C 94 21.11 2.20 -12.54
CA TYR C 94 20.42 1.98 -13.81
C TYR C 94 21.39 2.13 -14.97
N GLN C 95 22.37 3.04 -14.95
CA GLN C 95 23.41 3.10 -15.99
C GLN C 95 24.22 1.81 -16.03
N TYR C 96 24.62 1.26 -14.88
CA TYR C 96 25.37 0.01 -14.80
C TYR C 96 24.57 -1.18 -15.36
N VAL C 97 23.32 -1.37 -14.93
CA VAL C 97 22.44 -2.42 -15.46
C VAL C 97 22.12 -2.21 -16.93
N ILE C 98 21.93 -0.99 -17.41
CA ILE C 98 21.65 -0.67 -18.82
C ILE C 98 22.85 -0.99 -19.70
N ASN C 99 24.07 -0.60 -19.34
CA ASN C 99 25.26 -0.96 -20.09
C ASN C 99 25.49 -2.48 -20.11
N LYS C 100 25.22 -3.17 -19.02
CA LYS C 100 25.33 -4.63 -18.89
C LYS C 100 24.30 -5.35 -19.77
N GLU C 101 23.11 -4.79 -19.96
CA GLU C 101 22.11 -5.27 -20.92
C GLU C 101 22.51 -5.04 -22.39
N ARG C 102 23.02 -3.86 -22.75
CA ARG C 102 23.51 -3.57 -24.11
C ARG C 102 24.71 -4.43 -24.51
N LYS C 103 25.59 -4.78 -23.56
CA LYS C 103 26.70 -5.73 -23.74
C LYS C 103 26.27 -7.19 -23.82
N GLY C 104 25.00 -7.49 -23.52
CA GLY C 104 24.41 -8.83 -23.62
C GLY C 104 24.66 -9.72 -22.40
N ASP C 105 25.18 -9.20 -21.29
CA ASP C 105 25.61 -10.02 -20.15
C ASP C 105 24.46 -10.69 -19.39
N TYR C 106 23.21 -10.25 -19.59
CA TYR C 106 22.01 -10.90 -19.05
C TYR C 106 21.46 -12.03 -19.93
N LEU C 107 22.24 -12.48 -20.92
CA LEU C 107 22.04 -13.72 -21.68
C LEU C 107 20.66 -13.83 -22.35
N GLY C 108 20.20 -12.74 -22.93
CA GLY C 108 18.94 -12.67 -23.67
C GLY C 108 17.67 -12.84 -22.84
N LYS C 109 17.76 -12.82 -21.50
CA LYS C 109 16.61 -12.77 -20.59
C LYS C 109 16.15 -11.34 -20.37
N THR C 110 14.89 -11.15 -19.98
CA THR C 110 14.36 -9.83 -19.65
C THR C 110 14.95 -9.31 -18.34
N VAL C 111 15.42 -8.06 -18.34
CA VAL C 111 15.98 -7.41 -17.16
C VAL C 111 14.90 -6.58 -16.47
N GLN C 112 14.84 -6.63 -15.15
CA GLN C 112 13.72 -6.11 -14.36
C GLN C 112 14.22 -5.35 -13.13
N VAL C 113 13.34 -4.68 -12.38
CA VAL C 113 13.75 -4.14 -11.09
C VAL C 113 14.06 -5.28 -10.13
N VAL C 114 13.17 -6.28 -10.01
CA VAL C 114 13.51 -7.57 -9.40
C VAL C 114 13.58 -8.65 -10.48
N PRO C 115 14.66 -9.43 -10.57
CA PRO C 115 15.84 -9.39 -9.72
C PRO C 115 16.91 -8.38 -10.14
N HIS C 116 17.05 -8.00 -11.40
CA HIS C 116 18.32 -7.51 -11.96
C HIS C 116 18.86 -6.19 -11.41
N ILE C 117 18.02 -5.20 -11.14
CA ILE C 117 18.43 -3.97 -10.47
C ILE C 117 18.74 -4.24 -9.02
N THR C 118 17.89 -5.01 -8.31
CA THR C 118 18.12 -5.31 -6.91
C THR C 118 19.34 -6.20 -6.68
N ASP C 119 19.69 -7.09 -7.60
CA ASP C 119 20.94 -7.84 -7.63
C ASP C 119 22.14 -6.94 -7.83
N ALA C 120 22.10 -5.99 -8.77
CA ALA C 120 23.18 -5.05 -8.99
C ALA C 120 23.45 -4.17 -7.76
N ILE C 121 22.42 -3.78 -7.01
CA ILE C 121 22.56 -3.07 -5.73
C ILE C 121 23.30 -3.93 -4.71
N GLN C 122 22.97 -5.21 -4.57
CA GLN C 122 23.63 -6.12 -3.65
C GLN C 122 25.05 -6.46 -4.07
N GLU C 123 25.33 -6.71 -5.35
CA GLU C 123 26.69 -6.84 -5.89
C GLU C 123 27.53 -5.61 -5.54
N TRP C 124 27.03 -4.41 -5.80
CA TRP C 124 27.73 -3.15 -5.60
C TRP C 124 28.07 -2.91 -4.14
N VAL C 125 27.11 -3.12 -3.24
CA VAL C 125 27.33 -3.03 -1.80
C VAL C 125 28.40 -4.02 -1.37
N MET C 126 28.39 -5.28 -1.79
CA MET C 126 29.43 -6.24 -1.43
C MET C 126 30.80 -5.87 -2.00
N ARG C 127 30.86 -5.47 -3.27
CA ARG C 127 32.06 -5.05 -3.99
C ARG C 127 32.74 -3.87 -3.30
N GLN C 128 32.00 -2.84 -2.92
CA GLN C 128 32.54 -1.66 -2.25
C GLN C 128 32.86 -1.92 -0.77
N ALA C 129 32.11 -2.76 -0.08
CA ALA C 129 32.36 -3.09 1.31
C ALA C 129 33.70 -3.78 1.54
N LEU C 130 34.33 -4.36 0.52
CA LEU C 130 35.63 -5.03 0.58
C LEU C 130 36.83 -4.14 0.18
N ILE C 131 36.63 -2.94 -0.33
CA ILE C 131 37.71 -2.02 -0.72
C ILE C 131 38.36 -1.39 0.51
N PRO C 132 39.70 -1.38 0.64
CA PRO C 132 40.35 -0.75 1.78
C PRO C 132 40.21 0.78 1.75
N VAL C 133 39.72 1.38 2.83
CA VAL C 133 39.53 2.85 2.97
C VAL C 133 40.27 3.46 4.16
N ASP C 134 40.76 2.66 5.09
CA ASP C 134 41.73 3.05 6.12
C ASP C 134 43.10 3.40 5.52
N GLU C 135 44.04 3.84 6.36
CA GLU C 135 45.42 4.16 5.96
C GLU C 135 46.23 2.93 5.56
N ASP C 136 46.03 1.78 6.21
CA ASP C 136 46.55 0.48 5.80
C ASP C 136 45.66 -0.18 4.74
N GLY C 137 46.19 -1.09 3.91
CA GLY C 137 45.43 -1.88 2.93
C GLY C 137 44.59 -2.99 3.55
N LEU C 138 44.08 -2.80 4.77
CA LEU C 138 43.26 -3.78 5.47
C LEU C 138 41.81 -3.75 4.98
N GLU C 139 41.27 -4.93 4.70
CA GLU C 139 39.88 -5.11 4.31
C GLU C 139 38.95 -4.59 5.43
N PRO C 140 37.88 -3.84 5.13
CA PRO C 140 36.87 -3.51 6.11
C PRO C 140 36.28 -4.75 6.79
N GLN C 141 35.72 -4.56 7.98
CA GLN C 141 35.03 -5.60 8.73
C GLN C 141 33.55 -5.31 8.82
N VAL C 142 33.18 -4.03 8.93
CA VAL C 142 31.80 -3.56 8.92
C VAL C 142 31.64 -2.44 7.90
N CYS C 143 30.54 -2.49 7.16
CA CYS C 143 30.11 -1.49 6.21
C CYS C 143 28.81 -0.86 6.68
N VAL C 144 28.81 0.44 6.98
CA VAL C 144 27.60 1.20 7.27
C VAL C 144 27.04 1.73 5.97
N ILE C 145 25.86 1.27 5.56
CA ILE C 145 25.12 1.78 4.44
C ILE C 145 24.11 2.77 4.98
N GLU C 146 24.15 4.01 4.53
CA GLU C 146 23.08 4.94 4.82
C GLU C 146 22.23 5.10 3.57
N LEU C 147 20.94 4.86 3.70
CA LEU C 147 19.99 5.14 2.65
C LEU C 147 19.45 6.55 2.82
N GLY C 148 19.81 7.42 1.89
CA GLY C 148 19.33 8.79 1.82
C GLY C 148 17.86 8.87 1.50
N GLY C 149 17.23 10.02 1.72
CA GLY C 149 15.79 10.15 1.59
C GLY C 149 15.04 9.60 2.81
N THR C 150 13.82 9.13 2.59
CA THR C 150 12.97 8.49 3.59
C THR C 150 12.36 7.22 3.00
N VAL C 151 11.97 6.28 3.85
CA VAL C 151 11.25 5.07 3.42
C VAL C 151 9.92 5.43 2.73
N GLY C 152 9.53 4.69 1.69
CA GLY C 152 8.25 4.92 1.01
C GLY C 152 8.24 6.08 0.01
N ASP C 153 9.35 6.80 -0.16
CA ASP C 153 9.65 7.51 -1.40
C ASP C 153 9.76 6.52 -2.57
N ILE C 154 9.15 6.79 -3.74
CA ILE C 154 9.18 5.88 -4.88
C ILE C 154 10.60 5.57 -5.37
N GLU C 155 11.54 6.52 -5.27
CA GLU C 155 12.96 6.32 -5.62
C GLU C 155 13.68 5.36 -4.69
N SER C 156 13.26 5.27 -3.43
CA SER C 156 13.91 4.46 -2.39
C SER C 156 13.58 2.97 -2.48
N MET C 157 12.47 2.60 -3.09
CA MET C 157 11.93 1.25 -3.03
C MET C 157 12.82 0.18 -3.66
N PRO C 158 13.52 0.38 -4.80
CA PRO C 158 14.52 -0.55 -5.26
C PRO C 158 15.57 -0.90 -4.20
N PHE C 159 16.02 0.02 -3.37
CA PHE C 159 17.00 -0.26 -2.33
C PHE C 159 16.40 -0.95 -1.13
N ILE C 160 15.22 -0.55 -0.67
CA ILE C 160 14.54 -1.29 0.40
C ILE C 160 14.26 -2.74 -0.04
N GLU C 161 13.86 -2.97 -1.29
CA GLU C 161 13.63 -4.30 -1.84
C GLU C 161 14.94 -5.09 -2.00
N ALA C 162 16.05 -4.44 -2.37
CA ALA C 162 17.36 -5.06 -2.40
C ALA C 162 17.84 -5.45 -1.00
N PHE C 163 17.66 -4.63 0.02
CA PHE C 163 18.03 -5.01 1.39
C PHE C 163 17.09 -6.03 2.02
N ARG C 164 15.82 -6.10 1.57
CA ARG C 164 14.88 -7.16 1.95
C ARG C 164 15.37 -8.52 1.49
N GLN C 165 15.94 -8.60 0.30
CA GLN C 165 16.58 -9.81 -0.20
C GLN C 165 17.93 -10.06 0.48
N PHE C 166 18.76 -9.04 0.65
CA PHE C 166 20.10 -9.13 1.23
C PHE C 166 20.12 -9.71 2.63
N GLN C 167 19.15 -9.37 3.48
CA GLN C 167 19.09 -9.84 4.88
C GLN C 167 18.90 -11.35 5.00
N PHE C 168 18.62 -12.04 3.89
CA PHE C 168 18.58 -13.50 3.76
C PHE C 168 19.69 -14.08 2.86
N LYS C 169 20.34 -13.28 2.00
CA LYS C 169 21.57 -13.63 1.28
C LYS C 169 22.75 -13.80 2.25
N VAL C 170 22.75 -13.08 3.36
CA VAL C 170 23.76 -13.18 4.43
C VAL C 170 23.11 -13.59 5.75
N LYS C 171 23.87 -14.31 6.60
CA LYS C 171 23.38 -14.79 7.90
C LYS C 171 23.11 -13.63 8.85
N ARG C 172 22.19 -13.82 9.80
CA ARG C 172 21.63 -12.72 10.60
C ARG C 172 22.68 -11.96 11.39
N GLU C 173 23.69 -12.64 11.90
CA GLU C 173 24.84 -12.03 12.56
C GLU C 173 25.59 -11.00 11.69
N ASN C 174 25.40 -10.99 10.37
CA ASN C 174 26.10 -10.13 9.44
C ASN C 174 25.30 -8.93 8.95
N PHE C 175 24.00 -8.84 9.19
CA PHE C 175 23.17 -7.73 8.72
C PHE C 175 22.26 -7.22 9.82
N CYS C 176 22.21 -5.90 9.98
CA CYS C 176 21.44 -5.21 11.01
C CYS C 176 20.88 -3.90 10.44
N ASN C 177 19.69 -3.47 10.85
CA ASN C 177 19.05 -2.27 10.33
C ASN C 177 18.68 -1.31 11.46
N ILE C 178 19.12 -0.05 11.34
CA ILE C 178 18.77 1.07 12.22
C ILE C 178 17.79 1.94 11.49
N HIS C 179 16.68 2.32 12.11
CA HIS C 179 15.76 3.30 11.53
C HIS C 179 15.76 4.58 12.32
N VAL C 180 16.05 5.70 11.65
CA VAL C 180 16.14 7.03 12.25
C VAL C 180 14.87 7.80 11.88
N SER C 181 14.07 8.16 12.88
CA SER C 181 12.74 8.75 12.67
C SER C 181 12.53 9.99 13.53
N LEU C 182 11.64 10.88 13.12
CA LEU C 182 11.30 12.07 13.88
C LEU C 182 10.22 11.76 14.91
N VAL C 183 10.38 12.25 16.12
CA VAL C 183 9.31 12.38 17.11
C VAL C 183 9.04 13.87 17.34
N PRO C 184 8.09 14.48 16.61
CA PRO C 184 7.78 15.89 16.79
C PRO C 184 7.15 16.18 18.15
N GLN C 185 7.28 17.43 18.61
CA GLN C 185 6.70 17.94 19.86
C GLN C 185 6.15 19.35 19.65
N PRO C 186 4.93 19.51 19.12
CA PRO C 186 4.34 20.80 18.81
C PRO C 186 4.13 21.70 20.04
N SER C 187 4.34 23.01 19.85
CA SER C 187 4.24 24.02 20.92
C SER C 187 2.86 24.08 21.57
N SER C 188 1.79 23.86 20.80
CA SER C 188 0.39 23.95 21.27
C SER C 188 -0.02 22.89 22.31
N THR C 189 0.75 21.80 22.43
CA THR C 189 0.34 20.60 23.18
C THR C 189 1.45 20.09 24.10
N GLY C 190 2.71 20.09 23.64
CA GLY C 190 3.85 19.61 24.43
C GLY C 190 3.93 18.09 24.62
N GLU C 191 2.96 17.30 24.15
CA GLU C 191 3.17 15.87 23.94
C GLU C 191 4.24 15.68 22.84
N GLN C 192 5.19 14.79 23.08
CA GLN C 192 5.96 14.16 22.02
C GLN C 192 5.05 13.18 21.30
N LYS C 193 4.85 13.35 19.99
CA LYS C 193 3.90 12.57 19.20
C LYS C 193 4.64 11.50 18.42
N THR C 194 4.32 10.24 18.67
CA THR C 194 5.02 9.08 18.12
C THR C 194 4.40 8.51 16.86
N LYS C 195 3.18 8.91 16.50
CA LYS C 195 2.47 8.46 15.31
C LYS C 195 3.30 8.44 14.02
N PRO C 196 4.06 9.48 13.66
CA PRO C 196 4.83 9.43 12.42
C PRO C 196 5.95 8.40 12.48
N THR C 197 6.54 8.14 13.65
CA THR C 197 7.48 7.03 13.83
C THR C 197 6.80 5.67 13.73
N GLN C 198 5.58 5.52 14.27
CA GLN C 198 4.82 4.28 14.12
C GLN C 198 4.51 3.99 12.65
N ASN C 199 4.03 4.99 11.91
CA ASN C 199 3.76 4.87 10.49
C ASN C 199 5.02 4.60 9.67
N SER C 200 6.15 5.16 10.07
CA SER C 200 7.42 4.99 9.40
C SER C 200 8.02 3.60 9.62
N VAL C 201 7.93 3.06 10.84
CA VAL C 201 8.30 1.68 11.14
C VAL C 201 7.33 0.71 10.46
N ARG C 202 6.04 1.03 10.39
CA ARG C 202 5.04 0.22 9.70
C ARG C 202 5.24 0.21 8.19
N GLU C 203 5.70 1.31 7.58
CA GLU C 203 6.14 1.34 6.20
C GLU C 203 7.41 0.51 5.97
N LEU C 204 8.43 0.67 6.80
CA LEU C 204 9.67 -0.10 6.71
C LEU C 204 9.39 -1.61 6.89
N ARG C 205 8.55 -1.99 7.87
CA ARG C 205 8.06 -3.37 8.04
C ARG C 205 7.26 -3.86 6.86
N GLY C 206 6.42 -3.01 6.28
CA GLY C 206 5.64 -3.33 5.10
C GLY C 206 6.45 -3.51 3.82
N LEU C 207 7.60 -2.86 3.72
CA LEU C 207 8.58 -3.08 2.66
C LEU C 207 9.53 -4.24 2.97
N GLY C 208 9.37 -4.89 4.12
CA GLY C 208 10.01 -6.15 4.49
C GLY C 208 11.29 -6.03 5.30
N LEU C 209 11.56 -4.91 5.94
CA LEU C 209 12.67 -4.77 6.89
C LEU C 209 12.13 -4.58 8.30
N SER C 210 12.62 -5.34 9.28
CA SER C 210 12.32 -5.13 10.70
C SER C 210 13.45 -4.30 11.31
N PRO C 211 13.20 -3.10 11.86
CA PRO C 211 14.27 -2.27 12.42
C PRO C 211 14.83 -2.90 13.69
N ASP C 212 16.12 -3.18 13.69
CA ASP C 212 16.85 -3.70 14.84
C ASP C 212 17.11 -2.64 15.90
N LEU C 213 17.16 -1.36 15.55
CA LEU C 213 17.07 -0.21 16.45
C LEU C 213 16.11 0.81 15.86
N VAL C 214 15.32 1.45 16.72
CA VAL C 214 14.59 2.67 16.35
C VAL C 214 15.23 3.84 17.07
N VAL C 215 15.78 4.76 16.29
CA VAL C 215 16.45 5.95 16.78
C VAL C 215 15.52 7.12 16.58
N CYS C 216 14.87 7.53 17.66
CA CYS C 216 13.96 8.66 17.71
C CYS C 216 14.74 9.96 17.80
N ARG C 217 14.55 10.82 16.81
CA ARG C 217 15.13 12.16 16.75
C ARG C 217 14.10 13.15 17.25
N CYS C 218 14.40 13.83 18.34
CA CYS C 218 13.49 14.77 18.99
C CYS C 218 14.27 15.96 19.53
N SER C 219 13.63 17.10 19.81
CA SER C 219 14.40 18.27 20.27
C SER C 219 14.95 18.10 21.69
N ASN C 220 14.22 17.44 22.58
CA ASN C 220 14.62 17.14 23.96
C ASN C 220 14.19 15.70 24.32
N PRO C 221 14.81 15.07 25.35
CA PRO C 221 14.75 13.63 25.58
C PRO C 221 13.33 13.06 25.69
N LEU C 222 13.14 11.80 25.30
CA LEU C 222 11.84 11.14 25.44
C LEU C 222 11.45 10.96 26.91
N ASP C 223 10.19 11.23 27.22
CA ASP C 223 9.58 10.72 28.45
C ASP C 223 9.48 9.18 28.40
N THR C 224 9.62 8.48 29.52
CA THR C 224 9.58 7.02 29.53
C THR C 224 8.26 6.48 28.99
N SER C 225 7.15 7.18 29.21
CA SER C 225 5.85 6.81 28.64
C SER C 225 5.85 6.84 27.12
N VAL C 226 6.51 7.83 26.53
CA VAL C 226 6.63 7.98 25.08
C VAL C 226 7.55 6.92 24.51
N LYS C 227 8.67 6.60 25.18
CA LYS C 227 9.55 5.49 24.79
C LYS C 227 8.84 4.13 24.92
N GLU C 228 8.04 3.89 25.94
CA GLU C 228 7.23 2.68 26.04
C GLU C 228 6.12 2.62 24.99
N LYS C 229 5.46 3.73 24.64
CA LYS C 229 4.46 3.75 23.55
C LYS C 229 5.10 3.37 22.22
N ILE C 230 6.30 3.86 21.92
CA ILE C 230 7.02 3.47 20.71
C ILE C 230 7.23 1.96 20.71
N SER C 231 7.68 1.38 21.81
CA SER C 231 7.85 -0.07 21.95
C SER C 231 6.61 -0.89 21.66
N MET C 232 5.44 -0.52 22.21
CA MET C 232 4.18 -1.22 21.97
C MET C 232 3.82 -1.27 20.48
N PHE C 233 3.75 -0.09 19.83
CA PHE C 233 3.26 0.07 18.47
C PHE C 233 4.30 -0.24 17.37
N CYS C 234 5.59 -0.02 17.62
CA CYS C 234 6.69 -0.32 16.69
C CYS C 234 7.24 -1.75 16.85
N HIS C 235 6.73 -2.51 17.82
CA HIS C 235 7.07 -3.92 18.04
C HIS C 235 8.58 -4.15 18.30
N VAL C 236 9.13 -3.32 19.17
CA VAL C 236 10.56 -3.21 19.48
C VAL C 236 10.75 -3.13 21.01
N GLU C 237 11.73 -3.83 21.56
CA GLU C 237 11.96 -3.93 23.02
C GLU C 237 12.39 -2.57 23.64
N PRO C 238 11.98 -2.19 24.87
CA PRO C 238 12.31 -0.88 25.43
C PRO C 238 13.77 -0.40 25.36
N GLU C 239 14.76 -1.28 25.51
CA GLU C 239 16.19 -0.93 25.40
C GLU C 239 16.66 -0.75 23.94
N GLN C 240 15.81 -1.11 23.01
CA GLN C 240 16.02 -1.11 21.56
C GLN C 240 15.43 0.16 20.87
N VAL C 241 14.80 1.04 21.64
CA VAL C 241 14.40 2.41 21.26
C VAL C 241 15.38 3.41 21.87
N ILE C 242 16.02 4.20 21.02
CA ILE C 242 17.06 5.18 21.36
C ILE C 242 16.48 6.59 21.15
N CYS C 243 16.71 7.55 22.04
CA CYS C 243 16.51 8.96 21.69
C CYS C 243 17.84 9.64 21.44
N VAL C 244 17.91 10.35 20.34
CA VAL C 244 19.00 11.26 20.02
C VAL C 244 18.42 12.67 20.01
N HIS C 245 18.45 13.28 21.18
CA HIS C 245 17.97 14.65 21.36
C HIS C 245 18.95 15.68 20.78
N ASP C 246 18.56 16.95 20.67
CA ASP C 246 19.49 18.00 20.22
C ASP C 246 20.67 18.15 21.20
N VAL C 247 21.91 17.95 20.74
CA VAL C 247 23.14 18.08 21.53
C VAL C 247 23.89 19.38 21.23
N SER C 248 24.82 19.76 22.12
CA SER C 248 25.62 21.00 21.98
C SER C 248 26.58 20.98 20.80
N SER C 249 27.18 19.83 20.49
CA SER C 249 27.91 19.57 19.25
C SER C 249 27.80 18.10 18.84
N ILE C 250 28.05 17.79 17.57
CA ILE C 250 27.88 16.42 17.06
C ILE C 250 28.82 15.39 17.71
N TYR C 251 29.88 15.84 18.39
CA TYR C 251 30.79 14.98 19.14
C TYR C 251 30.11 14.30 20.34
N ARG C 252 28.99 14.85 20.82
CA ARG C 252 28.15 14.20 21.82
C ARG C 252 27.22 13.13 21.28
N VAL C 253 27.03 12.96 19.96
CA VAL C 253 26.16 11.91 19.43
C VAL C 253 26.72 10.49 19.62
N PRO C 254 27.99 10.17 19.35
CA PRO C 254 28.55 8.86 19.69
C PRO C 254 28.41 8.49 21.18
N LEU C 255 28.54 9.49 22.05
CA LEU C 255 28.43 9.37 23.50
C LEU C 255 26.98 9.24 23.97
N LEU C 256 26.06 9.92 23.30
CA LEU C 256 24.62 9.79 23.49
C LEU C 256 24.13 8.39 23.09
N LEU C 257 24.59 7.87 21.94
CA LEU C 257 24.35 6.48 21.56
C LEU C 257 25.02 5.47 22.52
N GLU C 258 26.19 5.76 23.07
CA GLU C 258 26.82 4.95 24.13
C GLU C 258 26.02 4.94 25.44
N GLU C 259 25.51 6.08 25.93
CA GLU C 259 24.61 6.15 27.09
C GLU C 259 23.32 5.36 26.85
N GLN C 260 22.70 5.53 25.69
CA GLN C 260 21.50 4.82 25.25
C GLN C 260 21.77 3.33 24.97
N GLY C 261 23.04 2.92 24.92
CA GLY C 261 23.49 1.55 25.00
C GLY C 261 23.76 0.83 23.69
N VAL C 262 23.91 1.49 22.55
CA VAL C 262 24.05 0.79 21.26
C VAL C 262 25.32 -0.07 21.14
N VAL C 263 26.40 0.25 21.84
CA VAL C 263 27.62 -0.58 21.83
C VAL C 263 27.34 -1.98 22.40
N ASP C 264 26.66 -2.05 23.55
CA ASP C 264 26.22 -3.28 24.18
C ASP C 264 25.13 -4.00 23.38
N TYR C 265 24.51 -3.31 22.42
CA TYR C 265 23.65 -3.90 21.41
C TYR C 265 24.42 -4.50 20.24
N PHE C 266 25.24 -3.75 19.50
CA PHE C 266 25.95 -4.30 18.34
C PHE C 266 26.89 -5.44 18.69
N LEU C 267 27.49 -5.45 19.88
CA LEU C 267 28.35 -6.56 20.27
C LEU C 267 27.59 -7.89 20.41
N ARG C 268 26.30 -7.88 20.81
CA ARG C 268 25.49 -9.11 20.84
C ARG C 268 24.69 -9.34 19.55
N ARG C 269 24.37 -8.27 18.79
CA ARG C 269 23.59 -8.35 17.56
C ARG C 269 24.41 -8.76 16.33
N LEU C 270 25.69 -8.43 16.27
CA LEU C 270 26.55 -8.66 15.11
C LEU C 270 27.68 -9.68 15.33
N ASP C 271 27.65 -10.47 16.42
CA ASP C 271 28.68 -11.47 16.77
C ASP C 271 30.11 -10.91 16.74
N LEU C 272 30.33 -9.79 17.43
CA LEU C 272 31.60 -9.06 17.45
C LEU C 272 32.48 -9.47 18.64
N PRO C 273 33.82 -9.34 18.55
CA PRO C 273 34.77 -9.66 19.62
C PRO C 273 34.38 -9.12 21.00
N LYS C 280 38.35 2.37 23.87
CA LYS C 280 38.78 3.44 24.67
C LYS C 280 38.47 4.77 23.96
N MET C 281 38.46 4.76 22.62
CA MET C 281 38.55 5.97 21.80
C MET C 281 37.36 6.95 21.89
N LEU C 282 36.22 6.52 22.44
CA LEU C 282 35.12 7.41 22.81
C LEU C 282 35.53 8.48 23.82
N MET C 283 36.60 8.27 24.57
CA MET C 283 37.20 9.25 25.47
C MET C 283 37.66 10.52 24.75
N LYS C 284 38.15 10.45 23.51
CA LYS C 284 38.58 11.65 22.77
C LYS C 284 37.40 12.48 22.29
N TRP C 285 36.31 11.84 21.89
CA TRP C 285 35.03 12.51 21.65
C TRP C 285 34.46 13.11 22.94
N LYS C 286 34.58 12.42 24.08
CA LYS C 286 34.20 12.92 25.40
C LYS C 286 35.01 14.16 25.75
N GLU C 287 36.33 14.14 25.61
CA GLU C 287 37.18 15.27 25.89
C GLU C 287 36.85 16.45 24.98
N MET C 288 36.78 16.24 23.67
CA MET C 288 36.45 17.29 22.70
C MET C 288 35.11 17.94 22.99
N ALA C 289 34.08 17.14 23.27
CA ALA C 289 32.77 17.65 23.63
C ALA C 289 32.79 18.46 24.93
N ASP C 290 33.50 17.98 25.95
CA ASP C 290 33.66 18.71 27.20
C ASP C 290 34.53 19.97 27.04
N ARG C 291 35.54 20.00 26.18
CA ARG C 291 36.28 21.23 25.86
C ARG C 291 35.39 22.25 25.16
N TYR C 292 34.66 21.83 24.13
CA TYR C 292 33.75 22.68 23.38
C TYR C 292 32.70 23.34 24.27
N ASP C 293 32.15 22.62 25.25
CA ASP C 293 31.23 23.18 26.24
C ASP C 293 31.91 24.15 27.21
N ARG C 294 33.16 23.89 27.61
CA ARG C 294 33.94 24.74 28.51
C ARG C 294 34.45 26.04 27.86
N LEU C 295 34.76 26.05 26.56
CA LEU C 295 35.39 27.21 25.91
C LEU C 295 34.55 28.48 26.06
N LEU C 296 35.21 29.63 26.22
CA LEU C 296 34.58 30.83 26.79
C LEU C 296 34.91 32.17 26.13
N GLU C 297 36.05 32.30 25.45
CA GLU C 297 36.40 33.54 24.73
C GLU C 297 36.35 33.32 23.20
N THR C 298 35.79 34.29 22.48
CA THR C 298 35.49 34.12 21.06
C THR C 298 36.66 34.45 20.15
N CYS C 299 36.61 33.90 18.97
CA CYS C 299 37.21 34.38 17.74
C CYS C 299 36.07 34.55 16.75
N SER C 300 36.19 35.45 15.77
CA SER C 300 35.19 35.59 14.73
C SER C 300 35.80 35.67 13.35
N ILE C 301 35.34 34.81 12.45
CA ILE C 301 35.71 34.81 11.04
C ILE C 301 34.52 35.32 10.24
N ALA C 302 34.78 36.25 9.34
CA ALA C 302 33.84 36.61 8.28
C ALA C 302 33.92 35.54 7.19
N LEU C 303 32.81 34.86 6.92
CA LEU C 303 32.69 33.99 5.75
C LEU C 303 32.05 34.75 4.61
N VAL C 304 32.82 35.07 3.59
CA VAL C 304 32.40 35.88 2.44
C VAL C 304 31.88 34.95 1.34
N GLY C 305 30.70 34.42 1.62
CA GLY C 305 30.08 33.38 0.85
C GLY C 305 29.24 33.91 -0.31
N LYS C 306 29.21 33.16 -1.41
CA LYS C 306 28.21 33.30 -2.47
C LYS C 306 26.91 32.62 -2.05
N TYR C 307 27.00 31.39 -1.59
CA TYR C 307 25.85 30.51 -1.37
C TYR C 307 25.22 30.65 0.02
N THR C 308 25.24 31.84 0.62
CA THR C 308 24.98 32.08 2.06
C THR C 308 23.53 31.85 2.51
N LYS C 309 22.59 31.53 1.60
CA LYS C 309 21.20 31.23 1.96
C LYS C 309 21.07 30.11 2.99
N PHE C 310 21.93 29.09 2.94
CA PHE C 310 21.85 27.91 3.80
C PHE C 310 23.21 27.52 4.41
N SER C 311 23.21 27.10 5.67
CA SER C 311 24.42 26.67 6.41
C SER C 311 25.12 25.47 5.77
N ASP C 312 24.35 24.54 5.21
CA ASP C 312 24.84 23.26 4.66
C ASP C 312 25.62 23.46 3.35
N SER C 313 25.53 24.64 2.76
CA SER C 313 26.25 25.03 1.55
C SER C 313 27.73 25.32 1.76
N TYR C 314 28.16 25.42 3.01
CA TYR C 314 29.55 25.57 3.43
C TYR C 314 29.90 24.54 4.52
N ALA C 315 29.31 23.35 4.48
CA ALA C 315 29.37 22.38 5.56
C ALA C 315 30.80 21.97 5.96
N SER C 316 31.66 21.56 5.01
CA SER C 316 33.03 21.18 5.33
C SER C 316 33.89 22.38 5.73
N VAL C 317 33.57 23.57 5.23
CA VAL C 317 34.24 24.82 5.62
C VAL C 317 33.94 25.19 7.06
N ILE C 318 32.67 25.08 7.47
CA ILE C 318 32.27 25.34 8.85
C ILE C 318 32.90 24.32 9.77
N LYS C 319 32.95 23.04 9.39
CA LYS C 319 33.68 22.04 10.17
C LYS C 319 35.18 22.30 10.23
N ALA C 320 35.84 22.71 9.16
CA ALA C 320 37.25 23.08 9.20
C ALA C 320 37.54 24.32 10.08
N LEU C 321 36.64 25.30 10.13
CA LEU C 321 36.75 26.43 11.04
C LEU C 321 36.53 26.00 12.49
N GLU C 322 35.57 25.12 12.77
CA GLU C 322 35.33 24.58 14.10
C GLU C 322 36.45 23.66 14.60
N HIS C 323 37.10 22.90 13.73
CA HIS C 323 38.26 22.08 14.10
C HIS C 323 39.43 22.95 14.50
N SER C 324 39.64 24.04 13.76
CA SER C 324 40.70 24.99 13.99
C SER C 324 40.45 25.81 15.26
N ALA C 325 39.22 26.26 15.49
CA ALA C 325 38.84 26.95 16.70
C ALA C 325 38.95 26.07 17.95
N LEU C 326 38.60 24.78 17.87
CA LEU C 326 38.79 23.84 18.98
C LEU C 326 40.27 23.52 19.22
N ALA C 327 41.11 23.50 18.18
CA ALA C 327 42.56 23.37 18.33
C ALA C 327 43.23 24.62 18.95
N ILE C 328 42.79 25.83 18.61
CA ILE C 328 43.25 27.07 19.26
C ILE C 328 42.45 27.45 20.53
N ASN C 329 41.59 26.58 21.03
CA ASN C 329 40.80 26.80 22.25
C ASN C 329 40.04 28.14 22.30
N HIS C 330 39.22 28.42 21.28
CA HIS C 330 38.30 29.57 21.23
C HIS C 330 36.91 29.13 20.82
N LYS C 331 35.86 29.81 21.29
CA LYS C 331 34.56 29.75 20.59
C LYS C 331 34.74 30.38 19.22
N LEU C 332 34.07 29.86 18.20
CA LEU C 332 34.04 30.39 16.84
C LEU C 332 32.68 31.04 16.56
N GLU C 333 32.69 32.30 16.18
CA GLU C 333 31.53 33.01 15.66
C GLU C 333 31.73 33.25 14.16
N ILE C 334 31.13 32.41 13.33
CA ILE C 334 31.17 32.64 11.88
C ILE C 334 30.14 33.72 11.56
N LYS C 335 30.61 34.90 11.19
CA LYS C 335 29.76 35.94 10.63
C LYS C 335 29.50 35.60 9.16
N TYR C 336 28.37 34.99 8.86
CA TYR C 336 27.95 34.69 7.50
C TYR C 336 27.55 35.97 6.75
N ILE C 337 28.27 36.29 5.68
CA ILE C 337 28.02 37.46 4.83
C ILE C 337 27.67 36.96 3.43
N ASP C 338 26.52 37.36 2.88
CA ASP C 338 26.25 37.21 1.44
C ASP C 338 27.10 38.24 0.71
N SER C 339 28.06 37.77 -0.06
CA SER C 339 29.02 38.60 -0.76
C SER C 339 28.38 39.65 -1.69
N ALA C 340 27.20 39.37 -2.26
CA ALA C 340 26.48 40.36 -3.06
C ALA C 340 26.13 41.64 -2.29
N ASP C 341 25.98 41.57 -0.97
CA ASP C 341 25.71 42.73 -0.14
C ASP C 341 26.94 43.63 0.06
N LEU C 342 28.16 43.14 -0.12
CA LEU C 342 29.38 43.96 -0.12
C LEU C 342 29.57 44.76 -1.42
N GLU C 343 28.83 44.45 -2.48
CA GLU C 343 28.93 45.06 -3.80
C GLU C 343 28.45 46.53 -3.77
N PRO C 344 29.18 47.49 -4.37
CA PRO C 344 28.81 48.90 -4.27
C PRO C 344 27.46 49.22 -4.98
N ILE C 345 26.97 48.34 -5.84
CA ILE C 345 25.63 48.43 -6.45
C ILE C 345 24.53 48.21 -5.41
N THR C 346 24.71 47.34 -4.41
CA THR C 346 23.76 47.16 -3.30
C THR C 346 23.56 48.45 -2.51
N SER C 347 24.63 49.23 -2.31
CA SER C 347 24.57 50.49 -1.56
C SER C 347 23.62 51.53 -2.18
N GLN C 348 23.35 51.43 -3.48
CA GLN C 348 22.48 52.35 -4.23
C GLN C 348 20.97 52.08 -4.00
N GLU C 349 20.58 50.92 -3.47
CA GLU C 349 19.17 50.49 -3.44
C GLU C 349 18.76 49.60 -2.25
N GLU C 350 19.71 48.92 -1.63
CA GLU C 350 19.53 48.06 -0.45
C GLU C 350 20.57 48.45 0.64
N PRO C 351 20.63 49.73 1.07
CA PRO C 351 21.73 50.21 1.88
C PRO C 351 21.76 49.57 3.27
N VAL C 352 20.63 49.13 3.82
CA VAL C 352 20.63 48.39 5.09
C VAL C 352 21.31 47.03 4.97
N ARG C 353 21.19 46.33 3.83
CA ARG C 353 21.99 45.13 3.56
C ARG C 353 23.47 45.48 3.41
N TYR C 354 23.81 46.53 2.65
CA TYR C 354 25.19 46.93 2.46
C TYR C 354 25.88 47.27 3.79
N HIS C 355 25.27 48.09 4.63
CA HIS C 355 25.86 48.43 5.92
C HIS C 355 25.85 47.27 6.92
N GLU C 356 24.86 46.37 6.92
CA GLU C 356 24.92 45.15 7.74
C GLU C 356 26.11 44.26 7.37
N ALA C 357 26.31 44.00 6.08
CA ALA C 357 27.43 43.20 5.57
C ALA C 357 28.79 43.81 5.93
N TRP C 358 28.95 45.12 5.77
CA TRP C 358 30.17 45.81 6.14
C TRP C 358 30.38 45.95 7.65
N GLN C 359 29.34 46.06 8.45
CA GLN C 359 29.45 46.01 9.90
C GLN C 359 29.96 44.62 10.35
N LYS C 360 29.41 43.54 9.78
CA LYS C 360 29.88 42.16 10.00
C LYS C 360 31.33 41.96 9.56
N LEU C 361 31.70 42.41 8.36
CA LEU C 361 33.04 42.22 7.82
C LEU C 361 34.09 43.00 8.61
N CYS C 362 33.77 44.20 9.07
CA CYS C 362 34.72 45.03 9.83
C CYS C 362 34.90 44.54 11.28
N SER C 363 33.85 44.03 11.90
CA SER C 363 33.90 43.46 13.25
C SER C 363 34.45 42.03 13.33
N ALA C 364 34.71 41.38 12.20
CA ALA C 364 35.42 40.10 12.14
C ALA C 364 36.92 40.25 12.45
N HIS C 365 37.49 39.25 13.12
CA HIS C 365 38.91 39.18 13.48
C HIS C 365 39.79 38.66 12.34
N GLY C 366 39.22 37.95 11.39
CA GLY C 366 39.84 37.47 10.16
C GLY C 366 38.78 37.12 9.14
N VAL C 367 39.16 36.89 7.88
CA VAL C 367 38.19 36.68 6.79
C VAL C 367 38.55 35.45 5.96
N LEU C 368 37.52 34.69 5.57
CA LEU C 368 37.61 33.56 4.65
C LEU C 368 36.77 33.87 3.41
N VAL C 369 37.41 33.85 2.24
CA VAL C 369 36.73 33.86 0.95
C VAL C 369 36.75 32.42 0.43
N PRO C 370 35.65 31.64 0.57
CA PRO C 370 35.59 30.26 0.13
C PRO C 370 35.43 30.16 -1.38
N GLY C 371 35.59 28.93 -1.89
CA GLY C 371 35.43 28.59 -3.29
C GLY C 371 34.02 28.77 -3.84
N GLY C 372 33.90 28.72 -5.17
CA GLY C 372 32.64 28.82 -5.89
C GLY C 372 32.83 28.88 -7.40
N PHE C 373 31.74 29.10 -8.13
CA PHE C 373 31.70 29.18 -9.59
C PHE C 373 30.75 30.30 -10.07
N GLY C 374 31.05 30.94 -11.20
CA GLY C 374 30.21 31.92 -11.88
C GLY C 374 30.15 33.32 -11.23
N VAL C 375 29.78 34.33 -12.02
CA VAL C 375 29.95 35.76 -11.67
C VAL C 375 29.29 36.17 -10.35
N ARG C 376 28.03 35.80 -10.09
CA ARG C 376 27.23 36.42 -9.01
C ARG C 376 27.94 36.39 -7.66
N GLY C 377 28.12 37.54 -7.02
CA GLY C 377 28.84 37.67 -5.74
C GLY C 377 30.34 37.90 -5.85
N THR C 378 30.98 37.71 -7.01
CA THR C 378 32.43 37.88 -7.22
C THR C 378 32.95 39.26 -6.85
N GLU C 379 32.25 40.33 -7.22
CA GLU C 379 32.71 41.69 -6.90
C GLU C 379 32.70 41.96 -5.39
N GLY C 380 31.79 41.38 -4.63
CA GLY C 380 31.83 41.40 -3.17
C GLY C 380 32.99 40.61 -2.55
N LYS C 381 33.41 39.52 -3.18
CA LYS C 381 34.57 38.74 -2.73
C LYS C 381 35.82 39.57 -2.97
N ILE C 382 35.96 40.23 -4.12
CA ILE C 382 37.02 41.20 -4.41
C ILE C 382 36.98 42.37 -3.41
N GLN C 383 35.79 42.90 -3.08
CA GLN C 383 35.66 43.96 -2.06
C GLN C 383 36.25 43.53 -0.71
N ALA C 384 35.96 42.30 -0.26
CA ALA C 384 36.45 41.80 1.01
C ALA C 384 37.94 41.51 1.01
N ILE C 385 38.52 41.08 -0.11
CA ILE C 385 39.98 40.87 -0.21
C ILE C 385 40.72 42.21 -0.16
N ALA C 386 40.17 43.26 -0.79
CA ALA C 386 40.70 44.60 -0.73
C ALA C 386 40.65 45.16 0.69
N TRP C 387 39.55 44.95 1.41
CA TRP C 387 39.48 45.25 2.83
C TRP C 387 40.58 44.53 3.62
N ALA C 388 40.72 43.21 3.43
CA ALA C 388 41.69 42.41 4.15
C ALA C 388 43.13 42.85 3.88
N ARG C 389 43.49 43.22 2.64
CA ARG C 389 44.81 43.80 2.38
C ARG C 389 44.98 45.13 3.11
N ASN C 390 44.09 46.08 2.86
CA ASN C 390 44.31 47.46 3.31
C ASN C 390 44.22 47.60 4.83
N GLN C 391 43.27 46.92 5.47
CA GLN C 391 43.09 46.90 6.92
C GLN C 391 44.03 45.91 7.64
N LYS C 392 44.87 45.16 6.89
CA LYS C 392 45.79 44.12 7.40
C LYS C 392 45.12 42.96 8.19
N LYS C 393 43.82 42.71 8.02
CA LYS C 393 43.08 41.59 8.65
C LYS C 393 43.51 40.24 8.04
N PRO C 394 43.77 39.18 8.83
CA PRO C 394 44.13 37.86 8.32
C PRO C 394 43.14 37.31 7.30
N PHE C 395 43.66 36.71 6.24
CA PHE C 395 42.89 36.29 5.08
C PHE C 395 43.23 34.87 4.64
N LEU C 396 42.21 34.06 4.41
CA LEU C 396 42.33 32.82 3.66
C LEU C 396 41.42 32.90 2.42
N GLY C 397 41.98 32.72 1.22
CA GLY C 397 41.26 32.61 -0.02
C GLY C 397 41.33 31.18 -0.53
N VAL C 398 40.19 30.51 -0.68
CA VAL C 398 40.14 29.12 -1.09
C VAL C 398 39.64 29.02 -2.51
N CYS C 399 40.43 28.42 -3.37
CA CYS C 399 40.17 28.17 -4.78
C CYS C 399 39.83 29.45 -5.54
N LEU C 400 38.54 29.77 -5.66
CA LEU C 400 38.07 31.06 -6.16
C LEU C 400 38.68 32.24 -5.37
N GLY C 401 38.90 32.08 -4.07
CA GLY C 401 39.50 33.13 -3.26
C GLY C 401 40.98 33.39 -3.54
N MET C 402 41.75 32.41 -4.02
CA MET C 402 43.10 32.63 -4.54
C MET C 402 43.07 33.36 -5.88
N GLN C 403 42.19 32.93 -6.79
CA GLN C 403 42.01 33.56 -8.09
C GLN C 403 41.60 35.02 -7.94
N LEU C 404 40.63 35.30 -7.07
CA LEU C 404 40.23 36.66 -6.78
C LEU C 404 41.23 37.45 -5.95
N ALA C 405 42.15 36.83 -5.22
CA ALA C 405 43.28 37.56 -4.64
C ALA C 405 44.25 38.01 -5.72
N VAL C 406 44.51 37.19 -6.74
CA VAL C 406 45.35 37.57 -7.86
C VAL C 406 44.70 38.65 -8.73
N VAL C 407 43.38 38.61 -8.90
CA VAL C 407 42.61 39.70 -9.54
C VAL C 407 42.67 40.98 -8.73
N GLU C 408 42.39 40.93 -7.43
CA GLU C 408 42.45 42.08 -6.53
C GLU C 408 43.83 42.75 -6.53
N PHE C 409 44.88 41.97 -6.37
CA PHE C 409 46.24 42.51 -6.40
C PHE C 409 46.57 43.15 -7.76
N SER C 410 46.03 42.59 -8.85
CA SER C 410 46.12 43.23 -10.16
C SER C 410 45.37 44.57 -10.21
N ARG C 411 44.09 44.61 -9.83
CA ARG C 411 43.27 45.84 -9.86
C ARG C 411 43.81 46.97 -8.98
N ASN C 412 44.21 46.66 -7.75
CA ASN C 412 44.51 47.65 -6.70
C ASN C 412 45.97 47.68 -6.20
N VAL C 413 46.86 46.80 -6.66
CA VAL C 413 48.31 46.94 -6.41
C VAL C 413 49.09 47.19 -7.70
N LEU C 414 48.88 46.41 -8.75
CA LEU C 414 49.44 46.74 -10.07
C LEU C 414 48.70 47.92 -10.75
N GLY C 415 47.45 48.16 -10.37
CA GLY C 415 46.62 49.26 -10.88
C GLY C 415 45.92 48.97 -12.20
N TRP C 416 45.86 47.70 -12.60
CA TRP C 416 45.19 47.23 -13.81
C TRP C 416 43.68 47.17 -13.61
N GLN C 417 43.00 48.32 -13.64
CA GLN C 417 41.59 48.45 -13.26
C GLN C 417 40.61 47.58 -14.10
N ASP C 418 41.02 47.12 -15.27
CA ASP C 418 40.26 46.20 -16.12
C ASP C 418 40.48 44.72 -15.80
N ALA C 419 41.45 44.37 -14.94
CA ALA C 419 41.81 43.00 -14.59
C ALA C 419 40.65 42.19 -14.00
N ASN C 420 40.51 40.97 -14.50
CA ASN C 420 39.49 40.01 -14.10
C ASN C 420 39.96 38.58 -14.44
N SER C 421 39.29 37.59 -13.87
CA SER C 421 39.34 36.24 -14.36
C SER C 421 38.56 36.12 -15.66
N THR C 422 39.10 35.39 -16.61
CA THR C 422 38.41 35.02 -17.85
C THR C 422 37.28 34.02 -17.66
N GLU C 423 37.02 33.51 -16.45
CA GLU C 423 35.74 32.88 -16.13
C GLU C 423 34.60 33.90 -16.21
N PHE C 424 34.83 35.11 -15.71
CA PHE C 424 33.80 36.12 -15.45
C PHE C 424 33.69 37.19 -16.54
N ASP C 425 34.81 37.56 -17.17
CA ASP C 425 34.85 38.49 -18.30
C ASP C 425 35.88 38.07 -19.37
N PRO C 426 35.47 37.35 -20.42
CA PRO C 426 36.35 36.92 -21.49
C PRO C 426 36.77 38.07 -22.46
N THR C 427 36.31 39.31 -22.28
CA THR C 427 36.83 40.46 -23.06
C THR C 427 38.15 41.01 -22.51
N THR C 428 38.47 40.67 -21.26
CA THR C 428 39.48 41.31 -20.41
C THR C 428 40.87 41.43 -21.05
N SER C 429 41.43 42.64 -21.10
CA SER C 429 42.89 42.85 -21.19
C SER C 429 43.53 42.77 -19.79
N HIS C 430 44.80 42.39 -19.70
CA HIS C 430 45.39 41.79 -18.50
C HIS C 430 44.60 40.56 -17.96
N PRO C 431 44.38 39.50 -18.76
CA PRO C 431 43.66 38.28 -18.36
C PRO C 431 44.50 37.44 -17.38
N VAL C 432 44.50 37.86 -16.11
CA VAL C 432 45.40 37.32 -15.09
C VAL C 432 45.00 35.92 -14.60
N VAL C 433 43.73 35.53 -14.77
CA VAL C 433 43.26 34.14 -14.53
C VAL C 433 42.59 33.58 -15.78
N VAL C 434 43.00 32.37 -16.17
CA VAL C 434 42.74 31.73 -17.46
C VAL C 434 42.15 30.32 -17.34
N ASP C 435 41.20 29.99 -18.20
CA ASP C 435 40.74 28.62 -18.40
C ASP C 435 41.93 27.74 -18.76
N MET C 436 42.13 26.62 -18.07
CA MET C 436 43.26 25.72 -18.26
C MET C 436 42.92 24.28 -17.83
N PRO C 437 42.25 23.49 -18.68
CA PRO C 437 41.88 22.11 -18.41
C PRO C 437 43.05 21.14 -18.18
N GLU C 438 42.76 19.94 -17.70
CA GLU C 438 43.67 18.78 -17.72
C GLU C 438 43.83 18.19 -19.13
N HIS C 439 44.99 17.57 -19.40
CA HIS C 439 45.30 16.92 -20.68
C HIS C 439 45.78 15.46 -20.47
N ASN C 440 45.09 14.72 -19.59
CA ASN C 440 45.31 13.29 -19.36
C ASN C 440 44.42 12.46 -20.30
N MET C 448 39.68 18.98 -15.98
CA MET C 448 39.68 19.87 -14.82
C MET C 448 40.67 19.38 -13.76
N ARG C 449 41.49 20.26 -13.20
CA ARG C 449 42.43 19.86 -12.14
C ARG C 449 41.48 19.46 -11.00
N LEU C 450 41.03 18.20 -11.00
CA LEU C 450 39.93 17.68 -10.16
C LEU C 450 40.33 16.41 -9.42
N GLY C 451 40.07 16.34 -8.12
CA GLY C 451 40.56 15.30 -7.22
C GLY C 451 41.88 15.64 -6.57
N LYS C 452 42.57 14.66 -6.00
CA LYS C 452 43.89 14.80 -5.38
C LYS C 452 44.97 15.10 -6.40
N ARG C 453 45.86 16.04 -6.09
CA ARG C 453 47.12 16.28 -6.80
C ARG C 453 48.23 16.70 -5.84
N ARG C 454 49.47 16.44 -6.24
CA ARG C 454 50.68 16.89 -5.52
C ARG C 454 50.99 18.35 -5.83
N THR C 455 51.15 19.16 -4.79
CA THR C 455 51.76 20.49 -4.85
C THR C 455 53.18 20.40 -4.30
N LEU C 456 54.14 21.00 -4.99
CA LEU C 456 55.51 21.17 -4.48
C LEU C 456 55.69 22.61 -3.98
N PHE C 457 56.34 22.78 -2.82
CA PHE C 457 56.85 24.09 -2.44
C PHE C 457 58.05 24.51 -3.30
N GLN C 458 58.11 25.78 -3.67
CA GLN C 458 59.20 26.40 -4.43
C GLN C 458 60.13 27.28 -3.57
N THR C 459 59.98 27.23 -2.25
CA THR C 459 60.72 28.05 -1.26
C THR C 459 60.89 27.30 0.05
N LYS C 460 61.88 27.69 0.85
CA LYS C 460 62.12 27.19 2.22
C LYS C 460 61.24 27.85 3.28
N ASN C 461 60.81 29.11 3.07
CA ASN C 461 60.47 30.03 4.17
C ASN C 461 59.06 30.65 4.16
N SER C 462 58.13 30.01 3.45
CA SER C 462 56.71 30.31 3.53
C SER C 462 56.10 29.95 4.88
N VAL C 463 55.20 30.77 5.39
CA VAL C 463 54.44 30.45 6.60
C VAL C 463 53.49 29.27 6.39
N MET C 464 53.04 29.07 5.15
CA MET C 464 52.27 27.88 4.77
C MET C 464 53.13 26.62 4.75
N ARG C 465 54.38 26.67 4.29
CA ARG C 465 55.31 25.53 4.42
C ARG C 465 55.57 25.16 5.88
N LYS C 466 55.70 26.15 6.76
CA LYS C 466 55.81 25.91 8.21
C LYS C 466 54.53 25.37 8.84
N LEU C 467 53.35 25.84 8.45
CA LEU C 467 52.07 25.29 8.91
C LEU C 467 51.84 23.85 8.42
N TYR C 468 52.25 23.51 7.19
CA TYR C 468 52.24 22.14 6.66
C TYR C 468 53.42 21.28 7.17
N GLY C 469 54.16 21.68 8.21
CA GLY C 469 55.17 20.85 8.87
C GLY C 469 56.48 20.67 8.11
N ASP C 470 56.77 21.55 7.15
CA ASP C 470 58.05 21.63 6.43
C ASP C 470 58.48 20.31 5.75
N ALA C 471 57.53 19.65 5.12
CA ALA C 471 57.77 18.71 4.04
C ALA C 471 57.89 19.48 2.71
N ASP C 472 58.63 18.99 1.72
CA ASP C 472 58.82 19.74 0.46
C ASP C 472 57.62 19.63 -0.51
N TYR C 473 56.63 18.82 -0.17
CA TYR C 473 55.39 18.66 -0.91
C TYR C 473 54.21 18.48 0.04
N LEU C 474 53.02 18.66 -0.52
CA LEU C 474 51.72 18.35 0.08
C LEU C 474 50.80 17.75 -1.00
N GLU C 475 49.87 16.89 -0.61
CA GLU C 475 48.87 16.32 -1.50
C GLU C 475 47.46 16.66 -1.01
N GLU C 476 46.71 17.35 -1.85
CA GLU C 476 45.46 18.07 -1.54
C GLU C 476 44.44 17.89 -2.67
N ARG C 477 43.16 18.20 -2.43
CA ARG C 477 42.03 17.97 -3.36
C ARG C 477 41.48 19.25 -3.99
N HIS C 478 41.20 19.20 -5.30
CA HIS C 478 40.79 20.32 -6.16
C HIS C 478 39.42 20.15 -6.85
N ARG C 479 38.70 21.24 -7.14
CA ARG C 479 37.54 21.28 -8.08
C ARG C 479 37.82 21.98 -9.42
N HIS C 480 38.66 23.02 -9.40
CA HIS C 480 38.67 24.12 -10.37
C HIS C 480 38.95 23.81 -11.85
N ARG C 481 38.60 24.77 -12.71
CA ARG C 481 38.88 24.78 -14.17
C ARG C 481 39.83 25.90 -14.63
N PHE C 482 40.13 26.87 -13.77
CA PHE C 482 40.84 28.12 -14.05
C PHE C 482 42.09 28.29 -13.19
N GLU C 483 43.09 29.01 -13.69
CA GLU C 483 44.43 29.12 -13.09
C GLU C 483 45.07 30.50 -13.30
N VAL C 484 46.09 30.80 -12.50
CA VAL C 484 46.87 32.03 -12.63
C VAL C 484 47.77 31.96 -13.87
N ASN C 485 47.68 32.98 -14.72
CA ASN C 485 48.29 33.01 -16.05
C ASN C 485 49.84 33.17 -15.99
N PRO C 486 50.64 32.24 -16.54
CA PRO C 486 52.10 32.29 -16.48
C PRO C 486 52.72 33.42 -17.32
N VAL C 487 51.97 34.05 -18.22
CA VAL C 487 52.37 35.27 -18.91
C VAL C 487 52.39 36.48 -17.97
N TRP C 488 51.53 36.52 -16.95
CA TRP C 488 51.43 37.61 -15.98
C TRP C 488 52.05 37.31 -14.61
N LYS C 489 52.39 36.04 -14.33
CA LYS C 489 53.12 35.58 -13.14
C LYS C 489 54.29 36.49 -12.76
N LYS C 490 55.22 36.78 -13.67
CA LYS C 490 56.39 37.66 -13.37
C LYS C 490 55.96 39.06 -12.92
N CYS C 491 54.95 39.65 -13.56
CA CYS C 491 54.45 41.00 -13.23
C CYS C 491 53.82 41.09 -11.83
N LEU C 492 53.33 39.96 -11.31
CA LEU C 492 52.86 39.82 -9.94
C LEU C 492 54.01 39.54 -8.95
N GLU C 493 55.01 38.75 -9.36
CA GLU C 493 56.19 38.38 -8.59
C GLU C 493 57.23 39.49 -8.41
N GLU C 494 57.37 40.44 -9.35
CA GLU C 494 58.20 41.63 -9.15
C GLU C 494 57.59 42.59 -8.10
N GLN C 495 56.31 42.39 -7.76
CA GLN C 495 55.63 43.02 -6.64
C GLN C 495 55.30 41.97 -5.55
N GLY C 496 54.41 42.27 -4.61
CA GLY C 496 54.25 41.56 -3.34
C GLY C 496 53.72 40.12 -3.29
N LEU C 497 53.23 39.49 -4.38
CA LEU C 497 52.72 38.11 -4.34
C LEU C 497 53.83 37.11 -4.65
N LYS C 498 54.04 36.13 -3.76
CA LYS C 498 54.91 34.98 -3.99
C LYS C 498 54.08 33.70 -4.16
N PHE C 499 54.15 33.09 -5.33
CA PHE C 499 53.55 31.77 -5.58
C PHE C 499 54.41 30.66 -4.98
N VAL C 500 54.29 30.47 -3.67
CA VAL C 500 55.12 29.57 -2.85
C VAL C 500 54.92 28.11 -3.20
N GLY C 501 53.75 27.72 -3.71
CA GLY C 501 53.40 26.34 -4.05
C GLY C 501 52.90 26.22 -5.47
N GLN C 502 53.37 25.21 -6.20
CA GLN C 502 53.12 25.00 -7.63
C GLN C 502 53.03 23.49 -7.95
N ASP C 503 52.52 23.10 -9.13
CA ASP C 503 52.45 21.68 -9.53
C ASP C 503 53.84 21.06 -9.86
N VAL C 504 53.90 19.74 -10.06
CA VAL C 504 55.15 19.02 -10.35
C VAL C 504 55.93 19.54 -11.58
N GLU C 505 55.25 20.06 -12.61
CA GLU C 505 55.86 20.68 -13.79
C GLU C 505 55.96 22.21 -13.69
N GLY C 506 55.42 22.84 -12.64
CA GLY C 506 55.49 24.28 -12.39
C GLY C 506 54.67 25.16 -13.33
N GLU C 507 53.74 24.58 -14.09
CA GLU C 507 52.86 25.32 -15.02
C GLU C 507 51.71 26.02 -14.28
N ARG C 508 51.29 25.51 -13.12
CA ARG C 508 50.14 25.96 -12.32
C ARG C 508 50.53 26.47 -10.94
N MET C 509 49.94 27.59 -10.52
CA MET C 509 50.13 28.16 -9.20
C MET C 509 49.09 27.59 -8.23
N GLU C 510 49.56 26.95 -7.16
CA GLU C 510 48.71 26.17 -6.25
C GLU C 510 48.59 26.82 -4.87
N ILE C 511 49.60 27.56 -4.42
CA ILE C 511 49.60 28.37 -3.20
C ILE C 511 50.24 29.72 -3.49
N VAL C 512 49.63 30.78 -2.98
CA VAL C 512 50.18 32.14 -2.99
C VAL C 512 50.20 32.72 -1.57
N GLU C 513 51.23 33.48 -1.25
CA GLU C 513 51.42 34.23 -0.01
C GLU C 513 51.81 35.67 -0.36
N LEU C 514 51.25 36.67 0.33
CA LEU C 514 51.58 38.09 0.15
C LEU C 514 52.65 38.53 1.17
N GLU C 515 53.64 39.31 0.74
CA GLU C 515 54.65 39.92 1.62
C GLU C 515 54.05 40.99 2.55
N ASP C 516 54.65 41.19 3.73
CA ASP C 516 54.33 42.26 4.67
C ASP C 516 52.83 42.40 5.00
N HIS C 517 52.18 41.25 5.22
CA HIS C 517 50.83 41.11 5.75
C HIS C 517 50.78 40.02 6.84
N PRO C 518 50.07 40.22 7.97
CA PRO C 518 50.01 39.27 9.09
C PRO C 518 49.76 37.81 8.70
N PHE C 519 48.81 37.57 7.79
CA PHE C 519 48.54 36.29 7.17
C PHE C 519 47.61 36.52 5.98
N PHE C 520 48.10 36.36 4.77
CA PHE C 520 47.30 36.52 3.57
C PHE C 520 47.78 35.47 2.59
N VAL C 521 46.96 34.44 2.46
CA VAL C 521 47.27 33.26 1.65
C VAL C 521 46.11 32.91 0.75
N GLY C 522 46.44 32.53 -0.47
CA GLY C 522 45.54 31.87 -1.38
C GLY C 522 45.99 30.43 -1.52
N VAL C 523 45.03 29.52 -1.56
CA VAL C 523 45.22 28.11 -1.91
C VAL C 523 44.29 27.79 -3.05
N GLN C 524 44.75 27.00 -4.01
CA GLN C 524 43.96 26.67 -5.19
C GLN C 524 43.06 25.44 -4.98
N TYR C 525 43.49 24.54 -4.11
CA TYR C 525 42.76 23.38 -3.62
C TYR C 525 41.74 23.76 -2.54
N HIS C 526 41.00 22.78 -2.03
CA HIS C 526 40.04 22.88 -0.93
C HIS C 526 40.60 22.21 0.32
N PRO C 527 41.25 22.93 1.25
CA PRO C 527 41.83 22.34 2.45
C PRO C 527 40.81 21.68 3.38
N GLU C 528 39.56 22.17 3.39
CA GLU C 528 38.51 21.74 4.31
C GLU C 528 38.15 20.25 4.23
N PHE C 529 38.35 19.61 3.08
CA PHE C 529 38.05 18.20 2.89
C PHE C 529 38.99 17.26 3.66
N LEU C 530 40.21 17.71 3.97
CA LEU C 530 41.16 16.95 4.79
C LEU C 530 41.21 17.39 6.26
N SER C 531 40.34 18.30 6.71
CA SER C 531 40.17 18.61 8.13
C SER C 531 39.58 17.41 8.89
N ARG C 532 40.14 17.09 10.06
CA ARG C 532 39.70 16.00 10.93
C ARG C 532 39.56 16.53 12.35
N PRO C 533 38.63 16.07 13.19
CA PRO C 533 38.29 16.74 14.45
C PRO C 533 39.45 17.08 15.38
N ILE C 534 40.48 16.23 15.47
CA ILE C 534 41.72 16.47 16.25
C ILE C 534 42.92 16.96 15.41
N LYS C 535 42.72 17.24 14.12
CA LYS C 535 43.75 17.66 13.17
C LYS C 535 43.17 18.62 12.12
N PRO C 536 43.03 19.92 12.42
CA PRO C 536 42.51 20.89 11.47
C PRO C 536 43.40 21.00 10.24
N SER C 537 42.83 21.46 9.13
CA SER C 537 43.62 21.68 7.93
C SER C 537 44.54 22.90 8.15
N PRO C 538 45.85 22.81 7.87
CA PRO C 538 46.80 23.86 8.20
C PRO C 538 46.41 25.30 7.79
N PRO C 539 45.76 25.57 6.64
CA PRO C 539 45.36 26.91 6.27
C PRO C 539 44.29 27.51 7.19
N TYR C 540 43.34 26.69 7.63
CA TYR C 540 42.27 27.14 8.51
C TYR C 540 42.79 27.33 9.92
N PHE C 541 43.75 26.51 10.34
CA PHE C 541 44.47 26.71 11.59
C PHE C 541 45.31 27.98 11.55
N GLY C 542 46.03 28.24 10.46
CA GLY C 542 46.73 29.50 10.19
C GLY C 542 45.85 30.75 10.29
N LEU C 543 44.66 30.75 9.67
CA LEU C 543 43.70 31.85 9.78
C LEU C 543 43.21 32.07 11.22
N LEU C 544 42.93 31.00 11.95
CA LEU C 544 42.48 31.08 13.33
C LEU C 544 43.60 31.59 14.24
N LEU C 545 44.80 31.02 14.13
CA LEU C 545 46.00 31.50 14.81
C LEU C 545 46.27 32.97 14.52
N ALA C 546 46.23 33.39 13.26
CA ALA C 546 46.52 34.77 12.87
C ALA C 546 45.49 35.74 13.43
N SER C 547 44.20 35.44 13.36
CA SER C 547 43.12 36.32 13.79
C SER C 547 43.07 36.51 15.31
N VAL C 548 43.52 35.53 16.11
CA VAL C 548 43.74 35.70 17.56
C VAL C 548 45.16 36.15 17.93
N GLY C 549 46.02 36.42 16.94
CA GLY C 549 47.39 36.93 17.09
C GLY C 549 48.47 35.88 17.37
N ARG C 550 48.10 34.62 17.63
CA ARG C 550 48.98 33.51 18.01
C ARG C 550 49.83 32.91 16.88
N LEU C 551 49.64 33.28 15.61
CA LEU C 551 50.47 32.75 14.51
C LEU C 551 51.95 33.16 14.61
N SER C 552 52.26 34.31 15.17
CA SER C 552 53.65 34.72 15.42
C SER C 552 54.31 33.85 16.49
N HIS C 553 53.58 33.50 17.55
CA HIS C 553 54.09 32.68 18.66
C HIS C 553 54.31 31.22 18.27
N TYR C 554 53.46 30.66 17.42
CA TYR C 554 53.49 29.29 16.90
C TYR C 554 54.74 28.97 16.06
N LEU C 555 55.28 30.01 15.42
CA LEU C 555 56.52 30.02 14.65
C LEU C 555 57.66 30.49 15.54
N MET D 1 0.79 -25.72 22.33
CA MET D 1 -0.10 -25.74 21.16
C MET D 1 0.70 -25.52 19.90
N LYS D 2 0.29 -26.11 18.78
CA LYS D 2 0.75 -25.76 17.43
C LYS D 2 -0.39 -25.09 16.69
N TYR D 3 -0.10 -24.14 15.82
CA TYR D 3 -1.08 -23.38 15.07
C TYR D 3 -0.68 -23.38 13.60
N ILE D 4 -1.61 -23.67 12.70
CA ILE D 4 -1.37 -23.56 11.26
C ILE D 4 -2.36 -22.58 10.67
N LEU D 5 -1.91 -21.45 10.15
CA LEU D 5 -2.77 -20.48 9.50
C LEU D 5 -2.78 -20.73 7.99
N VAL D 6 -3.95 -21.04 7.44
CA VAL D 6 -4.18 -21.24 6.02
C VAL D 6 -4.83 -19.98 5.47
N THR D 7 -4.15 -19.27 4.58
CA THR D 7 -4.58 -18.01 3.97
C THR D 7 -4.93 -18.20 2.50
N GLY D 8 -5.88 -17.44 1.97
CA GLY D 8 -6.30 -17.50 0.58
C GLY D 8 -5.74 -16.38 -0.26
N GLY D 9 -5.35 -16.71 -1.48
CA GLY D 9 -4.50 -15.84 -2.28
C GLY D 9 -5.20 -14.88 -3.20
N VAL D 10 -5.96 -15.40 -4.17
CA VAL D 10 -6.36 -14.63 -5.36
C VAL D 10 -7.88 -14.61 -5.55
N ILE D 11 -8.55 -15.71 -5.21
CA ILE D 11 -9.99 -15.92 -5.18
C ILE D 11 -10.36 -16.73 -3.92
N SER D 12 -11.58 -16.58 -3.43
CA SER D 12 -12.20 -17.54 -2.49
C SER D 12 -13.06 -18.54 -3.23
N GLY D 13 -13.24 -19.73 -2.69
CA GLY D 13 -13.81 -20.85 -3.40
C GLY D 13 -12.75 -21.56 -4.23
N ILE D 14 -11.52 -21.57 -3.72
CA ILE D 14 -10.31 -22.09 -4.35
C ILE D 14 -9.97 -23.51 -3.93
N GLY D 15 -10.56 -24.02 -2.85
CA GLY D 15 -10.22 -25.30 -2.23
C GLY D 15 -9.48 -25.16 -0.93
N LYS D 16 -9.30 -23.95 -0.43
CA LYS D 16 -8.54 -23.61 0.78
C LYS D 16 -9.09 -24.32 2.01
N GLY D 17 -10.41 -24.55 2.09
CA GLY D 17 -11.06 -25.38 3.10
C GLY D 17 -10.84 -26.88 2.99
N ILE D 18 -10.55 -27.40 1.80
CA ILE D 18 -10.08 -28.78 1.60
C ILE D 18 -8.59 -28.91 1.91
N ILE D 19 -7.75 -27.91 1.63
CA ILE D 19 -6.35 -27.89 2.11
C ILE D 19 -6.29 -27.89 3.64
N ALA D 20 -7.05 -27.01 4.30
CA ALA D 20 -7.13 -26.95 5.75
C ALA D 20 -7.62 -28.26 6.38
N SER D 21 -8.56 -28.94 5.73
CA SER D 21 -9.03 -30.25 6.15
C SER D 21 -8.00 -31.35 5.88
N SER D 22 -7.31 -31.30 4.75
CA SER D 22 -6.31 -32.28 4.36
C SER D 22 -5.10 -32.22 5.27
N VAL D 23 -4.63 -31.02 5.60
CA VAL D 23 -3.59 -30.80 6.60
C VAL D 23 -4.03 -31.37 7.95
N GLY D 24 -5.28 -31.13 8.35
CA GLY D 24 -5.84 -31.76 9.54
C GLY D 24 -5.88 -33.29 9.48
N THR D 25 -6.12 -33.96 8.35
CA THR D 25 -6.01 -35.43 8.23
C THR D 25 -4.58 -35.95 8.23
N ILE D 26 -3.63 -35.19 7.71
CA ILE D 26 -2.21 -35.54 7.75
C ILE D 26 -1.71 -35.52 9.18
N LEU D 27 -2.08 -34.52 9.97
CA LEU D 27 -1.66 -34.40 11.37
C LEU D 27 -2.39 -35.42 12.26
N LYS D 28 -3.67 -35.68 12.01
CA LYS D 28 -4.45 -36.82 12.55
C LYS D 28 -3.77 -38.16 12.26
N SER D 29 -3.19 -38.32 11.07
CA SER D 29 -2.45 -39.53 10.67
C SER D 29 -1.09 -39.64 11.35
N CYS D 30 -0.46 -38.54 11.75
CA CYS D 30 0.69 -38.53 12.66
C CYS D 30 0.31 -38.75 14.13
N GLY D 31 -0.92 -39.18 14.43
CA GLY D 31 -1.41 -39.47 15.78
C GLY D 31 -1.75 -38.25 16.64
N LEU D 32 -1.67 -37.03 16.10
CA LEU D 32 -1.94 -35.80 16.82
C LEU D 32 -3.43 -35.56 16.99
N HIS D 33 -3.84 -34.96 18.10
CA HIS D 33 -5.19 -34.41 18.23
C HIS D 33 -5.27 -33.05 17.53
N VAL D 34 -6.26 -32.86 16.67
CA VAL D 34 -6.40 -31.71 15.77
C VAL D 34 -7.71 -31.01 16.02
N THR D 35 -7.71 -29.69 15.99
CA THR D 35 -8.89 -28.83 16.03
C THR D 35 -8.78 -27.81 14.92
N SER D 36 -9.88 -27.14 14.61
CA SER D 36 -9.92 -26.13 13.59
C SER D 36 -10.72 -24.92 14.01
N ILE D 37 -10.36 -23.78 13.45
CA ILE D 37 -11.12 -22.54 13.53
C ILE D 37 -11.31 -22.06 12.09
N LYS D 38 -12.53 -21.67 11.74
CA LYS D 38 -12.80 -20.92 10.52
C LYS D 38 -12.98 -19.48 10.93
N ILE D 39 -12.17 -18.61 10.37
CA ILE D 39 -12.36 -17.18 10.49
C ILE D 39 -13.12 -16.75 9.25
N ASP D 40 -14.26 -16.13 9.42
CA ASP D 40 -15.00 -15.48 8.35
C ASP D 40 -14.93 -13.97 8.56
N PRO D 41 -14.20 -13.22 7.74
CA PRO D 41 -14.10 -11.78 7.88
C PRO D 41 -15.41 -10.99 7.78
N TYR D 42 -16.53 -11.59 7.39
CA TYR D 42 -17.83 -10.94 7.35
C TYR D 42 -18.34 -10.52 8.74
N ILE D 43 -19.29 -9.58 8.76
CA ILE D 43 -19.77 -8.94 9.99
C ILE D 43 -20.98 -9.66 10.58
N ASN D 44 -21.55 -10.66 9.92
CA ASN D 44 -22.56 -11.55 10.49
C ASN D 44 -22.04 -12.26 11.74
N ILE D 45 -22.85 -12.37 12.80
CA ILE D 45 -22.46 -13.11 14.01
C ILE D 45 -22.43 -14.61 13.72
N ASP D 46 -23.39 -15.14 12.97
CA ASP D 46 -23.49 -16.55 12.61
C ASP D 46 -24.04 -16.71 11.19
N ALA D 47 -24.09 -17.93 10.67
CA ALA D 47 -24.66 -18.21 9.36
C ALA D 47 -26.20 -18.31 9.37
N GLY D 48 -26.87 -18.13 10.50
CA GLY D 48 -28.29 -18.44 10.66
C GLY D 48 -29.25 -17.56 9.88
N THR D 49 -28.80 -16.38 9.42
CA THR D 49 -29.60 -15.46 8.60
C THR D 49 -29.42 -15.71 7.09
N PHE D 50 -28.38 -16.44 6.67
CA PHE D 50 -28.01 -16.54 5.26
C PHE D 50 -29.04 -17.27 4.39
N SER D 51 -29.36 -16.68 3.24
CA SER D 51 -29.94 -17.38 2.10
C SER D 51 -28.92 -18.41 1.60
N PRO D 52 -29.25 -19.69 1.37
CA PRO D 52 -28.28 -20.72 0.98
C PRO D 52 -27.42 -20.45 -0.27
N TYR D 53 -27.79 -19.47 -1.10
CA TYR D 53 -26.97 -18.96 -2.19
C TYR D 53 -25.72 -18.16 -1.76
N GLU D 54 -25.73 -17.56 -0.57
CA GLU D 54 -24.55 -16.94 0.04
C GLU D 54 -23.71 -18.00 0.78
N HIS D 55 -22.50 -18.26 0.29
CA HIS D 55 -21.50 -19.15 0.91
C HIS D 55 -21.95 -20.61 1.10
N GLY D 56 -22.96 -21.04 0.37
CA GLY D 56 -23.50 -22.39 0.43
C GLY D 56 -24.40 -22.63 1.64
N GLU D 57 -24.67 -23.89 1.92
CA GLU D 57 -25.58 -24.29 3.00
C GLU D 57 -25.16 -23.86 4.41
N VAL D 58 -26.13 -23.76 5.33
CA VAL D 58 -25.88 -23.53 6.74
C VAL D 58 -25.66 -24.86 7.44
N PHE D 59 -24.46 -25.10 7.96
CA PHE D 59 -24.14 -26.28 8.76
C PHE D 59 -24.60 -26.08 10.21
N VAL D 60 -25.08 -27.13 10.89
CA VAL D 60 -25.49 -27.06 12.29
C VAL D 60 -24.58 -27.92 13.14
N LEU D 61 -24.04 -27.32 14.20
CA LEU D 61 -23.19 -28.00 15.18
C LEU D 61 -24.01 -28.64 16.29
N ASP D 62 -23.41 -29.54 17.08
CA ASP D 62 -24.08 -30.18 18.22
C ASP D 62 -24.75 -29.18 19.17
N ASP D 63 -24.12 -28.04 19.43
CA ASP D 63 -24.60 -27.01 20.35
C ASP D 63 -25.64 -26.05 19.75
N GLY D 64 -26.02 -26.26 18.49
CA GLY D 64 -26.98 -25.44 17.76
C GLY D 64 -26.39 -24.23 17.07
N GLY D 65 -25.07 -24.10 17.02
CA GLY D 65 -24.40 -23.11 16.21
C GLY D 65 -24.67 -23.32 14.71
N GLU D 66 -25.29 -22.33 14.08
CA GLU D 66 -25.45 -22.21 12.63
C GLU D 66 -24.20 -21.57 12.03
N VAL D 67 -23.38 -22.35 11.34
CA VAL D 67 -22.02 -21.99 10.94
C VAL D 67 -21.78 -22.21 9.46
N ASP D 68 -20.64 -21.75 8.95
CA ASP D 68 -20.19 -21.98 7.58
C ASP D 68 -20.00 -23.47 7.25
N LEU D 69 -20.12 -23.85 5.97
CA LEU D 69 -19.94 -25.24 5.54
C LEU D 69 -18.51 -25.75 5.66
N ASP D 70 -17.50 -24.90 5.85
CA ASP D 70 -16.14 -25.31 6.18
C ASP D 70 -16.04 -26.02 7.52
N LEU D 71 -16.85 -25.64 8.50
CA LEU D 71 -16.93 -26.40 9.76
C LEU D 71 -17.43 -27.83 9.51
N GLY D 72 -18.14 -28.09 8.41
CA GLY D 72 -18.53 -29.42 7.98
C GLY D 72 -17.44 -30.18 7.28
N ASN D 73 -16.59 -29.53 6.48
CA ASN D 73 -15.40 -30.14 5.92
C ASN D 73 -14.43 -30.59 6.99
N TYR D 74 -14.22 -29.80 8.04
CA TYR D 74 -13.37 -30.22 9.17
C TYR D 74 -13.97 -31.40 9.89
N GLU D 75 -15.26 -31.37 10.22
CA GLU D 75 -15.90 -32.49 10.90
C GLU D 75 -15.88 -33.77 10.07
N ARG D 76 -16.11 -33.73 8.76
CA ARG D 76 -16.00 -34.91 7.89
C ARG D 76 -14.60 -35.50 7.84
N PHE D 77 -13.55 -34.70 7.72
CA PHE D 77 -12.20 -35.21 7.60
C PHE D 77 -11.57 -35.63 8.93
N LEU D 78 -11.71 -34.83 9.99
CA LEU D 78 -11.07 -35.03 11.28
C LEU D 78 -11.90 -35.89 12.25
N ASP D 79 -13.19 -36.12 11.93
CA ASP D 79 -14.24 -36.71 12.78
C ASP D 79 -14.27 -36.12 14.20
N ILE D 80 -14.32 -34.80 14.26
CA ILE D 80 -14.43 -33.98 15.46
C ILE D 80 -15.84 -33.41 15.64
N ARG D 81 -16.08 -32.75 16.76
CA ARG D 81 -17.37 -32.17 17.14
C ARG D 81 -17.15 -30.72 17.55
N LEU D 82 -17.08 -29.83 16.57
CA LEU D 82 -16.78 -28.41 16.77
C LEU D 82 -17.92 -27.69 17.51
N THR D 83 -17.60 -26.57 18.13
CA THR D 83 -18.54 -25.72 18.88
C THR D 83 -18.77 -24.40 18.15
N LYS D 84 -19.82 -23.67 18.49
CA LYS D 84 -20.23 -22.39 17.89
C LYS D 84 -19.07 -21.43 17.66
N ASP D 85 -18.16 -21.33 18.61
CA ASP D 85 -17.03 -20.41 18.61
C ASP D 85 -15.78 -20.87 17.86
N ASN D 86 -15.76 -22.07 17.31
CA ASN D 86 -14.83 -22.45 16.26
C ASN D 86 -15.12 -21.75 14.94
N ASN D 87 -16.27 -21.09 14.79
CA ASN D 87 -16.46 -20.09 13.76
C ASN D 87 -16.31 -18.71 14.41
N LEU D 88 -15.28 -17.99 14.00
CA LEU D 88 -14.89 -16.67 14.50
C LEU D 88 -15.20 -15.66 13.40
N THR D 89 -15.86 -14.54 13.69
CA THR D 89 -16.22 -13.54 12.66
C THR D 89 -15.87 -12.14 13.11
N THR D 90 -15.76 -11.15 12.23
CA THR D 90 -15.60 -9.76 12.68
C THR D 90 -16.82 -9.28 13.46
N GLY D 91 -18.00 -9.77 13.17
CA GLY D 91 -19.18 -9.59 14.01
C GLY D 91 -18.97 -10.07 15.43
N LYS D 92 -18.58 -11.33 15.63
CA LYS D 92 -18.35 -11.90 16.97
C LYS D 92 -17.22 -11.21 17.71
N ILE D 93 -16.15 -10.82 17.02
CA ILE D 93 -15.01 -10.12 17.60
C ILE D 93 -15.34 -8.68 17.97
N TYR D 94 -15.93 -7.88 17.08
CA TYR D 94 -16.29 -6.52 17.42
C TYR D 94 -17.41 -6.51 18.46
N GLN D 95 -18.39 -7.42 18.45
CA GLN D 95 -19.38 -7.52 19.52
C GLN D 95 -18.71 -7.85 20.86
N TYR D 96 -17.77 -8.79 20.89
CA TYR D 96 -17.04 -9.15 22.10
C TYR D 96 -16.24 -7.98 22.67
N VAL D 97 -15.43 -7.31 21.85
CA VAL D 97 -14.69 -6.11 22.26
C VAL D 97 -15.59 -4.96 22.65
N ILE D 98 -16.72 -4.75 21.98
CA ILE D 98 -17.69 -3.69 22.29
C ILE D 98 -18.36 -3.94 23.63
N ASN D 99 -18.84 -5.14 23.92
CA ASN D 99 -19.41 -5.47 25.22
C ASN D 99 -18.38 -5.34 26.34
N LYS D 100 -17.13 -5.72 26.11
CA LYS D 100 -16.02 -5.61 27.05
C LYS D 100 -15.66 -4.15 27.34
N GLU D 101 -15.80 -3.24 26.37
CA GLU D 101 -15.68 -1.80 26.56
C GLU D 101 -16.84 -1.19 27.35
N ARG D 102 -18.10 -1.54 27.06
CA ARG D 102 -19.27 -1.08 27.83
C ARG D 102 -19.26 -1.55 29.28
N LYS D 103 -18.74 -2.74 29.57
CA LYS D 103 -18.51 -3.28 30.92
C LYS D 103 -17.33 -2.63 31.66
N GLY D 104 -16.52 -1.83 30.96
CA GLY D 104 -15.40 -1.09 31.52
C GLY D 104 -14.10 -1.89 31.65
N ASP D 105 -14.01 -3.08 31.08
CA ASP D 105 -12.87 -3.99 31.32
C ASP D 105 -11.54 -3.50 30.71
N TYR D 106 -11.58 -2.54 29.78
CA TYR D 106 -10.39 -1.89 29.23
C TYR D 106 -9.90 -0.68 30.06
N LEU D 107 -10.39 -0.54 31.30
CA LEU D 107 -9.86 0.34 32.36
C LEU D 107 -9.72 1.80 31.93
N GLY D 108 -10.72 2.32 31.23
CA GLY D 108 -10.79 3.71 30.81
C GLY D 108 -9.76 4.14 29.77
N LYS D 109 -9.02 3.21 29.16
CA LYS D 109 -8.14 3.46 28.01
C LYS D 109 -8.91 3.39 26.71
N THR D 110 -8.41 4.03 25.65
CA THR D 110 -9.02 3.95 24.33
C THR D 110 -8.83 2.58 23.70
N VAL D 111 -9.90 2.00 23.17
CA VAL D 111 -9.87 0.70 22.51
C VAL D 111 -9.73 0.89 21.00
N GLN D 112 -8.89 0.09 20.36
CA GLN D 112 -8.44 0.30 18.99
C GLN D 112 -8.45 -0.99 18.20
N VAL D 113 -8.21 -0.96 16.88
CA VAL D 113 -7.99 -2.20 16.14
C VAL D 113 -6.67 -2.83 16.60
N VAL D 114 -5.59 -2.06 16.66
CA VAL D 114 -4.38 -2.47 17.40
C VAL D 114 -4.24 -1.62 18.66
N PRO D 115 -4.06 -2.21 19.86
CA PRO D 115 -3.98 -3.63 20.12
C PRO D 115 -5.33 -4.36 20.28
N HIS D 116 -6.40 -3.71 20.73
CA HIS D 116 -7.50 -4.38 21.43
C HIS D 116 -8.33 -5.38 20.64
N ILE D 117 -8.63 -5.11 19.37
CA ILE D 117 -9.29 -6.08 18.48
C ILE D 117 -8.32 -7.20 18.15
N THR D 118 -7.07 -6.89 17.80
CA THR D 118 -6.09 -7.92 17.45
C THR D 118 -5.70 -8.80 18.63
N ASP D 119 -5.70 -8.29 19.87
CA ASP D 119 -5.56 -9.05 21.10
C ASP D 119 -6.75 -9.98 21.32
N ALA D 120 -7.99 -9.51 21.14
CA ALA D 120 -9.16 -10.35 21.27
C ALA D 120 -9.18 -11.51 20.27
N ILE D 121 -8.69 -11.31 19.04
CA ILE D 121 -8.52 -12.38 18.05
C ILE D 121 -7.52 -13.42 18.54
N GLN D 122 -6.38 -13.02 19.11
CA GLN D 122 -5.38 -13.95 19.65
C GLN D 122 -5.85 -14.66 20.90
N GLU D 123 -6.51 -13.99 21.85
CA GLU D 123 -7.18 -14.62 23.00
C GLU D 123 -8.15 -15.70 22.52
N TRP D 124 -9.03 -15.38 21.58
CA TRP D 124 -10.07 -16.27 21.08
C TRP D 124 -9.50 -17.51 20.41
N VAL D 125 -8.49 -17.34 19.56
CA VAL D 125 -7.79 -18.44 18.93
C VAL D 125 -7.16 -19.34 19.99
N MET D 126 -6.47 -18.82 21.00
CA MET D 126 -5.89 -19.64 22.06
C MET D 126 -6.95 -20.35 22.91
N ARG D 127 -8.01 -19.65 23.29
CA ARG D 127 -9.14 -20.15 24.07
C ARG D 127 -9.83 -21.32 23.38
N GLN D 128 -10.12 -21.21 22.09
CA GLN D 128 -10.77 -22.27 21.32
C GLN D 128 -9.82 -23.41 20.97
N ALA D 129 -8.54 -23.14 20.74
CA ALA D 129 -7.57 -24.17 20.43
C ALA D 129 -7.35 -25.18 21.55
N LEU D 130 -7.73 -24.86 22.79
CA LEU D 130 -7.64 -25.75 23.96
C LEU D 130 -8.91 -26.54 24.28
N ILE D 131 -10.04 -26.29 23.63
CA ILE D 131 -11.31 -27.01 23.87
C ILE D 131 -11.26 -28.40 23.24
N PRO D 132 -11.62 -29.48 23.96
CA PRO D 132 -11.64 -30.82 23.38
C PRO D 132 -12.74 -30.98 22.33
N VAL D 133 -12.38 -31.42 21.13
CA VAL D 133 -13.31 -31.65 20.00
C VAL D 133 -13.31 -33.08 19.47
N ASP D 134 -12.33 -33.90 19.82
CA ASP D 134 -12.33 -35.36 19.65
C ASP D 134 -13.40 -36.05 20.51
N GLU D 135 -13.55 -37.37 20.37
CA GLU D 135 -14.47 -38.19 21.17
C GLU D 135 -14.06 -38.30 22.65
N ASP D 136 -12.76 -38.35 22.94
CA ASP D 136 -12.20 -38.23 24.30
C ASP D 136 -12.06 -36.75 24.71
N GLY D 137 -12.05 -36.44 26.01
CA GLY D 137 -11.79 -35.10 26.55
C GLY D 137 -10.32 -34.68 26.48
N LEU D 138 -9.58 -35.12 25.47
CA LEU D 138 -8.17 -34.79 25.27
C LEU D 138 -8.01 -33.41 24.64
N GLU D 139 -7.13 -32.60 25.22
CA GLU D 139 -6.78 -31.28 24.70
C GLU D 139 -6.19 -31.43 23.28
N PRO D 140 -6.58 -30.57 22.31
CA PRO D 140 -5.90 -30.53 21.02
C PRO D 140 -4.40 -30.28 21.15
N GLN D 141 -3.66 -30.70 20.14
CA GLN D 141 -2.23 -30.47 20.03
C GLN D 141 -1.89 -29.50 18.92
N VAL D 142 -2.65 -29.53 17.83
CA VAL D 142 -2.55 -28.59 16.71
C VAL D 142 -3.92 -28.03 16.39
N CYS D 143 -3.96 -26.73 16.13
CA CYS D 143 -5.12 -25.99 15.69
C CYS D 143 -4.89 -25.44 14.30
N VAL D 144 -5.66 -25.88 13.31
CA VAL D 144 -5.66 -25.32 11.95
C VAL D 144 -6.63 -24.15 11.92
N ILE D 145 -6.15 -22.95 11.71
CA ILE D 145 -6.95 -21.76 11.49
C ILE D 145 -7.03 -21.55 10.00
N GLU D 146 -8.22 -21.52 9.44
CA GLU D 146 -8.38 -21.09 8.07
C GLU D 146 -8.96 -19.70 8.06
N LEU D 147 -8.29 -18.77 7.39
CA LEU D 147 -8.79 -17.45 7.16
C LEU D 147 -9.56 -17.42 5.85
N GLY D 148 -10.87 -17.25 5.94
CA GLY D 148 -11.77 -17.12 4.82
C GLY D 148 -11.53 -15.83 4.05
N GLY D 149 -12.04 -15.73 2.83
CA GLY D 149 -11.74 -14.61 1.96
C GLY D 149 -10.37 -14.74 1.28
N THR D 150 -9.75 -13.60 0.97
CA THR D 150 -8.41 -13.49 0.41
C THR D 150 -7.62 -12.43 1.15
N VAL D 151 -6.30 -12.51 1.12
CA VAL D 151 -5.42 -11.48 1.69
C VAL D 151 -5.66 -10.12 1.00
N GLY D 152 -5.59 -9.02 1.76
CA GLY D 152 -5.75 -7.68 1.18
C GLY D 152 -7.19 -7.23 0.92
N ASP D 153 -8.18 -8.08 1.19
CA ASP D 153 -9.54 -7.63 1.51
C ASP D 153 -9.53 -6.77 2.78
N ILE D 154 -10.22 -5.62 2.80
CA ILE D 154 -10.23 -4.72 3.96
C ILE D 154 -10.76 -5.40 5.24
N GLU D 155 -11.71 -6.34 5.13
CA GLU D 155 -12.23 -7.11 6.26
C GLU D 155 -11.21 -8.09 6.86
N SER D 156 -10.26 -8.57 6.06
CA SER D 156 -9.26 -9.57 6.46
C SER D 156 -8.11 -8.99 7.27
N MET D 157 -7.84 -7.69 7.15
CA MET D 157 -6.63 -7.09 7.68
C MET D 157 -6.49 -7.13 9.21
N PRO D 158 -7.54 -6.96 10.04
CA PRO D 158 -7.45 -7.22 11.45
C PRO D 158 -6.91 -8.62 11.79
N PHE D 159 -7.25 -9.66 11.04
CA PHE D 159 -6.76 -11.00 11.31
C PHE D 159 -5.34 -11.21 10.82
N ILE D 160 -4.98 -10.71 9.64
CA ILE D 160 -3.58 -10.75 9.20
C ILE D 160 -2.68 -9.99 10.19
N GLU D 161 -3.12 -8.85 10.71
CA GLU D 161 -2.39 -8.08 11.71
C GLU D 161 -2.32 -8.78 13.05
N ALA D 162 -3.38 -9.49 13.47
CA ALA D 162 -3.37 -10.33 14.66
C ALA D 162 -2.41 -11.50 14.52
N PHE D 163 -2.36 -12.19 13.38
CA PHE D 163 -1.40 -13.28 13.19
C PHE D 163 0.03 -12.80 12.99
N ARG D 164 0.24 -11.56 12.50
CA ARG D 164 1.55 -10.91 12.45
C ARG D 164 2.14 -10.72 13.84
N GLN D 165 1.29 -10.35 14.81
CA GLN D 165 1.69 -10.27 16.21
C GLN D 165 1.84 -11.66 16.84
N PHE D 166 0.90 -12.58 16.58
CA PHE D 166 0.88 -13.92 17.15
C PHE D 166 2.12 -14.74 16.86
N GLN D 167 2.69 -14.63 15.66
CA GLN D 167 3.88 -15.41 15.25
C GLN D 167 5.13 -15.07 16.06
N PHE D 168 5.08 -14.00 16.87
CA PHE D 168 6.09 -13.62 17.86
C PHE D 168 5.63 -13.75 19.33
N LYS D 169 4.31 -13.82 19.60
CA LYS D 169 3.75 -14.19 20.91
C LYS D 169 4.06 -15.66 21.24
N VAL D 170 4.18 -16.51 20.24
CA VAL D 170 4.54 -17.93 20.38
C VAL D 170 5.84 -18.24 19.62
N LYS D 171 6.62 -19.20 20.12
CA LYS D 171 7.91 -19.60 19.52
C LYS D 171 7.70 -20.24 18.15
N ARG D 172 8.70 -20.13 17.28
CA ARG D 172 8.55 -20.44 15.85
C ARG D 172 8.10 -21.87 15.59
N GLU D 173 8.58 -22.82 16.37
CA GLU D 173 8.13 -24.22 16.33
C GLU D 173 6.62 -24.39 16.54
N ASN D 174 5.89 -23.40 17.05
CA ASN D 174 4.47 -23.49 17.37
C ASN D 174 3.57 -22.80 16.34
N PHE D 175 4.07 -22.01 15.40
CA PHE D 175 3.24 -21.31 14.43
C PHE D 175 3.82 -21.44 13.03
N CYS D 176 2.95 -21.76 12.07
CA CYS D 176 3.29 -21.97 10.67
C CYS D 176 2.18 -21.44 9.77
N ASN D 177 2.50 -20.92 8.59
CA ASN D 177 1.51 -20.34 7.69
C ASN D 177 1.58 -20.97 6.30
N ILE D 178 0.45 -21.46 5.80
CA ILE D 178 0.25 -21.98 4.45
C ILE D 178 -0.51 -20.94 3.65
N HIS D 179 -0.06 -20.60 2.46
CA HIS D 179 -0.82 -19.72 1.57
C HIS D 179 -1.30 -20.48 0.35
N VAL D 180 -2.62 -20.47 0.12
CA VAL D 180 -3.27 -21.17 -0.97
C VAL D 180 -3.64 -20.15 -2.04
N SER D 181 -3.06 -20.26 -3.22
CA SER D 181 -3.18 -19.26 -4.29
C SER D 181 -3.52 -19.88 -5.63
N LEU D 182 -4.13 -19.13 -6.53
CA LEU D 182 -4.45 -19.60 -7.88
C LEU D 182 -3.26 -19.41 -8.81
N VAL D 183 -2.96 -20.41 -9.62
CA VAL D 183 -2.12 -20.27 -10.81
C VAL D 183 -3.00 -20.50 -12.04
N PRO D 184 -3.57 -19.45 -12.65
CA PRO D 184 -4.41 -19.60 -13.83
C PRO D 184 -3.61 -20.08 -15.05
N GLN D 185 -4.30 -20.70 -16.00
CA GLN D 185 -3.75 -21.17 -17.28
C GLN D 185 -4.74 -20.91 -18.42
N PRO D 186 -4.77 -19.69 -18.98
CA PRO D 186 -5.71 -19.30 -20.01
C PRO D 186 -5.58 -20.11 -21.31
N SER D 187 -6.73 -20.38 -21.95
CA SER D 187 -6.81 -21.18 -23.17
C SER D 187 -6.03 -20.60 -24.34
N SER D 188 -5.96 -19.27 -24.46
CA SER D 188 -5.29 -18.55 -25.57
C SER D 188 -3.76 -18.72 -25.61
N THR D 189 -3.14 -19.17 -24.53
CA THR D 189 -1.68 -19.13 -24.35
C THR D 189 -1.13 -20.44 -23.81
N GLY D 190 -1.81 -21.09 -22.85
CA GLY D 190 -1.36 -22.34 -22.24
C GLY D 190 -0.15 -22.24 -21.31
N GLU D 191 0.47 -21.07 -21.14
CA GLU D 191 1.34 -20.82 -19.98
C GLU D 191 0.48 -20.87 -18.71
N GLN D 192 0.96 -21.56 -17.69
CA GLN D 192 0.55 -21.32 -16.31
C GLN D 192 1.15 -19.99 -15.86
N LYS D 193 0.32 -19.04 -15.46
CA LYS D 193 0.74 -17.68 -15.13
C LYS D 193 0.83 -17.52 -13.63
N THR D 194 2.01 -17.20 -13.12
CA THR D 194 2.32 -17.14 -11.68
C THR D 194 2.20 -15.76 -11.08
N LYS D 195 2.09 -14.70 -11.88
CA LYS D 195 1.96 -13.32 -11.43
C LYS D 195 0.94 -13.10 -10.30
N PRO D 196 -0.29 -13.62 -10.35
CA PRO D 196 -1.24 -13.39 -9.27
C PRO D 196 -0.80 -14.06 -7.98
N THR D 197 -0.12 -15.20 -8.02
CA THR D 197 0.50 -15.80 -6.84
C THR D 197 1.66 -14.98 -6.32
N GLN D 198 2.50 -14.40 -7.19
CA GLN D 198 3.58 -13.50 -6.77
C GLN D 198 3.02 -12.28 -6.05
N ASN D 199 2.00 -11.63 -6.62
CA ASN D 199 1.34 -10.48 -6.02
C ASN D 199 0.65 -10.83 -4.71
N SER D 200 0.10 -12.03 -4.60
CA SER D 200 -0.58 -12.50 -3.40
C SER D 200 0.38 -12.82 -2.26
N VAL D 201 1.52 -13.44 -2.55
CA VAL D 201 2.60 -13.65 -1.59
C VAL D 201 3.23 -12.32 -1.21
N ARG D 202 3.37 -11.38 -2.14
CA ARG D 202 3.89 -10.04 -1.86
C ARG D 202 2.94 -9.22 -1.00
N GLU D 203 1.63 -9.36 -1.16
CA GLU D 203 0.64 -8.79 -0.25
C GLU D 203 0.70 -9.44 1.14
N LEU D 204 0.75 -10.76 1.24
CA LEU D 204 0.86 -11.46 2.51
C LEU D 204 2.17 -11.10 3.23
N ARG D 205 3.30 -11.03 2.51
CA ARG D 205 4.58 -10.53 3.04
C ARG D 205 4.51 -9.07 3.46
N GLY D 206 3.81 -8.24 2.69
CA GLY D 206 3.61 -6.84 3.01
C GLY D 206 2.73 -6.58 4.22
N LEU D 207 1.81 -7.49 4.52
CA LEU D 207 1.03 -7.49 5.76
C LEU D 207 1.76 -8.17 6.92
N GLY D 208 2.97 -8.67 6.69
CA GLY D 208 3.91 -9.14 7.70
C GLY D 208 3.87 -10.63 7.99
N LEU D 209 3.33 -11.47 7.11
CA LEU D 209 3.42 -12.92 7.21
C LEU D 209 4.29 -13.48 6.09
N SER D 210 5.26 -14.33 6.40
CA SER D 210 6.05 -15.07 5.40
C SER D 210 5.42 -16.45 5.23
N PRO D 211 4.94 -16.85 4.04
CA PRO D 211 4.32 -18.15 3.87
C PRO D 211 5.34 -19.27 3.99
N ASP D 212 5.12 -20.17 4.92
CA ASP D 212 5.94 -21.35 5.13
C ASP D 212 5.70 -22.44 4.09
N LEU D 213 4.52 -22.49 3.46
CA LEU D 213 4.25 -23.22 2.23
C LEU D 213 3.45 -22.32 1.29
N VAL D 214 3.75 -22.41 -0.01
CA VAL D 214 2.87 -21.85 -1.05
C VAL D 214 2.22 -23.01 -1.77
N VAL D 215 0.90 -23.10 -1.68
CA VAL D 215 0.09 -24.13 -2.28
C VAL D 215 -0.58 -23.53 -3.49
N CYS D 216 -0.04 -23.84 -4.66
CA CYS D 216 -0.55 -23.40 -5.95
C CYS D 216 -1.71 -24.28 -6.38
N ARG D 217 -2.87 -23.67 -6.57
CA ARG D 217 -4.08 -24.30 -7.06
C ARG D 217 -4.18 -24.05 -8.55
N CYS D 218 -4.14 -25.11 -9.35
CA CYS D 218 -4.16 -25.03 -10.81
C CYS D 218 -4.97 -26.18 -11.38
N SER D 219 -5.44 -26.11 -12.63
CA SER D 219 -6.28 -27.19 -13.16
C SER D 219 -5.51 -28.49 -13.41
N ASN D 220 -4.25 -28.40 -13.85
CA ASN D 220 -3.35 -29.52 -14.08
C ASN D 220 -1.93 -29.18 -13.57
N PRO D 221 -1.06 -30.18 -13.31
CA PRO D 221 0.16 -30.02 -12.52
C PRO D 221 1.11 -28.93 -13.03
N LEU D 222 1.87 -28.30 -12.14
CA LEU D 222 2.87 -27.31 -12.55
C LEU D 222 4.00 -27.94 -13.37
N ASP D 223 4.39 -27.26 -14.45
CA ASP D 223 5.69 -27.51 -15.07
C ASP D 223 6.83 -27.12 -14.11
N THR D 224 7.96 -27.81 -14.12
CA THR D 224 9.06 -27.51 -13.20
C THR D 224 9.58 -26.09 -13.36
N SER D 225 9.55 -25.53 -14.56
CA SER D 225 9.92 -24.14 -14.82
C SER D 225 9.00 -23.16 -14.11
N VAL D 226 7.70 -23.46 -14.07
CA VAL D 226 6.70 -22.64 -13.40
C VAL D 226 6.85 -22.74 -11.89
N LYS D 227 7.10 -23.95 -11.35
CA LYS D 227 7.41 -24.14 -9.93
C LYS D 227 8.72 -23.43 -9.52
N GLU D 228 9.77 -23.46 -10.34
CA GLU D 228 10.98 -22.70 -10.08
C GLU D 228 10.78 -21.18 -10.18
N LYS D 229 9.96 -20.68 -11.13
CA LYS D 229 9.64 -19.24 -11.19
C LYS D 229 8.92 -18.79 -9.93
N ILE D 230 7.99 -19.57 -9.40
CA ILE D 230 7.32 -19.25 -8.13
C ILE D 230 8.38 -19.11 -7.03
N SER D 231 9.30 -20.05 -6.93
CA SER D 231 10.40 -20.00 -5.96
C SER D 231 11.25 -18.74 -6.02
N MET D 232 11.68 -18.30 -7.21
CA MET D 232 12.46 -17.08 -7.38
C MET D 232 11.74 -15.85 -6.84
N PHE D 233 10.52 -15.59 -7.33
CA PHE D 233 9.76 -14.37 -7.06
C PHE D 233 9.00 -14.38 -5.72
N CYS D 234 8.56 -15.53 -5.23
CA CYS D 234 7.88 -15.68 -3.93
C CYS D 234 8.84 -15.93 -2.76
N HIS D 235 10.14 -16.02 -3.03
CA HIS D 235 11.20 -16.17 -2.03
C HIS D 235 11.03 -17.40 -1.12
N VAL D 236 10.75 -18.53 -1.75
CA VAL D 236 10.38 -19.81 -1.14
C VAL D 236 11.15 -20.95 -1.81
N GLU D 237 11.67 -21.90 -1.05
CA GLU D 237 12.54 -22.99 -1.55
C GLU D 237 11.76 -23.97 -2.48
N PRO D 238 12.34 -24.54 -3.56
CA PRO D 238 11.59 -25.39 -4.49
C PRO D 238 10.72 -26.51 -3.91
N GLU D 239 11.13 -27.18 -2.83
CA GLU D 239 10.34 -28.23 -2.15
C GLU D 239 9.19 -27.67 -1.29
N GLN D 240 9.18 -26.36 -1.10
CA GLN D 240 8.25 -25.58 -0.28
C GLN D 240 7.11 -24.94 -1.12
N VAL D 241 7.12 -25.14 -2.43
CA VAL D 241 6.01 -24.85 -3.36
C VAL D 241 5.31 -26.15 -3.73
N ILE D 242 4.02 -26.23 -3.45
CA ILE D 242 3.16 -27.40 -3.65
C ILE D 242 2.18 -27.10 -4.79
N CYS D 243 1.92 -28.03 -5.72
CA CYS D 243 0.74 -27.92 -6.57
C CYS D 243 -0.35 -28.86 -6.11
N VAL D 244 -1.55 -28.35 -6.00
CA VAL D 244 -2.76 -29.12 -5.79
C VAL D 244 -3.62 -28.94 -7.03
N HIS D 245 -3.40 -29.84 -7.98
CA HIS D 245 -4.13 -29.85 -9.24
C HIS D 245 -5.56 -30.39 -9.04
N ASP D 246 -6.44 -30.28 -10.05
CA ASP D 246 -7.78 -30.87 -9.96
C ASP D 246 -7.70 -32.40 -9.83
N VAL D 247 -8.23 -32.98 -8.75
CA VAL D 247 -8.27 -34.43 -8.50
C VAL D 247 -9.65 -35.04 -8.75
N SER D 248 -9.71 -36.37 -8.89
CA SER D 248 -10.97 -37.10 -9.15
C SER D 248 -11.97 -37.05 -8.00
N SER D 249 -11.50 -37.07 -6.74
CA SER D 249 -12.28 -36.76 -5.54
C SER D 249 -11.40 -36.14 -4.47
N ILE D 250 -12.00 -35.44 -3.50
CA ILE D 250 -11.23 -34.73 -2.46
C ILE D 250 -10.39 -35.65 -1.56
N TYR D 251 -10.68 -36.96 -1.56
CA TYR D 251 -9.89 -37.95 -0.82
C TYR D 251 -8.46 -38.09 -1.37
N ARG D 252 -8.22 -37.68 -2.61
CA ARG D 252 -6.87 -37.59 -3.18
C ARG D 252 -6.10 -36.34 -2.76
N VAL D 253 -6.69 -35.33 -2.13
CA VAL D 253 -5.94 -34.14 -1.71
C VAL D 253 -4.97 -34.40 -0.56
N PRO D 254 -5.30 -35.12 0.54
CA PRO D 254 -4.31 -35.50 1.55
C PRO D 254 -3.12 -36.29 0.99
N LEU D 255 -3.38 -37.13 0.00
CA LEU D 255 -2.41 -37.97 -0.68
C LEU D 255 -1.56 -37.18 -1.68
N LEU D 256 -2.15 -36.19 -2.35
CA LEU D 256 -1.47 -35.24 -3.21
C LEU D 256 -0.53 -34.35 -2.38
N LEU D 257 -0.96 -33.85 -1.24
CA LEU D 257 -0.08 -33.16 -0.29
C LEU D 257 1.01 -34.08 0.29
N GLU D 258 0.74 -35.37 0.53
CA GLU D 258 1.75 -36.36 0.91
C GLU D 258 2.80 -36.62 -0.19
N GLU D 259 2.41 -36.78 -1.46
CA GLU D 259 3.34 -36.87 -2.60
C GLU D 259 4.20 -35.61 -2.74
N GLN D 260 3.59 -34.43 -2.65
CA GLN D 260 4.26 -33.13 -2.68
C GLN D 260 5.10 -32.86 -1.41
N GLY D 261 4.96 -33.69 -0.38
CA GLY D 261 5.88 -33.82 0.73
C GLY D 261 5.54 -33.05 1.99
N VAL D 262 4.33 -32.54 2.20
CA VAL D 262 4.05 -31.68 3.36
C VAL D 262 4.20 -32.37 4.72
N VAL D 263 4.02 -33.68 4.82
CA VAL D 263 4.22 -34.42 6.08
C VAL D 263 5.69 -34.32 6.54
N ASP D 264 6.63 -34.55 5.62
CA ASP D 264 8.06 -34.40 5.86
C ASP D 264 8.48 -32.94 6.08
N TYR D 265 7.61 -32.00 5.73
CA TYR D 265 7.73 -30.60 6.09
C TYR D 265 7.23 -30.30 7.50
N PHE D 266 5.97 -30.56 7.85
CA PHE D 266 5.46 -30.24 9.19
C PHE D 266 6.21 -30.94 10.31
N LEU D 267 6.72 -32.15 10.09
CA LEU D 267 7.49 -32.82 11.13
C LEU D 267 8.80 -32.10 11.48
N ARG D 268 9.45 -31.42 10.52
CA ARG D 268 10.63 -30.60 10.82
C ARG D 268 10.31 -29.14 11.12
N ARG D 269 9.18 -28.61 10.61
CA ARG D 269 8.76 -27.21 10.79
C ARG D 269 8.08 -26.96 12.15
N LEU D 270 7.38 -27.93 12.71
CA LEU D 270 6.58 -27.76 13.93
C LEU D 270 7.10 -28.55 15.14
N ASP D 271 8.33 -29.09 15.11
CA ASP D 271 8.94 -29.88 16.19
C ASP D 271 8.04 -31.03 16.70
N LEU D 272 7.54 -31.84 15.76
CA LEU D 272 6.60 -32.93 16.03
C LEU D 272 7.32 -34.27 16.24
N PRO D 273 6.73 -35.24 16.99
CA PRO D 273 7.29 -36.56 17.24
C PRO D 273 7.82 -37.26 15.99
N LYS D 280 -0.27 -44.22 9.50
CA LYS D 280 -0.74 -45.26 8.67
C LYS D 280 -2.03 -44.82 7.97
N MET D 281 -2.81 -43.95 8.61
CA MET D 281 -4.22 -43.71 8.28
C MET D 281 -4.50 -43.08 6.91
N LEU D 282 -3.48 -42.51 6.25
CA LEU D 282 -3.57 -42.10 4.85
C LEU D 282 -3.90 -43.26 3.90
N MET D 283 -3.65 -44.50 4.31
CA MET D 283 -4.04 -45.70 3.60
C MET D 283 -5.55 -45.82 3.39
N LYS D 284 -6.39 -45.36 4.33
CA LYS D 284 -7.85 -45.43 4.15
C LYS D 284 -8.36 -44.40 3.16
N TRP D 285 -7.77 -43.21 3.13
CA TRP D 285 -7.99 -42.24 2.05
C TRP D 285 -7.48 -42.76 0.71
N LYS D 286 -6.33 -43.46 0.67
CA LYS D 286 -5.81 -44.14 -0.51
C LYS D 286 -6.78 -45.19 -1.02
N GLU D 287 -7.27 -46.06 -0.15
CA GLU D 287 -8.24 -47.09 -0.53
C GLU D 287 -9.53 -46.48 -1.04
N MET D 288 -10.12 -45.53 -0.31
CA MET D 288 -11.36 -44.86 -0.71
C MET D 288 -11.23 -44.19 -2.07
N ALA D 289 -10.14 -43.46 -2.29
CA ALA D 289 -9.88 -42.82 -3.56
C ALA D 289 -9.71 -43.83 -4.70
N ASP D 290 -8.99 -44.92 -4.47
CA ASP D 290 -8.85 -45.99 -5.45
C ASP D 290 -10.15 -46.77 -5.68
N ARG D 291 -11.01 -46.96 -4.68
CA ARG D 291 -12.36 -47.54 -4.90
C ARG D 291 -13.22 -46.61 -5.74
N TYR D 292 -13.28 -45.33 -5.40
CA TYR D 292 -14.05 -44.32 -6.11
C TYR D 292 -13.68 -44.26 -7.60
N ASP D 293 -12.39 -44.35 -7.93
CA ASP D 293 -11.92 -44.41 -9.31
C ASP D 293 -12.29 -45.73 -10.01
N ARG D 294 -12.27 -46.86 -9.30
CA ARG D 294 -12.63 -48.18 -9.83
C ARG D 294 -14.13 -48.38 -10.05
N LEU D 295 -15.01 -47.77 -9.25
CA LEU D 295 -16.45 -48.03 -9.31
C LEU D 295 -17.03 -47.74 -10.70
N LEU D 296 -18.00 -48.56 -11.14
CA LEU D 296 -18.34 -48.68 -12.56
C LEU D 296 -19.83 -48.75 -12.92
N GLU D 297 -20.70 -49.18 -12.00
CA GLU D 297 -22.15 -49.19 -12.24
C GLU D 297 -22.87 -48.14 -11.39
N THR D 298 -23.83 -47.44 -12.00
CA THR D 298 -24.44 -46.25 -11.38
C THR D 298 -25.61 -46.60 -10.47
N CYS D 299 -25.87 -45.69 -9.56
CA CYS D 299 -27.15 -45.43 -8.92
C CYS D 299 -27.50 -43.98 -9.24
N SER D 300 -28.77 -43.60 -9.26
CA SER D 300 -29.16 -42.21 -9.44
C SER D 300 -30.23 -41.79 -8.47
N ILE D 301 -29.98 -40.70 -7.74
CA ILE D 301 -30.93 -40.08 -6.85
C ILE D 301 -31.38 -38.77 -7.49
N ALA D 302 -32.69 -38.55 -7.51
CA ALA D 302 -33.26 -37.24 -7.78
C ALA D 302 -33.15 -36.39 -6.52
N LEU D 303 -32.44 -35.26 -6.59
CA LEU D 303 -32.44 -34.27 -5.53
C LEU D 303 -33.46 -33.19 -5.87
N VAL D 304 -34.56 -33.16 -5.11
CA VAL D 304 -35.69 -32.26 -5.32
C VAL D 304 -35.49 -30.98 -4.50
N GLY D 305 -34.54 -30.19 -4.98
CA GLY D 305 -34.02 -29.03 -4.30
C GLY D 305 -34.82 -27.78 -4.58
N LYS D 306 -34.91 -26.91 -3.58
CA LYS D 306 -35.31 -25.50 -3.75
C LYS D 306 -34.14 -24.68 -4.28
N TYR D 307 -32.98 -24.81 -3.65
CA TYR D 307 -31.83 -23.95 -3.87
C TYR D 307 -30.90 -24.41 -5.00
N THR D 308 -31.44 -25.04 -6.05
CA THR D 308 -30.68 -25.82 -7.05
C THR D 308 -29.77 -24.99 -7.97
N LYS D 309 -29.76 -23.66 -7.88
CA LYS D 309 -28.87 -22.79 -8.68
C LYS D 309 -27.39 -23.16 -8.53
N PHE D 310 -26.95 -23.57 -7.34
CA PHE D 310 -25.54 -23.84 -7.03
C PHE D 310 -25.35 -25.16 -6.28
N SER D 311 -24.29 -25.92 -6.62
CA SER D 311 -23.93 -27.20 -5.98
C SER D 311 -23.66 -27.08 -4.49
N ASP D 312 -23.04 -25.98 -4.07
CA ASP D 312 -22.59 -25.73 -2.69
C ASP D 312 -23.76 -25.51 -1.72
N SER D 313 -24.95 -25.28 -2.25
CA SER D 313 -26.19 -25.09 -1.49
C SER D 313 -26.76 -26.38 -0.90
N TYR D 314 -26.24 -27.53 -1.33
CA TYR D 314 -26.56 -28.86 -0.81
C TYR D 314 -25.28 -29.63 -0.47
N ALA D 315 -24.23 -28.94 -0.03
CA ALA D 315 -22.90 -29.51 0.12
C ALA D 315 -22.83 -30.74 1.03
N SER D 316 -23.36 -30.68 2.26
CA SER D 316 -23.34 -31.84 3.16
C SER D 316 -24.28 -32.95 2.69
N VAL D 317 -25.34 -32.62 1.98
CA VAL D 317 -26.26 -33.60 1.38
C VAL D 317 -25.58 -34.37 0.27
N ILE D 318 -24.86 -33.68 -0.62
CA ILE D 318 -24.10 -34.31 -1.69
C ILE D 318 -23.00 -35.20 -1.09
N LYS D 319 -22.30 -34.75 -0.06
CA LYS D 319 -21.33 -35.60 0.65
C LYS D 319 -21.99 -36.79 1.34
N ALA D 320 -23.14 -36.67 1.97
CA ALA D 320 -23.85 -37.82 2.54
C ALA D 320 -24.34 -38.83 1.49
N LEU D 321 -24.74 -38.37 0.30
CA LEU D 321 -25.07 -39.26 -0.81
C LEU D 321 -23.83 -39.96 -1.36
N GLU D 322 -22.70 -39.26 -1.49
CA GLU D 322 -21.44 -39.84 -1.93
C GLU D 322 -20.85 -40.82 -0.92
N HIS D 323 -21.01 -40.59 0.38
CA HIS D 323 -20.56 -41.54 1.41
C HIS D 323 -21.36 -42.83 1.35
N SER D 324 -22.66 -42.71 1.12
CA SER D 324 -23.57 -43.82 1.02
C SER D 324 -23.34 -44.61 -0.27
N ALA D 325 -23.15 -43.92 -1.40
CA ALA D 325 -22.82 -44.58 -2.65
C ALA D 325 -21.46 -45.28 -2.62
N LEU D 326 -20.45 -44.74 -1.96
CA LEU D 326 -19.16 -45.41 -1.77
C LEU D 326 -19.27 -46.61 -0.81
N ALA D 327 -20.14 -46.56 0.19
CA ALA D 327 -20.43 -47.70 1.06
C ALA D 327 -21.20 -48.82 0.35
N ILE D 328 -22.16 -48.50 -0.53
CA ILE D 328 -22.84 -49.50 -1.38
C ILE D 328 -22.12 -49.79 -2.71
N ASN D 329 -20.90 -49.33 -2.90
CA ASN D 329 -20.07 -49.58 -4.09
C ASN D 329 -20.79 -49.30 -5.43
N HIS D 330 -21.32 -48.09 -5.60
CA HIS D 330 -21.90 -47.60 -6.86
C HIS D 330 -21.36 -46.22 -7.20
N LYS D 331 -21.25 -45.88 -8.49
CA LYS D 331 -21.19 -44.46 -8.87
C LYS D 331 -22.52 -43.80 -8.51
N LEU D 332 -22.51 -42.56 -8.07
CA LEU D 332 -23.70 -41.76 -7.78
C LEU D 332 -23.90 -40.70 -8.86
N GLU D 333 -25.06 -40.69 -9.49
CA GLU D 333 -25.50 -39.63 -10.38
C GLU D 333 -26.63 -38.86 -9.69
N ILE D 334 -26.31 -37.72 -9.10
CA ILE D 334 -27.33 -36.85 -8.52
C ILE D 334 -27.98 -36.09 -9.68
N LYS D 335 -29.23 -36.41 -9.98
CA LYS D 335 -30.05 -35.62 -10.88
C LYS D 335 -30.58 -34.42 -10.11
N TYR D 336 -29.93 -33.27 -10.24
CA TYR D 336 -30.37 -32.02 -9.62
C TYR D 336 -31.63 -31.48 -10.33
N ILE D 337 -32.74 -31.39 -9.59
CA ILE D 337 -34.01 -30.86 -10.08
C ILE D 337 -34.36 -29.60 -9.29
N ASP D 338 -34.60 -28.48 -9.96
CA ASP D 338 -35.25 -27.32 -9.33
C ASP D 338 -36.72 -27.67 -9.14
N SER D 339 -37.14 -27.79 -7.89
CA SER D 339 -38.49 -28.20 -7.54
C SER D 339 -39.58 -27.33 -8.15
N ALA D 340 -39.34 -26.03 -8.38
CA ALA D 340 -40.30 -25.16 -9.04
C ALA D 340 -40.68 -25.64 -10.46
N ASP D 341 -39.80 -26.38 -11.14
CA ASP D 341 -40.08 -26.93 -12.46
C ASP D 341 -41.03 -28.14 -12.42
N LEU D 342 -41.17 -28.84 -11.28
CA LEU D 342 -42.18 -29.89 -11.09
C LEU D 342 -43.59 -29.33 -10.87
N GLU D 343 -43.74 -28.05 -10.61
CA GLU D 343 -45.01 -27.39 -10.29
C GLU D 343 -45.92 -27.32 -11.54
N PRO D 344 -47.23 -27.65 -11.45
CA PRO D 344 -48.09 -27.70 -12.62
C PRO D 344 -48.30 -26.32 -13.28
N ILE D 345 -47.99 -25.23 -12.58
CA ILE D 345 -47.98 -23.86 -13.14
C ILE D 345 -46.85 -23.68 -14.15
N THR D 346 -45.68 -24.31 -13.96
CA THR D 346 -44.57 -24.27 -14.94
C THR D 346 -44.99 -24.88 -16.27
N SER D 347 -45.80 -25.95 -16.26
CA SER D 347 -46.27 -26.63 -17.47
C SER D 347 -47.10 -25.73 -18.39
N GLN D 348 -47.70 -24.66 -17.86
CA GLN D 348 -48.53 -23.71 -18.60
C GLN D 348 -47.71 -22.70 -19.43
N GLU D 349 -46.40 -22.54 -19.16
CA GLU D 349 -45.60 -21.43 -19.73
C GLU D 349 -44.11 -21.73 -19.98
N GLU D 350 -43.56 -22.71 -19.27
CA GLU D 350 -42.18 -23.18 -19.39
C GLU D 350 -42.16 -24.71 -19.57
N PRO D 351 -42.87 -25.27 -20.56
CA PRO D 351 -43.11 -26.71 -20.61
C PRO D 351 -41.82 -27.51 -20.86
N VAL D 352 -40.81 -26.95 -21.51
CA VAL D 352 -39.51 -27.63 -21.65
C VAL D 352 -38.80 -27.80 -20.30
N ARG D 353 -38.92 -26.84 -19.37
CA ARG D 353 -38.46 -27.04 -17.99
C ARG D 353 -39.28 -28.10 -17.27
N TYR D 354 -40.62 -28.04 -17.37
CA TYR D 354 -41.49 -29.02 -16.74
C TYR D 354 -41.17 -30.46 -17.20
N HIS D 355 -41.08 -30.71 -18.50
CA HIS D 355 -40.77 -32.05 -18.99
C HIS D 355 -39.32 -32.46 -18.72
N GLU D 356 -38.33 -31.56 -18.72
CA GLU D 356 -36.97 -31.91 -18.30
C GLU D 356 -36.91 -32.38 -16.85
N ALA D 357 -37.55 -31.64 -15.92
CA ALA D 357 -37.63 -31.99 -14.51
C ALA D 357 -38.31 -33.35 -14.28
N TRP D 358 -39.42 -33.60 -14.95
CA TRP D 358 -40.12 -34.87 -14.86
C TRP D 358 -39.40 -36.03 -15.55
N GLN D 359 -38.68 -35.80 -16.63
CA GLN D 359 -37.82 -36.81 -17.24
C GLN D 359 -36.69 -37.22 -16.26
N LYS D 360 -36.05 -36.25 -15.60
CA LYS D 360 -35.05 -36.48 -14.54
C LYS D 360 -35.65 -37.22 -13.34
N LEU D 361 -36.81 -36.80 -12.84
CA LEU D 361 -37.42 -37.41 -11.66
C LEU D 361 -37.87 -38.84 -11.92
N CYS D 362 -38.39 -39.13 -13.12
CA CYS D 362 -38.86 -40.47 -13.45
C CYS D 362 -37.71 -41.45 -13.74
N SER D 363 -36.62 -40.98 -14.32
CA SER D 363 -35.42 -41.79 -14.59
C SER D 363 -34.50 -41.98 -13.37
N ALA D 364 -34.76 -41.31 -12.24
CA ALA D 364 -34.09 -41.56 -10.97
C ALA D 364 -34.51 -42.90 -10.34
N HIS D 365 -33.56 -43.57 -9.68
CA HIS D 365 -33.77 -44.83 -8.97
C HIS D 365 -34.34 -44.65 -7.57
N GLY D 366 -34.18 -43.47 -6.98
CA GLY D 366 -34.77 -43.06 -5.72
C GLY D 366 -34.76 -41.53 -5.61
N VAL D 367 -35.46 -40.96 -4.63
CA VAL D 367 -35.62 -39.51 -4.54
C VAL D 367 -35.32 -39.00 -3.13
N LEU D 368 -34.66 -37.84 -3.06
CA LEU D 368 -34.40 -37.10 -1.84
C LEU D 368 -35.08 -35.74 -1.91
N VAL D 369 -35.96 -35.45 -0.97
CA VAL D 369 -36.50 -34.11 -0.74
C VAL D 369 -35.75 -33.51 0.45
N PRO D 370 -34.73 -32.66 0.24
CA PRO D 370 -33.95 -32.06 1.30
C PRO D 370 -34.71 -30.95 2.01
N GLY D 371 -34.15 -30.51 3.14
CA GLY D 371 -34.68 -29.42 3.95
C GLY D 371 -34.67 -28.05 3.26
N GLY D 372 -35.38 -27.10 3.87
CA GLY D 372 -35.47 -25.72 3.41
C GLY D 372 -36.46 -24.89 4.22
N PHE D 373 -36.70 -23.65 3.78
CA PHE D 373 -37.61 -22.70 4.42
C PHE D 373 -38.39 -21.89 3.37
N GLY D 374 -39.63 -21.51 3.68
CA GLY D 374 -40.49 -20.62 2.87
C GLY D 374 -41.11 -21.26 1.63
N VAL D 375 -42.20 -20.67 1.12
CA VAL D 375 -43.11 -21.30 0.14
C VAL D 375 -42.42 -21.74 -1.16
N ARG D 376 -41.58 -20.91 -1.79
CA ARG D 376 -41.14 -21.12 -3.18
C ARG D 376 -40.55 -22.52 -3.40
N GLY D 377 -41.09 -23.29 -4.34
CA GLY D 377 -40.66 -24.67 -4.62
C GLY D 377 -41.39 -25.76 -3.84
N THR D 378 -42.13 -25.43 -2.78
CA THR D 378 -42.87 -26.39 -1.93
C THR D 378 -43.85 -27.29 -2.70
N GLU D 379 -44.62 -26.73 -3.62
CA GLU D 379 -45.58 -27.53 -4.39
C GLU D 379 -44.90 -28.56 -5.30
N GLY D 380 -43.72 -28.26 -5.82
CA GLY D 380 -42.89 -29.25 -6.53
C GLY D 380 -42.33 -30.34 -5.63
N LYS D 381 -42.03 -30.05 -4.37
CA LYS D 381 -41.56 -31.05 -3.40
C LYS D 381 -42.72 -31.98 -3.09
N ILE D 382 -43.93 -31.46 -2.87
CA ILE D 382 -45.17 -32.24 -2.74
C ILE D 382 -45.44 -33.08 -4.00
N GLN D 383 -45.24 -32.51 -5.20
CA GLN D 383 -45.38 -33.27 -6.45
C GLN D 383 -44.46 -34.50 -6.49
N ALA D 384 -43.20 -34.35 -6.08
CA ALA D 384 -42.24 -35.44 -6.09
C ALA D 384 -42.51 -36.49 -5.02
N ILE D 385 -43.05 -36.12 -3.86
CA ILE D 385 -43.43 -37.08 -2.82
C ILE D 385 -44.63 -37.91 -3.27
N ALA D 386 -45.59 -37.29 -3.96
CA ALA D 386 -46.73 -37.97 -4.56
C ALA D 386 -46.29 -38.96 -5.64
N TRP D 387 -45.35 -38.57 -6.49
CA TRP D 387 -44.71 -39.50 -7.41
C TRP D 387 -44.07 -40.68 -6.68
N ALA D 388 -43.26 -40.41 -5.66
CA ALA D 388 -42.56 -41.44 -4.91
C ALA D 388 -43.51 -42.43 -4.22
N ARG D 389 -44.63 -41.96 -3.64
CA ARG D 389 -45.65 -42.88 -3.12
C ARG D 389 -46.25 -43.72 -4.23
N ASN D 390 -46.82 -43.08 -5.26
CA ASN D 390 -47.64 -43.79 -6.23
C ASN D 390 -46.81 -44.74 -7.11
N GLN D 391 -45.63 -44.33 -7.54
CA GLN D 391 -44.71 -45.13 -8.34
C GLN D 391 -43.86 -46.10 -7.48
N LYS D 392 -44.02 -46.09 -6.15
CA LYS D 392 -43.25 -46.91 -5.18
C LYS D 392 -41.72 -46.71 -5.20
N LYS D 393 -41.20 -45.58 -5.73
CA LYS D 393 -39.75 -45.24 -5.74
C LYS D 393 -39.26 -44.91 -4.32
N PRO D 394 -38.10 -45.42 -3.87
CA PRO D 394 -37.54 -45.10 -2.55
C PRO D 394 -37.41 -43.61 -2.28
N PHE D 395 -37.76 -43.19 -1.07
CA PHE D 395 -37.89 -41.79 -0.70
C PHE D 395 -37.21 -41.50 0.65
N LEU D 396 -36.41 -40.45 0.67
CA LEU D 396 -35.98 -39.80 1.91
C LEU D 396 -36.47 -38.35 1.92
N GLY D 397 -37.22 -37.96 2.95
CA GLY D 397 -37.64 -36.58 3.20
C GLY D 397 -36.91 -36.05 4.41
N VAL D 398 -36.12 -34.99 4.24
CA VAL D 398 -35.32 -34.42 5.32
C VAL D 398 -35.92 -33.11 5.77
N CYS D 399 -36.24 -33.03 7.05
CA CYS D 399 -36.80 -31.87 7.74
C CYS D 399 -38.09 -31.37 7.07
N LEU D 400 -37.97 -30.40 6.16
CA LEU D 400 -39.07 -29.97 5.29
C LEU D 400 -39.66 -31.15 4.51
N GLY D 401 -38.86 -32.13 4.11
CA GLY D 401 -39.35 -33.30 3.39
C GLY D 401 -40.20 -34.26 4.23
N MET D 402 -40.00 -34.34 5.55
CA MET D 402 -40.92 -35.03 6.45
C MET D 402 -42.23 -34.28 6.61
N GLN D 403 -42.17 -32.96 6.81
CA GLN D 403 -43.34 -32.11 6.93
C GLN D 403 -44.18 -32.17 5.67
N LEU D 404 -43.56 -32.07 4.51
CA LEU D 404 -44.27 -32.21 3.23
C LEU D 404 -44.69 -33.64 2.92
N ALA D 405 -44.10 -34.69 3.51
CA ALA D 405 -44.67 -36.02 3.42
C ALA D 405 -45.97 -36.13 4.22
N VAL D 406 -46.03 -35.50 5.39
CA VAL D 406 -47.26 -35.47 6.19
C VAL D 406 -48.35 -34.63 5.52
N VAL D 407 -47.99 -33.54 4.86
CA VAL D 407 -48.92 -32.76 4.02
C VAL D 407 -49.41 -33.57 2.83
N GLU D 408 -48.51 -34.20 2.06
CA GLU D 408 -48.86 -35.04 0.92
C GLU D 408 -49.80 -36.19 1.30
N PHE D 409 -49.48 -36.93 2.34
CA PHE D 409 -50.34 -38.00 2.80
C PHE D 409 -51.71 -37.48 3.25
N SER D 410 -51.78 -36.28 3.81
CA SER D 410 -53.05 -35.61 4.09
C SER D 410 -53.81 -35.29 2.81
N ARG D 411 -53.21 -34.59 1.83
CA ARG D 411 -53.86 -34.21 0.58
C ARG D 411 -54.35 -35.39 -0.26
N ASN D 412 -53.53 -36.42 -0.42
CA ASN D 412 -53.73 -37.50 -1.39
C ASN D 412 -53.95 -38.90 -0.79
N VAL D 413 -53.86 -39.10 0.52
CA VAL D 413 -54.30 -40.36 1.17
C VAL D 413 -55.50 -40.15 2.08
N LEU D 414 -55.47 -39.16 2.97
CA LEU D 414 -56.68 -38.78 3.73
C LEU D 414 -57.70 -38.02 2.87
N GLY D 415 -57.25 -37.39 1.78
CA GLY D 415 -58.09 -36.65 0.83
C GLY D 415 -58.42 -35.22 1.25
N TRP D 416 -57.70 -34.68 2.23
CA TRP D 416 -57.84 -33.32 2.73
C TRP D 416 -57.19 -32.32 1.77
N GLN D 417 -57.83 -32.02 0.65
CA GLN D 417 -57.24 -31.24 -0.45
C GLN D 417 -56.77 -29.82 -0.07
N ASP D 418 -57.25 -29.27 1.05
CA ASP D 418 -56.83 -27.98 1.60
C ASP D 418 -55.61 -28.08 2.54
N ALA D 419 -55.17 -29.29 2.92
CA ALA D 419 -54.07 -29.52 3.86
C ALA D 419 -52.75 -28.90 3.40
N ASN D 420 -52.09 -28.23 4.35
CA ASN D 420 -50.81 -27.56 4.19
C ASN D 420 -50.11 -27.43 5.54
N SER D 421 -48.83 -27.11 5.51
CA SER D 421 -48.13 -26.58 6.66
C SER D 421 -48.55 -25.14 6.90
N THR D 422 -48.74 -24.78 8.16
CA THR D 422 -48.99 -23.40 8.58
C THR D 422 -47.75 -22.49 8.48
N GLU D 423 -46.59 -23.00 8.07
CA GLU D 423 -45.52 -22.14 7.57
C GLU D 423 -45.94 -21.43 6.27
N PHE D 424 -46.61 -22.16 5.38
CA PHE D 424 -46.88 -21.75 4.00
C PHE D 424 -48.27 -21.18 3.77
N ASP D 425 -49.27 -21.66 4.51
CA ASP D 425 -50.64 -21.14 4.46
C ASP D 425 -51.30 -21.12 5.86
N PRO D 426 -51.25 -20.00 6.59
CA PRO D 426 -51.86 -19.88 7.90
C PRO D 426 -53.40 -19.78 7.88
N THR D 427 -54.07 -19.79 6.72
CA THR D 427 -55.55 -19.88 6.65
C THR D 427 -56.06 -21.32 6.81
N THR D 428 -55.18 -22.30 6.61
CA THR D 428 -55.49 -23.72 6.38
C THR D 428 -56.41 -24.36 7.43
N SER D 429 -57.51 -24.97 7.00
CA SER D 429 -58.19 -26.02 7.78
C SER D 429 -57.52 -27.38 7.52
N HIS D 430 -57.61 -28.31 8.47
CA HIS D 430 -56.65 -29.42 8.63
C HIS D 430 -55.17 -28.95 8.70
N PRO D 431 -54.79 -28.05 9.65
CA PRO D 431 -53.41 -27.56 9.82
C PRO D 431 -52.48 -28.65 10.36
N VAL D 432 -52.05 -29.55 9.50
CA VAL D 432 -51.35 -30.78 9.88
C VAL D 432 -49.90 -30.54 10.30
N VAL D 433 -49.28 -29.42 9.90
CA VAL D 433 -47.98 -28.96 10.40
C VAL D 433 -48.06 -27.56 10.98
N VAL D 434 -47.53 -27.38 12.19
CA VAL D 434 -47.74 -26.23 13.08
C VAL D 434 -46.43 -25.62 13.58
N ASP D 435 -46.39 -24.30 13.65
CA ASP D 435 -45.34 -23.57 14.37
C ASP D 435 -45.29 -24.04 15.82
N MET D 436 -44.12 -24.43 16.32
CA MET D 436 -43.94 -24.97 17.66
C MET D 436 -42.51 -24.73 18.18
N PRO D 437 -42.21 -23.53 18.72
CA PRO D 437 -40.90 -23.17 19.27
C PRO D 437 -40.44 -24.00 20.46
N GLU D 438 -39.17 -23.87 20.84
CA GLU D 438 -38.64 -24.32 22.13
C GLU D 438 -39.08 -23.42 23.29
N HIS D 439 -39.16 -23.98 24.51
CA HIS D 439 -39.53 -23.26 25.73
C HIS D 439 -38.49 -23.47 26.86
N ASN D 440 -37.20 -23.40 26.50
CA ASN D 440 -36.08 -23.43 27.45
C ASN D 440 -35.73 -22.01 27.91
N MET D 448 -36.44 -22.54 18.81
CA MET D 448 -36.42 -23.45 17.68
C MET D 448 -35.76 -24.77 18.07
N ARG D 449 -36.35 -25.92 17.71
CA ARG D 449 -35.74 -27.22 18.00
C ARG D 449 -34.46 -27.17 17.15
N LEU D 450 -33.38 -26.61 17.70
CA LEU D 450 -32.15 -26.25 16.98
C LEU D 450 -30.89 -26.77 17.69
N GLY D 451 -30.00 -27.42 16.95
CA GLY D 451 -28.86 -28.16 17.48
C GLY D 451 -29.16 -29.62 17.71
N LYS D 452 -28.32 -30.31 18.48
CA LYS D 452 -28.49 -31.72 18.87
C LYS D 452 -29.67 -31.92 19.81
N ARG D 453 -30.48 -32.94 19.57
CA ARG D 453 -31.49 -33.46 20.52
C ARG D 453 -31.61 -34.98 20.41
N ARG D 454 -32.05 -35.60 21.51
CA ARG D 454 -32.35 -37.04 21.58
C ARG D 454 -33.72 -37.34 20.98
N THR D 455 -33.75 -38.28 20.03
CA THR D 455 -34.97 -38.95 19.56
C THR D 455 -35.04 -40.33 20.20
N LEU D 456 -36.21 -40.72 20.70
CA LEU D 456 -36.49 -42.08 21.15
C LEU D 456 -37.31 -42.81 20.09
N PHE D 457 -36.97 -44.07 19.80
CA PHE D 457 -37.88 -44.94 19.06
C PHE D 457 -39.09 -45.35 19.92
N GLN D 458 -40.27 -45.39 19.31
CA GLN D 458 -41.53 -45.83 19.92
C GLN D 458 -41.98 -47.23 19.47
N THR D 459 -41.11 -47.98 18.78
CA THR D 459 -41.38 -49.30 18.21
C THR D 459 -40.11 -50.15 18.16
N LYS D 460 -40.25 -51.47 18.10
CA LYS D 460 -39.15 -52.44 17.90
C LYS D 460 -38.74 -52.60 16.44
N ASN D 461 -39.64 -52.37 15.49
CA ASN D 461 -39.56 -53.01 14.15
C ASN D 461 -39.57 -52.08 12.92
N SER D 462 -39.21 -50.81 13.14
CA SER D 462 -38.92 -49.86 12.07
C SER D 462 -37.65 -50.23 11.29
N VAL D 463 -37.66 -50.05 9.97
CA VAL D 463 -36.46 -50.21 9.16
C VAL D 463 -35.41 -49.15 9.47
N MET D 464 -35.84 -47.97 9.93
CA MET D 464 -34.93 -46.95 10.42
C MET D 464 -34.29 -47.33 11.75
N ARG D 465 -35.01 -47.96 12.68
CA ARG D 465 -34.41 -48.51 13.90
C ARG D 465 -33.36 -49.58 13.59
N LYS D 466 -33.62 -50.45 12.60
CA LYS D 466 -32.62 -51.41 12.12
C LYS D 466 -31.42 -50.78 11.42
N LEU D 467 -31.62 -49.74 10.60
CA LEU D 467 -30.52 -48.99 9.97
C LEU D 467 -29.67 -48.23 11.01
N TYR D 468 -30.27 -47.68 12.07
CA TYR D 468 -29.57 -47.07 13.21
C TYR D 468 -29.01 -48.09 14.22
N GLY D 469 -28.95 -49.39 13.88
CA GLY D 469 -28.28 -50.40 14.70
C GLY D 469 -29.02 -50.84 15.96
N ASP D 470 -30.33 -50.62 16.02
CA ASP D 470 -31.23 -51.11 17.07
C ASP D 470 -30.80 -50.74 18.51
N ALA D 471 -30.37 -49.50 18.69
CA ALA D 471 -30.40 -48.81 19.96
C ALA D 471 -31.78 -48.18 20.17
N ASP D 472 -32.26 -47.99 21.40
CA ASP D 472 -33.60 -47.45 21.64
C ASP D 472 -33.70 -45.92 21.47
N TYR D 473 -32.57 -45.26 21.25
CA TYR D 473 -32.49 -43.83 20.97
C TYR D 473 -31.40 -43.54 19.95
N LEU D 474 -31.48 -42.34 19.39
CA LEU D 474 -30.47 -41.70 18.55
C LEU D 474 -30.36 -40.21 18.91
N GLU D 475 -29.19 -39.63 18.73
CA GLU D 475 -28.96 -38.19 18.94
C GLU D 475 -28.47 -37.54 17.65
N GLU D 476 -29.24 -36.56 17.17
CA GLU D 476 -29.16 -35.98 15.82
C GLU D 476 -29.37 -34.46 15.88
N ARG D 477 -29.03 -33.73 14.81
CA ARG D 477 -29.05 -32.26 14.75
C ARG D 477 -30.18 -31.67 13.90
N HIS D 478 -30.81 -30.62 14.40
CA HIS D 478 -32.02 -29.97 13.85
C HIS D 478 -31.85 -28.48 13.49
N ARG D 479 -32.59 -27.95 12.50
CA ARG D 479 -32.79 -26.50 12.25
C ARG D 479 -34.20 -25.97 12.59
N HIS D 480 -35.22 -26.79 12.42
CA HIS D 480 -36.61 -26.39 12.18
C HIS D 480 -37.34 -25.57 13.27
N ARG D 481 -38.45 -24.93 12.85
CA ARG D 481 -39.41 -24.20 13.71
C ARG D 481 -40.82 -24.82 13.76
N PHE D 482 -41.13 -25.78 12.90
CA PHE D 482 -42.45 -26.36 12.64
C PHE D 482 -42.48 -27.88 12.86
N GLU D 483 -43.62 -28.42 13.22
CA GLU D 483 -43.79 -29.80 13.65
C GLU D 483 -45.14 -30.41 13.24
N VAL D 484 -45.24 -31.74 13.25
CA VAL D 484 -46.48 -32.47 12.97
C VAL D 484 -47.45 -32.31 14.15
N ASN D 485 -48.67 -31.88 13.86
CA ASN D 485 -49.67 -31.48 14.85
C ASN D 485 -50.26 -32.69 15.62
N PRO D 486 -50.17 -32.75 16.96
CA PRO D 486 -50.65 -33.89 17.75
C PRO D 486 -52.18 -34.01 17.79
N VAL D 487 -52.93 -32.99 17.38
CA VAL D 487 -54.36 -33.07 17.17
C VAL D 487 -54.71 -33.92 15.94
N TRP D 488 -53.86 -33.95 14.91
CA TRP D 488 -54.07 -34.71 13.67
C TRP D 488 -53.23 -36.01 13.57
N LYS D 489 -52.25 -36.20 14.45
CA LYS D 489 -51.45 -37.42 14.60
C LYS D 489 -52.28 -38.70 14.53
N LYS D 490 -53.34 -38.86 15.32
CA LYS D 490 -54.18 -40.07 15.30
C LYS D 490 -54.82 -40.30 13.92
N CYS D 491 -55.30 -39.27 13.25
CA CYS D 491 -55.94 -39.36 11.94
C CYS D 491 -54.97 -39.82 10.83
N LEU D 492 -53.67 -39.59 11.01
CA LEU D 492 -52.61 -40.11 10.16
C LEU D 492 -52.19 -41.54 10.55
N GLU D 493 -52.18 -41.85 11.85
CA GLU D 493 -51.84 -43.17 12.40
C GLU D 493 -52.90 -44.26 12.21
N GLU D 494 -54.19 -43.93 12.13
CA GLU D 494 -55.24 -44.89 11.75
C GLU D 494 -55.12 -45.30 10.26
N GLN D 495 -54.35 -44.54 9.48
CA GLN D 495 -53.93 -44.87 8.11
C GLN D 495 -52.41 -45.14 8.08
N GLY D 496 -51.80 -45.15 6.90
CA GLY D 496 -50.46 -45.73 6.66
C GLY D 496 -49.20 -45.09 7.26
N LEU D 497 -49.22 -43.91 7.89
CA LEU D 497 -48.00 -43.30 8.48
C LEU D 497 -47.81 -43.73 9.93
N LYS D 498 -46.64 -44.27 10.25
CA LYS D 498 -46.20 -44.56 11.63
C LYS D 498 -45.09 -43.59 12.04
N PHE D 499 -45.34 -42.76 13.05
CA PHE D 499 -44.33 -41.91 13.66
C PHE D 499 -43.43 -42.73 14.60
N VAL D 500 -42.48 -43.46 14.02
CA VAL D 500 -41.61 -44.43 14.70
C VAL D 500 -40.66 -43.78 15.69
N GLY D 501 -40.29 -42.52 15.50
CA GLY D 501 -39.36 -41.78 16.35
C GLY D 501 -39.93 -40.46 16.83
N GLN D 502 -39.78 -40.15 18.11
CA GLN D 502 -40.38 -38.99 18.80
C GLN D 502 -39.43 -38.43 19.87
N ASP D 503 -39.68 -37.23 20.39
CA ASP D 503 -38.83 -36.66 21.47
C ASP D 503 -39.02 -37.35 22.84
N VAL D 504 -38.19 -37.01 23.83
CA VAL D 504 -38.23 -37.61 25.18
C VAL D 504 -39.60 -37.49 25.89
N GLU D 505 -40.36 -36.42 25.65
CA GLU D 505 -41.72 -36.22 26.17
C GLU D 505 -42.84 -36.65 25.21
N GLY D 506 -42.50 -37.04 23.98
CA GLY D 506 -43.43 -37.53 22.96
C GLY D 506 -44.37 -36.47 22.36
N GLU D 507 -44.09 -35.19 22.55
CA GLU D 507 -44.89 -34.09 22.00
C GLU D 507 -44.60 -33.85 20.52
N ARG D 508 -43.40 -34.19 20.04
CA ARG D 508 -42.88 -33.94 18.68
C ARG D 508 -42.57 -35.22 17.91
N MET D 509 -42.96 -35.26 16.64
CA MET D 509 -42.66 -36.37 15.74
C MET D 509 -41.33 -36.13 15.04
N GLU D 510 -40.38 -37.03 15.20
CA GLU D 510 -38.99 -36.85 14.76
C GLU D 510 -38.63 -37.78 13.60
N ILE D 511 -39.23 -38.96 13.51
CA ILE D 511 -39.11 -39.90 12.39
C ILE D 511 -40.49 -40.44 12.03
N VAL D 512 -40.77 -40.52 10.74
CA VAL D 512 -41.96 -41.18 10.19
C VAL D 512 -41.57 -42.21 9.13
N GLU D 513 -42.27 -43.33 9.10
CA GLU D 513 -42.16 -44.41 8.12
C GLU D 513 -43.56 -44.74 7.59
N LEU D 514 -43.70 -44.96 6.28
CA LEU D 514 -44.97 -45.36 5.64
C LEU D 514 -45.05 -46.88 5.49
N GLU D 515 -46.20 -47.49 5.79
CA GLU D 515 -46.46 -48.93 5.56
C GLU D 515 -46.51 -49.28 4.05
N ASP D 516 -46.17 -50.52 3.71
CA ASP D 516 -46.29 -51.10 2.37
C ASP D 516 -45.69 -50.23 1.24
N HIS D 517 -44.51 -49.68 1.50
CA HIS D 517 -43.66 -49.00 0.54
C HIS D 517 -42.19 -49.46 0.69
N PRO D 518 -41.44 -49.71 -0.41
CA PRO D 518 -40.06 -50.21 -0.37
C PRO D 518 -39.14 -49.49 0.61
N PHE D 519 -39.18 -48.16 0.65
CA PHE D 519 -38.50 -47.32 1.63
C PHE D 519 -39.07 -45.91 1.51
N PHE D 520 -39.83 -45.45 2.49
CA PHE D 520 -40.40 -44.12 2.49
C PHE D 520 -40.36 -43.63 3.92
N VAL D 521 -39.39 -42.75 4.18
CA VAL D 521 -39.10 -42.23 5.50
C VAL D 521 -39.00 -40.73 5.48
N GLY D 522 -39.54 -40.12 6.51
CA GLY D 522 -39.30 -38.74 6.85
C GLY D 522 -38.45 -38.71 8.12
N VAL D 523 -37.49 -37.80 8.16
CA VAL D 523 -36.72 -37.45 9.36
C VAL D 523 -36.85 -35.96 9.58
N GLN D 524 -36.99 -35.54 10.82
CA GLN D 524 -37.18 -34.12 11.14
C GLN D 524 -35.85 -33.37 11.29
N TYR D 525 -34.81 -34.08 11.72
CA TYR D 525 -33.43 -33.63 11.80
C TYR D 525 -32.74 -33.66 10.43
N HIS D 526 -31.47 -33.26 10.38
CA HIS D 526 -30.59 -33.27 9.21
C HIS D 526 -29.53 -34.38 9.38
N PRO D 527 -29.73 -35.59 8.84
CA PRO D 527 -28.78 -36.69 8.98
C PRO D 527 -27.42 -36.41 8.36
N GLU D 528 -27.36 -35.59 7.30
CA GLU D 528 -26.15 -35.32 6.52
C GLU D 528 -24.99 -34.73 7.31
N PHE D 529 -25.26 -34.00 8.40
CA PHE D 529 -24.23 -33.40 9.23
C PHE D 529 -23.40 -34.41 10.01
N LEU D 530 -23.93 -35.59 10.30
CA LEU D 530 -23.21 -36.69 10.95
C LEU D 530 -22.68 -37.77 9.98
N SER D 531 -22.80 -37.58 8.66
CA SER D 531 -22.13 -38.43 7.68
C SER D 531 -20.61 -38.27 7.74
N ARG D 532 -19.86 -39.38 7.71
CA ARG D 532 -18.40 -39.41 7.73
C ARG D 532 -17.92 -40.33 6.62
N PRO D 533 -16.78 -40.09 5.96
CA PRO D 533 -16.42 -40.78 4.73
C PRO D 533 -16.50 -42.31 4.73
N ILE D 534 -16.17 -42.97 5.85
CA ILE D 534 -16.30 -44.43 6.04
C ILE D 534 -17.53 -44.86 6.85
N LYS D 535 -18.44 -43.94 7.16
CA LYS D 535 -19.64 -44.17 7.96
C LYS D 535 -20.78 -43.22 7.51
N PRO D 536 -21.52 -43.57 6.44
CA PRO D 536 -22.62 -42.75 5.96
C PRO D 536 -23.72 -42.64 7.01
N SER D 537 -24.52 -41.58 6.92
CA SER D 537 -25.67 -41.43 7.81
C SER D 537 -26.73 -42.48 7.47
N PRO D 538 -27.25 -43.24 8.43
CA PRO D 538 -28.15 -44.36 8.14
C PRO D 538 -29.32 -44.08 7.18
N PRO D 539 -29.99 -42.91 7.19
CA PRO D 539 -31.07 -42.63 6.25
C PRO D 539 -30.61 -42.54 4.80
N TYR D 540 -29.45 -41.97 4.54
CA TYR D 540 -28.90 -41.84 3.20
C TYR D 540 -28.38 -43.17 2.70
N PHE D 541 -27.84 -43.99 3.60
CA PHE D 541 -27.49 -45.37 3.30
C PHE D 541 -28.73 -46.20 2.98
N GLY D 542 -29.80 -46.07 3.77
CA GLY D 542 -31.11 -46.66 3.49
C GLY D 542 -31.69 -46.30 2.12
N LEU D 543 -31.67 -45.03 1.71
CA LEU D 543 -32.11 -44.60 0.38
C LEU D 543 -31.26 -45.21 -0.75
N LEU D 544 -29.94 -45.27 -0.57
CA LEU D 544 -29.04 -45.85 -1.56
C LEU D 544 -29.26 -47.35 -1.66
N LEU D 545 -29.30 -48.07 -0.54
CA LEU D 545 -29.63 -49.49 -0.47
C LEU D 545 -30.99 -49.77 -1.13
N ALA D 546 -32.03 -49.01 -0.81
CA ALA D 546 -33.36 -49.22 -1.34
C ALA D 546 -33.41 -49.02 -2.85
N SER D 547 -32.81 -47.96 -3.37
CA SER D 547 -32.85 -47.61 -4.79
C SER D 547 -32.08 -48.58 -5.68
N VAL D 548 -31.04 -49.25 -5.17
CA VAL D 548 -30.38 -50.39 -5.85
C VAL D 548 -30.96 -51.76 -5.48
N GLY D 549 -32.03 -51.81 -4.68
CA GLY D 549 -32.76 -53.00 -4.26
C GLY D 549 -32.17 -53.80 -3.09
N ARG D 550 -30.98 -53.45 -2.62
CA ARG D 550 -30.22 -54.15 -1.57
C ARG D 550 -30.71 -53.92 -0.13
N LEU D 551 -31.67 -53.03 0.13
CA LEU D 551 -32.20 -52.83 1.50
C LEU D 551 -32.93 -54.06 2.06
N SER D 552 -33.55 -54.88 1.22
CA SER D 552 -34.16 -56.13 1.66
C SER D 552 -33.12 -57.16 2.09
N HIS D 553 -31.99 -57.24 1.37
CA HIS D 553 -30.90 -58.18 1.67
C HIS D 553 -30.11 -57.81 2.94
N TYR D 554 -29.93 -56.53 3.21
CA TYR D 554 -29.23 -55.96 4.36
C TYR D 554 -29.90 -56.28 5.70
N LEU D 555 -31.23 -56.45 5.65
CA LEU D 555 -32.08 -56.87 6.77
C LEU D 555 -32.29 -58.39 6.69
PA UTP E . -3.53 9.08 18.31
O1A UTP E . -3.57 10.49 17.89
O2A UTP E . -3.62 9.00 19.83
O3A UTP E . -2.12 8.39 17.80
O5' UTP E . -4.71 8.27 17.67
PB UTP E . -1.05 7.47 18.74
O1B UTP E . -0.96 6.15 18.16
O2B UTP E . -1.60 7.40 20.12
O3B UTP E . 0.43 8.29 18.82
PG UTP E . 0.52 9.75 19.58
O1G UTP E . 1.69 9.60 20.65
O2G UTP E . 0.90 10.89 18.60
O3G UTP E . -0.85 10.04 20.14
C5' UTP E . -5.04 7.01 18.24
C4' UTP E . -6.37 6.66 17.93
O4' UTP E . -7.33 7.50 18.78
C1' UTP E . -8.41 7.74 17.98
C2' UTP E . -8.08 7.14 16.53
O2' UTP E . -8.70 5.81 16.44
C3' UTP E . -6.73 7.07 16.48
O3' UTP E . -6.25 6.09 15.52
N1 UTP E . -8.73 9.15 17.92
C6 UTP E . -10.00 9.54 18.12
C2 UTP E . -7.79 10.10 17.66
O2 UTP E . -6.73 9.82 17.48
N3 UTP E . -8.13 11.41 17.60
C4 UTP E . -9.39 11.79 17.80
O4 UTP E . -9.69 12.97 17.76
C5 UTP E . -10.33 10.84 18.07
H5'1 UTP E . -4.93 7.07 19.33
H5'2 UTP E . -4.36 6.25 17.85
H4' UTP E . -6.53 5.61 18.09
H1' UTP E . -9.27 7.20 18.39
H2' UTP E . -8.46 7.80 15.75
HA UTP E . -9.65 5.90 16.49
H3' UTP E . -6.32 8.05 16.25
HB UTP E . -5.29 6.08 15.52
H6 UTP E . -10.76 8.80 18.33
H3 UTP E . -7.43 12.10 17.41
H5 UTP E . -11.36 11.14 18.23
N GLN F . -17.68 12.23 41.71
CA GLN F . -18.78 13.11 41.85
C GLN F . -19.76 12.23 41.28
O GLN F . -20.94 12.24 41.58
CB GLN F . -18.72 14.37 41.00
CG GLN F . -18.91 14.14 39.53
CD GLN F . -17.96 14.92 38.70
OE1 GLN F . -17.16 15.66 39.22
NE2 GLN F . -18.06 14.77 37.40
OXT GLN F . -19.34 11.44 40.49
H1 GLN F . -17.04 12.47 42.25
H2 GLN F . -17.94 11.44 41.92
H3 GLN F . -17.41 12.23 40.91
HA GLN F . -18.97 13.31 42.79
HB2 GLN F . -19.42 14.98 41.31
HB3 GLN F . -17.86 14.79 41.13
HG2 GLN F . -18.74 13.21 39.31
HG3 GLN F . -19.82 14.38 39.28
HE21 GLN F . -18.81 14.54 37.05
HE22 GLN F . -17.37 14.89 36.90
MG MG G . -9.49 17.12 17.16
PG ANP H . -7.90 14.95 17.98
O1G ANP H . -9.19 15.42 18.56
O2G ANP H . -7.16 14.14 18.98
O3G ANP H . -8.00 14.34 16.61
PB ANP H . -6.90 17.89 17.04
O1B ANP H . -5.97 17.46 15.96
O2B ANP H . -8.07 18.63 16.53
N3B ANP H . -7.01 16.43 18.05
PA ANP H . -7.11 20.26 18.43
O1A ANP H . -7.98 20.99 17.47
O2A ANP H . -7.68 19.80 19.74
O3A ANP H . -6.20 19.08 17.82
O5' ANP H . -5.97 21.32 18.69
C5' ANP H . -4.70 21.01 19.27
C4' ANP H . -4.33 22.12 20.23
O4' ANP H . -3.73 23.21 19.53
C3' ANP H . -5.55 22.69 20.90
O3' ANP H . -5.30 22.93 22.28
C2' ANP H . -5.79 23.98 20.15
O2' ANP H . -6.49 24.91 20.98
C1' ANP H . -4.41 24.44 19.78
N9 ANP H . -4.24 25.18 18.51
C8 ANP H . -4.99 24.99 17.44
N7 ANP H . -4.62 25.74 16.41
C5 ANP H . -3.59 26.46 16.82
C6 ANP H . -2.74 27.46 16.21
N6 ANP H . -2.97 27.79 14.94
N1 ANP H . -1.76 27.99 16.95
C2 ANP H . -1.55 27.61 18.22
N3 ANP H . -2.31 26.70 18.84
C4 ANP H . -3.32 26.09 18.21
HNB1 ANP H . -6.50 16.45 18.90
H5'1 ANP H . -4.76 20.06 19.81
H5'2 ANP H . -3.95 20.91 18.49
H4' ANP H . -3.65 21.73 21.00
H3' ANP H . -6.41 22.01 20.76
HO3' ANP H . -4.37 22.73 22.47
H2' ANP H . -6.35 23.72 19.24
HO2' ANP H . -6.00 25.05 21.79
H1' ANP H . -3.93 24.98 20.62
H8 ANP H . -5.81 24.31 17.44
HN61 ANP H . -3.74 27.37 14.44
HN62 ANP H . -2.40 28.49 14.50
H2 ANP H . -0.74 28.07 18.76
MG MG I . 14.47 18.66 0.61
PA UTP J . 5.23 -10.96 -16.82
O1A UTP J . 3.96 -10.92 -17.55
O2A UTP J . 6.22 -11.85 -17.56
O3A UTP J . 4.98 -11.53 -15.29
O5' UTP J . 5.84 -9.51 -16.68
PB UTP J . 5.86 -12.76 -14.53
O1B UTP J . 6.47 -12.20 -13.34
O2B UTP J . 6.91 -13.25 -15.47
O3B UTP J . 4.82 -14.06 -14.22
PG UTP J . 4.16 -14.90 -15.48
O1G UTP J . 4.51 -16.41 -15.21
O2G UTP J . 2.62 -14.74 -15.52
O3G UTP J . 4.73 -14.29 -16.74
C5' UTP J . 7.21 -9.41 -16.34
C4' UTP J . 7.72 -8.16 -16.74
O4' UTP J . 7.92 -8.15 -18.26
C1' UTP J . 7.63 -6.88 -18.66
C2' UTP J . 7.11 -6.08 -17.38
O2' UTP J . 8.24 -5.31 -16.84
C3' UTP J . 6.69 -7.02 -16.52
O3' UTP J . 6.69 -6.58 -15.13
N1 UTP J . 6.66 -6.87 -19.74
C6 UTP J . 6.91 -6.13 -20.83
C2 UTP J . 5.50 -7.57 -19.67
O2 UTP J . 5.25 -8.19 -18.78
N3 UTP J . 4.60 -7.54 -20.69
C4 UTP J . 4.87 -6.80 -21.78
O4 UTP J . 4.06 -6.77 -22.70
C5 UTP J . 6.02 -6.10 -21.85
H5'1 UTP J . 7.78 -10.21 -16.82
H5'2 UTP J . 7.33 -9.51 -15.25
H4' UTP J . 8.66 -7.93 -16.22
H1' UTP J . 8.55 -6.41 -19.02
H2' UTP J . 6.29 -5.41 -17.65
HA UTP J . 8.52 -4.65 -17.48
H3' UTP J . 5.69 -7.36 -16.80
HB UTP J . 6.38 -7.28 -14.57
H6 UTP J . 7.83 -5.57 -20.89
H3 UTP J . 3.75 -8.06 -20.63
H5 UTP J . 6.24 -5.50 -22.73
N GLN K . 21.34 -16.25 -38.51
CA GLN K . 21.13 -15.69 -39.81
C GLN K . 21.75 -14.43 -39.54
O GLN K . 22.31 -13.75 -40.38
CB GLN K . 19.67 -15.42 -40.17
CG GLN K . 19.04 -14.27 -39.41
CD GLN K . 17.66 -14.59 -38.96
OE1 GLN K . 17.16 -15.65 -39.21
NE2 GLN K . 17.04 -13.64 -38.29
OXT GLN K . 21.74 -14.08 -38.39
H1 GLN K . 21.26 -17.10 -38.55
H2 GLN K . 22.12 -16.04 -38.25
H3 GLN K . 20.76 -15.92 -37.96
HA GLN K . 21.60 -16.20 -40.49
HB2 GLN K . 19.63 -15.20 -41.12
HB3 GLN K . 19.15 -16.22 -40.00
HG2 GLN K . 19.54 -14.08 -38.61
HG3 GLN K . 19.01 -13.49 -39.99
HE21 GLN K . 17.24 -12.82 -38.42
HE22 GLN K . 16.43 -13.86 -37.73
MG MG L . 0.59 -7.31 -24.98
PG ANP M . 2.14 -8.61 -23.03
O1G ANP M . 2.56 -8.13 -24.38
O2G ANP M . 3.08 -9.66 -22.55
O3G ANP M . 1.81 -7.54 -22.03
PB ANP M . -0.92 -9.30 -23.89
O1B ANP M . -1.54 -9.21 -22.54
O2B ANP M . -1.38 -8.24 -24.81
N3B ANP M . 0.79 -9.59 -23.49
PA ANP M . -1.78 -10.49 -26.22
O1A ANP M . -2.59 -9.37 -26.75
O2A ANP M . -0.48 -10.82 -26.89
O3A ANP M . -1.57 -10.54 -24.63
O5' ANP M . -2.79 -11.70 -26.36
C5' ANP M . -2.62 -12.95 -25.70
C4' ANP M . -3.00 -14.06 -26.66
O4' ANP M . -4.41 -14.26 -26.67
C3' ANP M . -2.63 -13.69 -28.08
O3' ANP M . -2.07 -14.83 -28.74
C2' ANP M . -3.95 -13.27 -28.68
O2' ANP M . -3.92 -13.47 -30.10
C1' ANP M . -4.96 -14.15 -27.98
N9 ANP M . -6.31 -13.59 -27.76
C8 ANP M . -6.54 -12.32 -27.55
N7 ANP M . -7.84 -12.05 -27.32
C5 ANP M . -8.46 -13.21 -27.38
C6 ANP M . -9.84 -13.63 -27.24
N6 ANP M . -10.76 -12.70 -26.97
N1 ANP M . -10.11 -14.94 -27.36
C2 ANP M . -9.16 -15.83 -27.60
N3 ANP M . -7.87 -15.51 -27.76
C4 ANP M . -7.46 -14.23 -27.65
HNB1 ANP M . 1.12 -10.53 -23.62
H5'1 ANP M . -1.59 -13.07 -25.38
H5'2 ANP M . -3.27 -12.99 -24.81
H4' ANP M . -2.49 -14.98 -26.37
H3' ANP M . -1.93 -12.85 -28.07
HO3' ANP M . -2.13 -15.60 -28.17
H2' ANP M . -4.11 -12.23 -28.41
HO2' ANP M . -3.70 -14.39 -30.30
H1' ANP M . -5.02 -15.14 -28.46
H8 ANP M . -5.78 -11.56 -27.59
HN61 ANP M . -10.48 -11.74 -26.90
HN62 ANP M . -11.72 -12.97 -26.87
H2 ANP M . -9.44 -16.88 -27.69
MG MG N . -18.17 -14.60 -3.86
MG MG O . -1.97 10.14 21.25
PA UTP P . 14.08 15.23 0.14
O1A UTP P . 14.69 16.48 -0.50
O2A UTP P . 14.65 15.03 1.48
O3A UTP P . 12.44 15.38 0.24
O5' UTP P . 14.38 13.99 -0.79
PB UTP P . 11.51 16.60 -0.47
O1B UTP P . 12.41 17.51 -1.21
O2B UTP P . 10.56 15.97 -1.38
O3B UTP P . 10.77 17.51 0.75
PG UTP P . 11.70 18.41 1.79
O1G UTP P . 13.14 18.24 1.32
O2G UTP P . 11.12 19.87 1.72
O3G UTP P . 11.59 17.89 3.24
C5' UTP P . 14.22 14.15 -2.18
C4' UTP P . 14.99 13.17 -2.86
O4' UTP P . 16.47 13.55 -2.81
C1' UTP P . 17.13 12.36 -2.73
C2' UTP P . 16.04 11.20 -2.61
O2' UTP P . 15.84 10.64 -3.96
C3' UTP P . 14.93 11.81 -2.15
O3' UTP P . 13.70 11.09 -2.48
N1 UTP P . 18.07 12.34 -1.60
C6 UTP P . 19.32 11.94 -1.82
C2 UTP P . 17.70 12.70 -0.35
O2 UTP P . 16.65 13.04 -0.13
N3 UTP P . 18.59 12.67 0.66
C4 UTP P . 19.84 12.26 0.44
O4 UTP P . 20.63 12.24 1.37
C5 UTP P . 20.21 11.90 -0.80
H5'1 UTP P . 14.57 15.14 -2.47
H5'2 UTP P . 13.17 14.05 -2.45
H4' UTP P . 14.65 13.08 -3.90
H1' UTP P . 17.70 12.22 -3.65
H2' UTP P . 16.38 10.43 -1.93
HA UTP P . 16.65 10.22 -4.26
H3' UTP P . 15.01 11.94 -1.08
HB UTP P . 12.95 11.56 -2.13
H6 UTP P . 19.63 11.64 -2.82
H3 UTP P . 18.30 12.93 1.60
H5 UTP P . 21.23 11.58 -0.99
N GLN Q . 35.50 28.82 -10.57
CA GLN Q . 36.86 28.52 -10.27
C GLN Q . 36.97 27.42 -11.19
O GLN Q . 35.97 26.84 -11.43
CB GLN Q . 37.11 27.98 -8.87
CG GLN Q . 36.59 26.58 -8.63
CD GLN Q . 35.93 26.44 -7.31
OE1 GLN Q . 35.84 27.38 -6.56
NE2 GLN Q . 35.43 25.26 -7.03
OXT GLN Q . 38.02 27.09 -11.71
H1 GLN Q . 35.32 29.61 -10.31
H2 GLN Q . 35.38 28.76 -11.42
H3 GLN Q . 34.99 28.26 -10.19
HA GLN Q . 37.46 29.26 -10.50
HB2 GLN Q . 38.07 27.97 -8.71
HB3 GLN Q . 36.69 28.57 -8.23
HG2 GLN Q . 35.92 26.35 -9.29
HG3 GLN Q . 37.33 25.95 -8.67
HE21 GLN Q . 35.78 24.55 -7.38
HE22 GLN Q . 34.77 25.18 -6.50
MG MG R . 22.30 12.37 5.22
PG ANP S . 20.29 13.57 3.66
O1G ANP S . 21.75 13.51 3.38
O2G ANP S . 19.67 14.69 2.90
O3G ANP S . 19.55 12.26 3.58
PB ANP S . 20.60 13.66 6.89
O1B ANP S . 19.25 13.12 7.24
O2B ANP S . 21.69 12.73 7.28
N3B ANP S . 20.33 14.26 5.24
PA ANP S . 22.44 15.06 8.38
O1A ANP S . 23.13 13.91 9.01
O2A ANP S . 23.16 15.84 7.31
O3A ANP S . 20.92 14.83 7.91
O5' ANP S . 22.16 15.99 9.63
C5' ANP S . 21.24 17.07 9.62
C4' ANP S . 21.85 18.23 10.39
O4' ANP S . 21.65 18.06 11.79
C3' ANP S . 23.34 18.28 10.19
O3' ANP S . 23.77 19.62 10.01
C2' ANP S . 23.88 17.68 11.46
O2' ANP S . 25.19 18.18 11.73
C1' ANP S . 22.88 18.11 12.51
N9 ANP S . 22.65 17.20 13.65
C8 ANP S . 22.73 15.89 13.58
N7 ANP S . 22.43 15.27 14.72
C5 ANP S . 22.13 16.24 15.58
C6 ANP S . 21.73 16.26 16.97
N6 ANP S . 21.60 15.10 17.60
N1 ANP S . 21.49 17.46 17.53
C2 ANP S . 21.61 18.59 16.84
N3 ANP S . 21.99 18.64 15.56
C4 ANP S . 22.26 17.51 14.88
HNB1 ANP S . 20.27 15.26 5.16
H5'1 ANP S . 21.02 17.37 8.59
H5'2 ANP S . 20.30 16.76 10.10
H4' ANP S . 21.40 19.17 10.04
H3' ANP S . 23.63 17.64 9.34
HO3' ANP S . 23.01 20.22 10.13
H2' ANP S . 23.85 16.60 11.35
HO2' ANP S . 25.18 19.14 11.74
H1' ANP S . 23.09 19.13 12.86
H8 ANP S . 23.04 15.39 12.69
HN61 ANP S . 21.80 14.23 17.13
HN62 ANP S . 21.33 15.10 18.58
H2 ANP S . 21.41 19.52 17.35
MG MG T . 5.67 -14.21 -18.01
PA UTP U . -15.79 -13.36 -1.63
O1A UTP U . -17.28 -13.62 -1.77
O2A UTP U . -15.03 -14.60 -1.82
O3A UTP U . -15.30 -12.23 -2.75
O5' UTP U . -15.51 -12.74 -0.21
PB UTP U . -16.32 -11.31 -3.74
O1B UTP U . -17.72 -11.68 -3.44
O2B UTP U . -16.07 -9.92 -3.45
O3B UTP U . -16.02 -11.73 -5.36
PG UTP U . -16.38 -13.25 -5.89
O1G UTP U . -17.01 -13.99 -4.71
O2G UTP U . -17.31 -13.06 -7.15
O3G UTP U . -15.11 -14.03 -6.32
C5' UTP U . -16.40 -11.75 0.27
C4' UTP U . -16.33 -11.70 1.68
O4' UTP U . -17.06 -12.90 2.28
C1' UTP U . -16.36 -13.22 3.41
C2' UTP U . -15.08 -12.26 3.46
O2' UTP U . -15.38 -11.13 4.35
C3' UTP U . -14.88 -11.86 2.19
O3' UTP U . -14.14 -10.60 2.10
N1 UTP U . -15.98 -14.63 3.43
C6 UTP U . -16.23 -15.34 4.53
C2 UTP U . -15.40 -15.23 2.38
O2 UTP U . -15.17 -14.67 1.43
N3 UTP U . -15.06 -16.53 2.43
C4 UTP U . -15.31 -17.25 3.53
O4 UTP U . -15.00 -18.42 3.57
C5 UTP U . -15.89 -16.64 4.59
H5'1 UTP U . -17.42 -12.01 -0.03
H5'2 UTP U . -16.14 -10.79 -0.15
H4' UTP U . -16.76 -10.76 2.05
H1' UTP U . -16.98 -13.01 4.28
H2' UTP U . -14.21 -12.81 3.83
HA UTP U . -15.52 -11.46 5.25
H3' UTP U . -14.38 -12.63 1.63
HB UTP U . -14.04 -10.36 1.18
H6 UTP U . -16.70 -14.87 5.38
H3 UTP U . -14.62 -16.98 1.63
H5 UTP U . -16.10 -17.22 5.49
N GLN V . -39.15 -24.80 7.36
CA GLN V . -39.20 -25.94 8.22
C GLN V . -38.97 -25.22 9.44
O GLN V . -38.36 -24.20 9.34
CB GLN V . -38.06 -26.94 8.03
CG GLN V . -36.72 -26.44 8.52
CD GLN V . -35.63 -26.78 7.58
OE1 GLN V . -35.84 -27.38 6.55
NE2 GLN V . -34.42 -26.38 7.92
OXT GLN V . -39.39 -25.59 10.52
H1 GLN V . -39.54 -24.98 6.61
H2 GLN V . -39.57 -24.16 7.75
H3 GLN V . -38.35 -24.57 7.24
HA GLN V . -40.08 -26.38 8.20
HB2 GLN V . -38.28 -27.74 8.53
HB3 GLN V . -37.98 -27.14 7.09
HG2 GLN V . -36.72 -25.47 8.59
HG3 GLN V . -36.52 -26.84 9.38
HE21 GLN V . -34.22 -26.27 8.75
HE22 GLN V . -33.83 -26.21 7.32
MG MG W . -13.38 -22.18 2.60
PG ANP X . -14.53 -19.91 1.39
O1G ANP X . -15.12 -20.79 2.43
O2G ANP X . -15.60 -19.18 0.67
O3G ANP X . -13.36 -19.07 1.84
PB ANP X . -12.79 -22.25 -0.05
O1B ANP X . -11.74 -21.38 -0.66
O2B ANP X . -12.23 -23.12 1.01
N3B ANP X . -14.12 -21.10 0.20
PA ANP X . -13.55 -24.83 -0.58
O1A ANP X . -12.56 -25.53 0.26
O2A ANP X . -14.99 -24.81 -0.16
O3A ANP X . -13.16 -23.37 -1.10
O5' ANP X . -13.41 -25.61 -1.96
C5' ANP X . -13.91 -25.12 -3.20
C4' ANP X . -14.51 -26.29 -3.96
O4' ANP X . -13.51 -27.02 -4.65
C3' ANP X . -15.15 -27.27 -3.02
O3' ANP X . -16.39 -27.72 -3.55
C2' ANP X . -14.15 -28.39 -2.93
O2' ANP X . -14.78 -29.61 -2.60
C1' ANP X . -13.51 -28.41 -4.31
N9 ANP X . -12.10 -28.80 -4.40
C8 ANP X . -11.20 -28.56 -3.46
N7 ANP X . -9.97 -28.97 -3.80
C5 ANP X . -10.08 -29.48 -5.02
C6 ANP X . -9.15 -30.09 -5.95
N6 ANP X . -7.88 -30.19 -5.58
N1 ANP X . -9.62 -30.51 -7.13
C2 ANP X . -10.90 -30.36 -7.45
N3 ANP X . -11.81 -29.82 -6.65
C4 ANP X . -11.48 -29.36 -5.42
HNB1 ANP X . -14.89 -21.18 -0.44
H5'1 ANP X . -14.67 -24.36 -3.03
H5'2 ANP X . -13.09 -24.68 -3.78
H4' ANP X . -15.27 -25.91 -4.67
H3' ANP X . -15.28 -26.82 -2.03
HO3' ANP X . -16.52 -27.36 -4.44
H2' ANP X . -13.40 -28.09 -2.19
HO2' ANP X . -15.48 -29.81 -3.24
H1' ANP X . -14.13 -28.98 -5.00
H8 ANP X . -11.45 -28.13 -2.53
HN61 ANP X . -7.58 -29.87 -4.67
HN62 ANP X . -7.21 -30.62 -6.20
H2 ANP X . -11.22 -30.72 -8.43
#